data_8WNW
# 
_entry.id   8WNW 
# 
_audit_conform.dict_name       mmcif_pdbx.dic 
_audit_conform.dict_version    5.392 
_audit_conform.dict_location   http://mmcif.pdb.org/dictionaries/ascii/mmcif_pdbx.dic 
# 
loop_
_database_2.database_id 
_database_2.database_code 
_database_2.pdbx_database_accession 
_database_2.pdbx_DOI 
PDB   8WNW         pdb_00008wnw 10.2210/pdb8wnw/pdb 
WWPDB D_1300041596 ?            ?                   
EMDB  EMD-37674    ?            ?                   
# 
_pdbx_audit_revision_history.ordinal             1 
_pdbx_audit_revision_history.data_content_type   'Structure model' 
_pdbx_audit_revision_history.major_revision      1 
_pdbx_audit_revision_history.minor_revision      0 
_pdbx_audit_revision_history.revision_date       2024-05-29 
# 
_pdbx_audit_revision_details.ordinal             1 
_pdbx_audit_revision_details.revision_ordinal    1 
_pdbx_audit_revision_details.data_content_type   'Structure model' 
_pdbx_audit_revision_details.provider            repository 
_pdbx_audit_revision_details.type                'Initial release' 
_pdbx_audit_revision_details.description         ? 
_pdbx_audit_revision_details.details             ? 
# 
_pdbx_database_status.status_code                     REL 
_pdbx_database_status.status_code_sf                  ? 
_pdbx_database_status.status_code_mr                  ? 
_pdbx_database_status.entry_id                        8WNW 
_pdbx_database_status.recvd_initial_deposition_date   2023-10-06 
_pdbx_database_status.SG_entry                        N 
_pdbx_database_status.deposit_site                    PDBJ 
_pdbx_database_status.process_site                    PDBJ 
_pdbx_database_status.status_code_cs                  ? 
_pdbx_database_status.status_code_nmr_data            ? 
_pdbx_database_status.methods_development_category    ? 
_pdbx_database_status.pdb_format_compatible           Y 
# 
_pdbx_database_related.db_name        EMDB 
_pdbx_database_related.details        'the structure of PsaQ' 
_pdbx_database_related.db_id          EMD-37674 
_pdbx_database_related.content_type   'associated EM volume' 
# 
_pdbx_contact_author.id                 4 
_pdbx_contact_author.email              meili@ibp.ac.cn 
_pdbx_contact_author.name_first         Mei 
_pdbx_contact_author.name_last          Li 
_pdbx_contact_author.name_mi            ? 
_pdbx_contact_author.role               'principal investigator/group leader' 
_pdbx_contact_author.identifier_ORCID   0000-0002-1742-2360 
# 
loop_
_audit_author.name 
_audit_author.pdbx_ordinal 
_audit_author.identifier_ORCID 
'Zhang, S.M.' 1 ? 
'Si, L.'      2 ? 
'Li, M.'      3 ? 
# 
_citation.abstract                  ? 
_citation.abstract_id_CAS           ? 
_citation.book_id_ISBN              ? 
_citation.book_publisher            ? 
_citation.book_publisher_city       ? 
_citation.book_title                ? 
_citation.coordinate_linkage        ? 
_citation.country                   UK 
_citation.database_id_Medline       ? 
_citation.details                   ? 
_citation.id                        primary 
_citation.journal_abbrev            'Commun Biol' 
_citation.journal_id_ASTM           ? 
_citation.journal_id_CSD            ? 
_citation.journal_id_ISSN           2399-3642 
_citation.journal_full              ? 
_citation.journal_issue             ? 
_citation.journal_volume            7 
_citation.language                  ? 
_citation.page_first                560 
_citation.page_last                 560 
_citation.title                     'Growth phase-dependent reorganization of cryptophyte photosystem I antennae.' 
_citation.year                      2024 
_citation.database_id_CSD           ? 
_citation.pdbx_database_id_DOI      10.1038/s42003-024-06268-5 
_citation.pdbx_database_id_PubMed   38734819 
_citation.pdbx_database_id_patent   ? 
_citation.unpublished_flag          ? 
# 
loop_
_citation_author.citation_id 
_citation_author.name 
_citation_author.ordinal 
_citation_author.identifier_ORCID 
primary 'Zhang, S.' 1 0000-0002-4617-9224 
primary 'Si, L.'    2 ?                   
primary 'Su, X.'    3 ?                   
primary 'Zhao, X.'  4 ?                   
primary 'An, X.'    5 ?                   
primary 'Li, M.'    6 0000-0002-1742-2360 
# 
loop_
_entity.id 
_entity.type 
_entity.src_method 
_entity.pdbx_description 
_entity.formula_weight 
_entity.pdbx_number_of_molecules 
_entity.pdbx_ec 
_entity.pdbx_mutation 
_entity.pdbx_fragment 
_entity.details 
1 polymer     nat PsaQ                                      23834.393 1 ? ? ? ? 
2 non-polymer syn 1,2-DISTEAROYL-MONOGALACTOSYL-DIGLYCERIDE 787.158   1 ? ? ? ? 
3 non-polymer syn 'CHLOROPHYLL A'                           893.489   2 ? ? ? ? 
4 water       nat water                                     18.015    1 ? ? ? ? 
# 
_entity_poly.entity_id                      1 
_entity_poly.type                           'polypeptide(L)' 
_entity_poly.nstd_linkage                   no 
_entity_poly.nstd_monomer                   no 
_entity_poly.pdbx_seq_one_letter_code       
;RTAAYVALAAASAEAFSTPALSGLKMAEPAQISRKDVLTTAAGAAIIAMPTLAGAASLDPKTGFPIQGGSREKLCGGSAS
AGCQPMTQAASILDKQRTVLAGKITVAANKVPVLTAAVDKMKTAKKPKLDRDYVLRYSALYLTTLVDAMEQYCLRDANGA
KAAGGAGLPKFKETLKPASSSSLYSYVDTVKSGIAAVSAAAKAGDFDGVNKAAGDIKTAADSFLSTANPPIIFN
;
_entity_poly.pdbx_seq_one_letter_code_can   
;RTAAYVALAAASAEAFSTPALSGLKMAEPAQISRKDVLTTAAGAAIIAMPTLAGAASLDPKTGFPIQGGSREKLCGGSAS
AGCQPMTQAASILDKQRTVLAGKITVAANKVPVLTAAVDKMKTAKKPKLDRDYVLRYSALYLTTLVDAMEQYCLRDANGA
KAAGGAGLPKFKETLKPASSSSLYSYVDTVKSGIAAVSAAAKAGDFDGVNKAAGDIKTAADSFLSTANPPIIFN
;
_entity_poly.pdbx_strand_id                 Q 
_entity_poly.pdbx_target_identifier         ? 
# 
loop_
_pdbx_entity_nonpoly.entity_id 
_pdbx_entity_nonpoly.name 
_pdbx_entity_nonpoly.comp_id 
2 1,2-DISTEAROYL-MONOGALACTOSYL-DIGLYCERIDE LMG 
3 'CHLOROPHYLL A'                           CLA 
4 water                                     HOH 
# 
loop_
_entity_poly_seq.entity_id 
_entity_poly_seq.num 
_entity_poly_seq.mon_id 
_entity_poly_seq.hetero 
1 1   ARG n 
1 2   THR n 
1 3   ALA n 
1 4   ALA n 
1 5   TYR n 
1 6   VAL n 
1 7   ALA n 
1 8   LEU n 
1 9   ALA n 
1 10  ALA n 
1 11  ALA n 
1 12  SER n 
1 13  ALA n 
1 14  GLU n 
1 15  ALA n 
1 16  PHE n 
1 17  SER n 
1 18  THR n 
1 19  PRO n 
1 20  ALA n 
1 21  LEU n 
1 22  SER n 
1 23  GLY n 
1 24  LEU n 
1 25  LYS n 
1 26  MET n 
1 27  ALA n 
1 28  GLU n 
1 29  PRO n 
1 30  ALA n 
1 31  GLN n 
1 32  ILE n 
1 33  SER n 
1 34  ARG n 
1 35  LYS n 
1 36  ASP n 
1 37  VAL n 
1 38  LEU n 
1 39  THR n 
1 40  THR n 
1 41  ALA n 
1 42  ALA n 
1 43  GLY n 
1 44  ALA n 
1 45  ALA n 
1 46  ILE n 
1 47  ILE n 
1 48  ALA n 
1 49  MET n 
1 50  PRO n 
1 51  THR n 
1 52  LEU n 
1 53  ALA n 
1 54  GLY n 
1 55  ALA n 
1 56  ALA n 
1 57  SER n 
1 58  LEU n 
1 59  ASP n 
1 60  PRO n 
1 61  LYS n 
1 62  THR n 
1 63  GLY n 
1 64  PHE n 
1 65  PRO n 
1 66  ILE n 
1 67  GLN n 
1 68  GLY n 
1 69  GLY n 
1 70  SER n 
1 71  ARG n 
1 72  GLU n 
1 73  LYS n 
1 74  LEU n 
1 75  CYS n 
1 76  GLY n 
1 77  GLY n 
1 78  SER n 
1 79  ALA n 
1 80  SER n 
1 81  ALA n 
1 82  GLY n 
1 83  CYS n 
1 84  GLN n 
1 85  PRO n 
1 86  MET n 
1 87  THR n 
1 88  GLN n 
1 89  ALA n 
1 90  ALA n 
1 91  SER n 
1 92  ILE n 
1 93  LEU n 
1 94  ASP n 
1 95  LYS n 
1 96  GLN n 
1 97  ARG n 
1 98  THR n 
1 99  VAL n 
1 100 LEU n 
1 101 ALA n 
1 102 GLY n 
1 103 LYS n 
1 104 ILE n 
1 105 THR n 
1 106 VAL n 
1 107 ALA n 
1 108 ALA n 
1 109 ASN n 
1 110 LYS n 
1 111 VAL n 
1 112 PRO n 
1 113 VAL n 
1 114 LEU n 
1 115 THR n 
1 116 ALA n 
1 117 ALA n 
1 118 VAL n 
1 119 ASP n 
1 120 LYS n 
1 121 MET n 
1 122 LYS n 
1 123 THR n 
1 124 ALA n 
1 125 LYS n 
1 126 LYS n 
1 127 PRO n 
1 128 LYS n 
1 129 LEU n 
1 130 ASP n 
1 131 ARG n 
1 132 ASP n 
1 133 TYR n 
1 134 VAL n 
1 135 LEU n 
1 136 ARG n 
1 137 TYR n 
1 138 SER n 
1 139 ALA n 
1 140 LEU n 
1 141 TYR n 
1 142 LEU n 
1 143 THR n 
1 144 THR n 
1 145 LEU n 
1 146 VAL n 
1 147 ASP n 
1 148 ALA n 
1 149 MET n 
1 150 GLU n 
1 151 GLN n 
1 152 TYR n 
1 153 CYS n 
1 154 LEU n 
1 155 ARG n 
1 156 ASP n 
1 157 ALA n 
1 158 ASN n 
1 159 GLY n 
1 160 ALA n 
1 161 LYS n 
1 162 ALA n 
1 163 ALA n 
1 164 GLY n 
1 165 GLY n 
1 166 ALA n 
1 167 GLY n 
1 168 LEU n 
1 169 PRO n 
1 170 LYS n 
1 171 PHE n 
1 172 LYS n 
1 173 GLU n 
1 174 THR n 
1 175 LEU n 
1 176 LYS n 
1 177 PRO n 
1 178 ALA n 
1 179 SER n 
1 180 SER n 
1 181 SER n 
1 182 SER n 
1 183 LEU n 
1 184 TYR n 
1 185 SER n 
1 186 TYR n 
1 187 VAL n 
1 188 ASP n 
1 189 THR n 
1 190 VAL n 
1 191 LYS n 
1 192 SER n 
1 193 GLY n 
1 194 ILE n 
1 195 ALA n 
1 196 ALA n 
1 197 VAL n 
1 198 SER n 
1 199 ALA n 
1 200 ALA n 
1 201 ALA n 
1 202 LYS n 
1 203 ALA n 
1 204 GLY n 
1 205 ASP n 
1 206 PHE n 
1 207 ASP n 
1 208 GLY n 
1 209 VAL n 
1 210 ASN n 
1 211 LYS n 
1 212 ALA n 
1 213 ALA n 
1 214 GLY n 
1 215 ASP n 
1 216 ILE n 
1 217 LYS n 
1 218 THR n 
1 219 ALA n 
1 220 ALA n 
1 221 ASP n 
1 222 SER n 
1 223 PHE n 
1 224 LEU n 
1 225 SER n 
1 226 THR n 
1 227 ALA n 
1 228 ASN n 
1 229 PRO n 
1 230 PRO n 
1 231 ILE n 
1 232 ILE n 
1 233 PHE n 
1 234 ASN n 
# 
_entity_src_nat.entity_id                  1 
_entity_src_nat.pdbx_src_id                1 
_entity_src_nat.pdbx_alt_source_flag       sample 
_entity_src_nat.pdbx_beg_seq_num           1 
_entity_src_nat.pdbx_end_seq_num           234 
_entity_src_nat.common_name                ? 
_entity_src_nat.pdbx_organism_scientific   'Rhodomonas salina' 
_entity_src_nat.pdbx_ncbi_taxonomy_id      52970 
_entity_src_nat.genus                      ? 
_entity_src_nat.species                    ? 
_entity_src_nat.strain                     ? 
_entity_src_nat.tissue                     ? 
_entity_src_nat.tissue_fraction            ? 
_entity_src_nat.pdbx_secretion             ? 
_entity_src_nat.pdbx_fragment              ? 
_entity_src_nat.pdbx_variant               ? 
_entity_src_nat.pdbx_cell_line             ? 
_entity_src_nat.pdbx_atcc                  ? 
_entity_src_nat.pdbx_cellular_location     ? 
_entity_src_nat.pdbx_organ                 ? 
_entity_src_nat.pdbx_organelle             ? 
_entity_src_nat.pdbx_cell                  ? 
_entity_src_nat.pdbx_plasmid_name          ? 
_entity_src_nat.pdbx_plasmid_details       ? 
_entity_src_nat.details                    ? 
# 
loop_
_chem_comp.id 
_chem_comp.type 
_chem_comp.mon_nstd_flag 
_chem_comp.name 
_chem_comp.pdbx_synonyms 
_chem_comp.formula 
_chem_comp.formula_weight 
ALA 'L-peptide linking' y ALANINE                                   ? 'C3 H7 N O2'       89.093  
ARG 'L-peptide linking' y ARGININE                                  ? 'C6 H15 N4 O2 1'   175.209 
ASN 'L-peptide linking' y ASPARAGINE                                ? 'C4 H8 N2 O3'      132.118 
ASP 'L-peptide linking' y 'ASPARTIC ACID'                           ? 'C4 H7 N O4'       133.103 
CLA non-polymer         . 'CHLOROPHYLL A'                           ? 'C55 H72 Mg N4 O5' 893.489 
CYS 'L-peptide linking' y CYSTEINE                                  ? 'C3 H7 N O2 S'     121.158 
GLN 'L-peptide linking' y GLUTAMINE                                 ? 'C5 H10 N2 O3'     146.144 
GLU 'L-peptide linking' y 'GLUTAMIC ACID'                           ? 'C5 H9 N O4'       147.129 
GLY 'peptide linking'   y GLYCINE                                   ? 'C2 H5 N O2'       75.067  
HOH non-polymer         . WATER                                     ? 'H2 O'             18.015  
ILE 'L-peptide linking' y ISOLEUCINE                                ? 'C6 H13 N O2'      131.173 
LEU 'L-peptide linking' y LEUCINE                                   ? 'C6 H13 N O2'      131.173 
LMG non-polymer         . 1,2-DISTEAROYL-MONOGALACTOSYL-DIGLYCERIDE ? 'C45 H86 O10'      787.158 
LYS 'L-peptide linking' y LYSINE                                    ? 'C6 H15 N2 O2 1'   147.195 
MET 'L-peptide linking' y METHIONINE                                ? 'C5 H11 N O2 S'    149.211 
PHE 'L-peptide linking' y PHENYLALANINE                             ? 'C9 H11 N O2'      165.189 
PRO 'L-peptide linking' y PROLINE                                   ? 'C5 H9 N O2'       115.130 
SER 'L-peptide linking' y SERINE                                    ? 'C3 H7 N O3'       105.093 
THR 'L-peptide linking' y THREONINE                                 ? 'C4 H9 N O3'       119.119 
TYR 'L-peptide linking' y TYROSINE                                  ? 'C9 H11 N O3'      181.189 
VAL 'L-peptide linking' y VALINE                                    ? 'C5 H11 N O2'      117.146 
# 
loop_
_pdbx_poly_seq_scheme.asym_id 
_pdbx_poly_seq_scheme.entity_id 
_pdbx_poly_seq_scheme.seq_id 
_pdbx_poly_seq_scheme.mon_id 
_pdbx_poly_seq_scheme.ndb_seq_num 
_pdbx_poly_seq_scheme.pdb_seq_num 
_pdbx_poly_seq_scheme.auth_seq_num 
_pdbx_poly_seq_scheme.pdb_mon_id 
_pdbx_poly_seq_scheme.auth_mon_id 
_pdbx_poly_seq_scheme.pdb_strand_id 
_pdbx_poly_seq_scheme.pdb_ins_code 
_pdbx_poly_seq_scheme.hetero 
A 1 1   ARG 1   1   ?   ?   ?   Q . n 
A 1 2   THR 2   2   ?   ?   ?   Q . n 
A 1 3   ALA 3   3   ?   ?   ?   Q . n 
A 1 4   ALA 4   4   ?   ?   ?   Q . n 
A 1 5   TYR 5   5   ?   ?   ?   Q . n 
A 1 6   VAL 6   6   ?   ?   ?   Q . n 
A 1 7   ALA 7   7   ?   ?   ?   Q . n 
A 1 8   LEU 8   8   ?   ?   ?   Q . n 
A 1 9   ALA 9   9   ?   ?   ?   Q . n 
A 1 10  ALA 10  10  ?   ?   ?   Q . n 
A 1 11  ALA 11  11  ?   ?   ?   Q . n 
A 1 12  SER 12  12  ?   ?   ?   Q . n 
A 1 13  ALA 13  13  ?   ?   ?   Q . n 
A 1 14  GLU 14  14  ?   ?   ?   Q . n 
A 1 15  ALA 15  15  ?   ?   ?   Q . n 
A 1 16  PHE 16  16  ?   ?   ?   Q . n 
A 1 17  SER 17  17  ?   ?   ?   Q . n 
A 1 18  THR 18  18  ?   ?   ?   Q . n 
A 1 19  PRO 19  19  ?   ?   ?   Q . n 
A 1 20  ALA 20  20  ?   ?   ?   Q . n 
A 1 21  LEU 21  21  ?   ?   ?   Q . n 
A 1 22  SER 22  22  ?   ?   ?   Q . n 
A 1 23  GLY 23  23  ?   ?   ?   Q . n 
A 1 24  LEU 24  24  ?   ?   ?   Q . n 
A 1 25  LYS 25  25  ?   ?   ?   Q . n 
A 1 26  MET 26  26  ?   ?   ?   Q . n 
A 1 27  ALA 27  27  ?   ?   ?   Q . n 
A 1 28  GLU 28  28  ?   ?   ?   Q . n 
A 1 29  PRO 29  29  ?   ?   ?   Q . n 
A 1 30  ALA 30  30  ?   ?   ?   Q . n 
A 1 31  GLN 31  31  ?   ?   ?   Q . n 
A 1 32  ILE 32  32  ?   ?   ?   Q . n 
A 1 33  SER 33  33  ?   ?   ?   Q . n 
A 1 34  ARG 34  34  ?   ?   ?   Q . n 
A 1 35  LYS 35  35  ?   ?   ?   Q . n 
A 1 36  ASP 36  36  ?   ?   ?   Q . n 
A 1 37  VAL 37  37  ?   ?   ?   Q . n 
A 1 38  LEU 38  38  ?   ?   ?   Q . n 
A 1 39  THR 39  39  ?   ?   ?   Q . n 
A 1 40  THR 40  40  ?   ?   ?   Q . n 
A 1 41  ALA 41  41  ?   ?   ?   Q . n 
A 1 42  ALA 42  42  ?   ?   ?   Q . n 
A 1 43  GLY 43  43  ?   ?   ?   Q . n 
A 1 44  ALA 44  44  ?   ?   ?   Q . n 
A 1 45  ALA 45  45  ?   ?   ?   Q . n 
A 1 46  ILE 46  46  ?   ?   ?   Q . n 
A 1 47  ILE 47  47  ?   ?   ?   Q . n 
A 1 48  ALA 48  48  ?   ?   ?   Q . n 
A 1 49  MET 49  49  ?   ?   ?   Q . n 
A 1 50  PRO 50  50  ?   ?   ?   Q . n 
A 1 51  THR 51  51  ?   ?   ?   Q . n 
A 1 52  LEU 52  52  ?   ?   ?   Q . n 
A 1 53  ALA 53  53  ?   ?   ?   Q . n 
A 1 54  GLY 54  54  ?   ?   ?   Q . n 
A 1 55  ALA 55  55  ?   ?   ?   Q . n 
A 1 56  ALA 56  56  56  ALA ALA Q . n 
A 1 57  SER 57  57  57  SER SER Q . n 
A 1 58  LEU 58  58  58  LEU LEU Q . n 
A 1 59  ASP 59  59  59  ASP ASP Q . n 
A 1 60  PRO 60  60  60  PRO PRO Q . n 
A 1 61  LYS 61  61  61  LYS LYS Q . n 
A 1 62  THR 62  62  62  THR THR Q . n 
A 1 63  GLY 63  63  63  GLY GLY Q . n 
A 1 64  PHE 64  64  64  PHE PHE Q . n 
A 1 65  PRO 65  65  65  PRO PRO Q . n 
A 1 66  ILE 66  66  66  ILE ILE Q . n 
A 1 67  GLN 67  67  ?   ?   ?   Q . n 
A 1 68  GLY 68  68  ?   ?   ?   Q . n 
A 1 69  GLY 69  69  ?   ?   ?   Q . n 
A 1 70  SER 70  70  ?   ?   ?   Q . n 
A 1 71  ARG 71  71  ?   ?   ?   Q . n 
A 1 72  GLU 72  72  ?   ?   ?   Q . n 
A 1 73  LYS 73  73  73  LYS LYS Q . n 
A 1 74  LEU 74  74  74  LEU LEU Q . n 
A 1 75  CYS 75  75  75  CYS CYS Q . n 
A 1 76  GLY 76  76  76  GLY GLY Q . n 
A 1 77  GLY 77  77  77  GLY GLY Q . n 
A 1 78  SER 78  78  78  SER SER Q . n 
A 1 79  ALA 79  79  79  ALA ALA Q . n 
A 1 80  SER 80  80  80  SER SER Q . n 
A 1 81  ALA 81  81  81  ALA ALA Q . n 
A 1 82  GLY 82  82  82  GLY GLY Q . n 
A 1 83  CYS 83  83  83  CYS CYS Q . n 
A 1 84  GLN 84  84  84  GLN GLN Q . n 
A 1 85  PRO 85  85  85  PRO PRO Q . n 
A 1 86  MET 86  86  86  MET MET Q . n 
A 1 87  THR 87  87  87  THR THR Q . n 
A 1 88  GLN 88  88  88  GLN GLN Q . n 
A 1 89  ALA 89  89  89  ALA ALA Q . n 
A 1 90  ALA 90  90  90  ALA ALA Q . n 
A 1 91  SER 91  91  91  SER SER Q . n 
A 1 92  ILE 92  92  92  ILE ILE Q . n 
A 1 93  LEU 93  93  93  LEU LEU Q . n 
A 1 94  ASP 94  94  94  ASP ASP Q . n 
A 1 95  LYS 95  95  95  LYS LYS Q . n 
A 1 96  GLN 96  96  96  GLN GLN Q . n 
A 1 97  ARG 97  97  97  ARG ARG Q . n 
A 1 98  THR 98  98  98  THR THR Q . n 
A 1 99  VAL 99  99  99  VAL VAL Q . n 
A 1 100 LEU 100 100 100 LEU LEU Q . n 
A 1 101 ALA 101 101 101 ALA ALA Q . n 
A 1 102 GLY 102 102 102 GLY GLY Q . n 
A 1 103 LYS 103 103 103 LYS LYS Q . n 
A 1 104 ILE 104 104 104 ILE ILE Q . n 
A 1 105 THR 105 105 105 THR THR Q . n 
A 1 106 VAL 106 106 106 VAL VAL Q . n 
A 1 107 ALA 107 107 107 ALA ALA Q . n 
A 1 108 ALA 108 108 108 ALA ALA Q . n 
A 1 109 ASN 109 109 109 ASN ASN Q . n 
A 1 110 LYS 110 110 110 LYS LYS Q . n 
A 1 111 VAL 111 111 111 VAL VAL Q . n 
A 1 112 PRO 112 112 112 PRO PRO Q . n 
A 1 113 VAL 113 113 113 VAL VAL Q . n 
A 1 114 LEU 114 114 114 LEU LEU Q . n 
A 1 115 THR 115 115 115 THR THR Q . n 
A 1 116 ALA 116 116 116 ALA ALA Q . n 
A 1 117 ALA 117 117 117 ALA ALA Q . n 
A 1 118 VAL 118 118 118 VAL VAL Q . n 
A 1 119 ASP 119 119 119 ASP ASP Q . n 
A 1 120 LYS 120 120 120 LYS LYS Q . n 
A 1 121 MET 121 121 121 MET MET Q . n 
A 1 122 LYS 122 122 122 LYS LYS Q . n 
A 1 123 THR 123 123 123 THR THR Q . n 
A 1 124 ALA 124 124 124 ALA ALA Q . n 
A 1 125 LYS 125 125 125 LYS LYS Q . n 
A 1 126 LYS 126 126 126 LYS LYS Q . n 
A 1 127 PRO 127 127 127 PRO PRO Q . n 
A 1 128 LYS 128 128 128 LYS LYS Q . n 
A 1 129 LEU 129 129 129 LEU LEU Q . n 
A 1 130 ASP 130 130 130 ASP ASP Q . n 
A 1 131 ARG 131 131 131 ARG ARG Q . n 
A 1 132 ASP 132 132 132 ASP ASP Q . n 
A 1 133 TYR 133 133 133 TYR TYR Q . n 
A 1 134 VAL 134 134 134 VAL VAL Q . n 
A 1 135 LEU 135 135 135 LEU LEU Q . n 
A 1 136 ARG 136 136 136 ARG ARG Q . n 
A 1 137 TYR 137 137 137 TYR TYR Q . n 
A 1 138 SER 138 138 138 SER SER Q . n 
A 1 139 ALA 139 139 139 ALA ALA Q . n 
A 1 140 LEU 140 140 140 LEU LEU Q . n 
A 1 141 TYR 141 141 141 TYR TYR Q . n 
A 1 142 LEU 142 142 142 LEU LEU Q . n 
A 1 143 THR 143 143 143 THR THR Q . n 
A 1 144 THR 144 144 144 THR THR Q . n 
A 1 145 LEU 145 145 145 LEU LEU Q . n 
A 1 146 VAL 146 146 146 VAL VAL Q . n 
A 1 147 ASP 147 147 147 ASP ASP Q . n 
A 1 148 ALA 148 148 148 ALA ALA Q . n 
A 1 149 MET 149 149 149 MET MET Q . n 
A 1 150 GLU 150 150 150 GLU GLU Q . n 
A 1 151 GLN 151 151 151 GLN GLN Q . n 
A 1 152 TYR 152 152 152 TYR TYR Q . n 
A 1 153 CYS 153 153 153 CYS CYS Q . n 
A 1 154 LEU 154 154 154 LEU LEU Q . n 
A 1 155 ARG 155 155 155 ARG ARG Q . n 
A 1 156 ASP 156 156 156 ASP ASP Q . n 
A 1 157 ALA 157 157 157 ALA ALA Q . n 
A 1 158 ASN 158 158 158 ASN ASN Q . n 
A 1 159 GLY 159 159 159 GLY GLY Q . n 
A 1 160 ALA 160 160 160 ALA ALA Q . n 
A 1 161 LYS 161 161 161 LYS LYS Q . n 
A 1 162 ALA 162 162 162 ALA ALA Q . n 
A 1 163 ALA 163 163 163 ALA ALA Q . n 
A 1 164 GLY 164 164 164 GLY GLY Q . n 
A 1 165 GLY 165 165 165 GLY GLY Q . n 
A 1 166 ALA 166 166 166 ALA ALA Q . n 
A 1 167 GLY 167 167 167 GLY GLY Q . n 
A 1 168 LEU 168 168 168 LEU LEU Q . n 
A 1 169 PRO 169 169 169 PRO PRO Q . n 
A 1 170 LYS 170 170 170 LYS LYS Q . n 
A 1 171 PHE 171 171 171 PHE PHE Q . n 
A 1 172 LYS 172 172 172 LYS LYS Q . n 
A 1 173 GLU 173 173 173 GLU GLU Q . n 
A 1 174 THR 174 174 174 THR THR Q . n 
A 1 175 LEU 175 175 175 LEU LEU Q . n 
A 1 176 LYS 176 176 176 LYS LYS Q . n 
A 1 177 PRO 177 177 177 PRO PRO Q . n 
A 1 178 ALA 178 178 178 ALA ALA Q . n 
A 1 179 SER 179 179 179 SER SER Q . n 
A 1 180 SER 180 180 180 SER SER Q . n 
A 1 181 SER 181 181 181 SER SER Q . n 
A 1 182 SER 182 182 182 SER SER Q . n 
A 1 183 LEU 183 183 183 LEU LEU Q . n 
A 1 184 TYR 184 184 184 TYR TYR Q . n 
A 1 185 SER 185 185 185 SER SER Q . n 
A 1 186 TYR 186 186 186 TYR TYR Q . n 
A 1 187 VAL 187 187 187 VAL VAL Q . n 
A 1 188 ASP 188 188 188 ASP ASP Q . n 
A 1 189 THR 189 189 189 THR THR Q . n 
A 1 190 VAL 190 190 190 VAL VAL Q . n 
A 1 191 LYS 191 191 191 LYS LYS Q . n 
A 1 192 SER 192 192 192 SER SER Q . n 
A 1 193 GLY 193 193 193 GLY GLY Q . n 
A 1 194 ILE 194 194 194 ILE ILE Q . n 
A 1 195 ALA 195 195 195 ALA ALA Q . n 
A 1 196 ALA 196 196 196 ALA ALA Q . n 
A 1 197 VAL 197 197 197 VAL VAL Q . n 
A 1 198 SER 198 198 198 SER SER Q . n 
A 1 199 ALA 199 199 199 ALA ALA Q . n 
A 1 200 ALA 200 200 200 ALA ALA Q . n 
A 1 201 ALA 201 201 201 ALA ALA Q . n 
A 1 202 LYS 202 202 202 LYS LYS Q . n 
A 1 203 ALA 203 203 203 ALA ALA Q . n 
A 1 204 GLY 204 204 204 GLY GLY Q . n 
A 1 205 ASP 205 205 205 ASP ASP Q . n 
A 1 206 PHE 206 206 206 PHE PHE Q . n 
A 1 207 ASP 207 207 207 ASP ASP Q . n 
A 1 208 GLY 208 208 208 GLY GLY Q . n 
A 1 209 VAL 209 209 209 VAL VAL Q . n 
A 1 210 ASN 210 210 210 ASN ASN Q . n 
A 1 211 LYS 211 211 211 LYS LYS Q . n 
A 1 212 ALA 212 212 212 ALA ALA Q . n 
A 1 213 ALA 213 213 213 ALA ALA Q . n 
A 1 214 GLY 214 214 214 GLY GLY Q . n 
A 1 215 ASP 215 215 215 ASP ASP Q . n 
A 1 216 ILE 216 216 216 ILE ILE Q . n 
A 1 217 LYS 217 217 217 LYS LYS Q . n 
A 1 218 THR 218 218 218 THR THR Q . n 
A 1 219 ALA 219 219 219 ALA ALA Q . n 
A 1 220 ALA 220 220 220 ALA ALA Q . n 
A 1 221 ASP 221 221 221 ASP ASP Q . n 
A 1 222 SER 222 222 222 SER SER Q . n 
A 1 223 PHE 223 223 223 PHE PHE Q . n 
A 1 224 LEU 224 224 224 LEU LEU Q . n 
A 1 225 SER 225 225 225 SER SER Q . n 
A 1 226 THR 226 226 226 THR THR Q . n 
A 1 227 ALA 227 227 227 ALA ALA Q . n 
A 1 228 ASN 228 228 228 ASN ASN Q . n 
A 1 229 PRO 229 229 229 PRO PRO Q . n 
A 1 230 PRO 230 230 230 PRO PRO Q . n 
A 1 231 ILE 231 231 231 ILE ILE Q . n 
A 1 232 ILE 232 232 232 ILE ILE Q . n 
A 1 233 PHE 233 233 233 PHE PHE Q . n 
A 1 234 ASN 234 234 234 ASN ASN Q . n 
# 
loop_
_pdbx_nonpoly_scheme.asym_id 
_pdbx_nonpoly_scheme.entity_id 
_pdbx_nonpoly_scheme.mon_id 
_pdbx_nonpoly_scheme.ndb_seq_num 
_pdbx_nonpoly_scheme.pdb_seq_num 
_pdbx_nonpoly_scheme.auth_seq_num 
_pdbx_nonpoly_scheme.pdb_mon_id 
_pdbx_nonpoly_scheme.auth_mon_id 
_pdbx_nonpoly_scheme.pdb_strand_id 
_pdbx_nonpoly_scheme.pdb_ins_code 
B 2 LMG 1 301 321 LMG LMG Q . 
C 3 CLA 1 302 322 CLA CLA Q . 
D 3 CLA 1 303 323 CLA CLA Q . 
E 4 HOH 1 401 1   HOH HOH Q . 
# 
loop_
_pdbx_unobs_or_zero_occ_atoms.id 
_pdbx_unobs_or_zero_occ_atoms.PDB_model_num 
_pdbx_unobs_or_zero_occ_atoms.polymer_flag 
_pdbx_unobs_or_zero_occ_atoms.occupancy_flag 
_pdbx_unobs_or_zero_occ_atoms.auth_asym_id 
_pdbx_unobs_or_zero_occ_atoms.auth_comp_id 
_pdbx_unobs_or_zero_occ_atoms.auth_seq_id 
_pdbx_unobs_or_zero_occ_atoms.PDB_ins_code 
_pdbx_unobs_or_zero_occ_atoms.auth_atom_id 
_pdbx_unobs_or_zero_occ_atoms.label_alt_id 
_pdbx_unobs_or_zero_occ_atoms.label_asym_id 
_pdbx_unobs_or_zero_occ_atoms.label_comp_id 
_pdbx_unobs_or_zero_occ_atoms.label_seq_id 
_pdbx_unobs_or_zero_occ_atoms.label_atom_id 
1  1 N 1 Q LMG 301 ? C21 ? B LMG 1 C21 
2  1 N 1 Q LMG 301 ? C22 ? B LMG 1 C22 
3  1 N 1 Q LMG 301 ? C23 ? B LMG 1 C23 
4  1 N 1 Q LMG 301 ? C24 ? B LMG 1 C24 
5  1 N 1 Q LMG 301 ? C25 ? B LMG 1 C25 
6  1 N 1 Q LMG 301 ? C26 ? B LMG 1 C26 
7  1 N 1 Q LMG 301 ? C27 ? B LMG 1 C27 
8  1 N 1 Q LMG 301 ? C36 ? B LMG 1 C36 
9  1 N 1 Q LMG 301 ? C37 ? B LMG 1 C37 
10 1 N 1 Q LMG 301 ? C38 ? B LMG 1 C38 
11 1 N 1 Q LMG 301 ? C39 ? B LMG 1 C39 
12 1 N 1 Q LMG 301 ? C40 ? B LMG 1 C40 
13 1 N 1 Q LMG 301 ? C41 ? B LMG 1 C41 
14 1 N 1 Q LMG 301 ? C42 ? B LMG 1 C42 
15 1 N 1 Q LMG 301 ? C43 ? B LMG 1 C43 
16 1 N 1 Q LMG 301 ? C44 ? B LMG 1 C44 
17 1 N 1 Q LMG 301 ? C45 ? B LMG 1 C45 
18 1 N 1 Q CLA 303 ? C1  ? D CLA 1 C1  
19 1 N 1 Q CLA 303 ? C2  ? D CLA 1 C2  
20 1 N 1 Q CLA 303 ? C3  ? D CLA 1 C3  
21 1 N 1 Q CLA 303 ? C4  ? D CLA 1 C4  
22 1 N 1 Q CLA 303 ? C5  ? D CLA 1 C5  
23 1 N 1 Q CLA 303 ? C6  ? D CLA 1 C6  
24 1 N 1 Q CLA 303 ? C7  ? D CLA 1 C7  
25 1 N 1 Q CLA 303 ? C8  ? D CLA 1 C8  
26 1 N 1 Q CLA 303 ? C9  ? D CLA 1 C9  
27 1 N 1 Q CLA 303 ? C10 ? D CLA 1 C10 
28 1 N 1 Q CLA 303 ? C11 ? D CLA 1 C11 
29 1 N 1 Q CLA 303 ? C12 ? D CLA 1 C12 
30 1 N 1 Q CLA 303 ? C13 ? D CLA 1 C13 
31 1 N 1 Q CLA 303 ? C14 ? D CLA 1 C14 
32 1 N 1 Q CLA 303 ? C15 ? D CLA 1 C15 
33 1 N 1 Q CLA 303 ? C16 ? D CLA 1 C16 
34 1 N 1 Q CLA 303 ? C17 ? D CLA 1 C17 
35 1 N 1 Q CLA 303 ? C18 ? D CLA 1 C18 
36 1 N 1 Q CLA 303 ? C19 ? D CLA 1 C19 
37 1 N 1 Q CLA 303 ? C20 ? D CLA 1 C20 
# 
_cell.angle_alpha                  90.00 
_cell.angle_alpha_esd              ? 
_cell.angle_beta                   90.00 
_cell.angle_beta_esd               ? 
_cell.angle_gamma                  90.00 
_cell.angle_gamma_esd              ? 
_cell.entry_id                     8WNW 
_cell.details                      ? 
_cell.formula_units_Z              ? 
_cell.length_a                     1.00 
_cell.length_a_esd                 ? 
_cell.length_b                     1.00 
_cell.length_b_esd                 ? 
_cell.length_c                     1.00 
_cell.length_c_esd                 ? 
_cell.volume                       ? 
_cell.volume_esd                   ? 
_cell.Z_PDB                        ? 
_cell.reciprocal_angle_alpha       ? 
_cell.reciprocal_angle_beta        ? 
_cell.reciprocal_angle_gamma       ? 
_cell.reciprocal_angle_alpha_esd   ? 
_cell.reciprocal_angle_beta_esd    ? 
_cell.reciprocal_angle_gamma_esd   ? 
_cell.reciprocal_length_a          ? 
_cell.reciprocal_length_b          ? 
_cell.reciprocal_length_c          ? 
_cell.reciprocal_length_a_esd      ? 
_cell.reciprocal_length_b_esd      ? 
_cell.reciprocal_length_c_esd      ? 
_cell.pdbx_unique_axis             ? 
_cell.pdbx_esd_method              ? 
# 
_symmetry.entry_id                         8WNW 
_symmetry.cell_setting                     ? 
_symmetry.Int_Tables_number                1 
_symmetry.space_group_name_Hall            ? 
_symmetry.space_group_name_H-M             'P 1' 
_symmetry.pdbx_full_space_group_name_H-M   ? 
# 
_exptl.absorpt_coefficient_mu     ? 
_exptl.absorpt_correction_T_max   ? 
_exptl.absorpt_correction_T_min   ? 
_exptl.absorpt_correction_type    ? 
_exptl.absorpt_process_details    ? 
_exptl.entry_id                   8WNW 
_exptl.crystals_number            ? 
_exptl.details                    ? 
_exptl.method                     'ELECTRON MICROSCOPY' 
_exptl.method_details             ? 
# 
_refine.aniso_B[1][1]                            ? 
_refine.aniso_B[1][2]                            ? 
_refine.aniso_B[1][3]                            ? 
_refine.aniso_B[2][2]                            ? 
_refine.aniso_B[2][3]                            ? 
_refine.aniso_B[3][3]                            ? 
_refine.B_iso_max                                ? 
_refine.B_iso_mean                               75.86 
_refine.B_iso_min                                ? 
_refine.correlation_coeff_Fo_to_Fc               ? 
_refine.correlation_coeff_Fo_to_Fc_free          ? 
_refine.details                                  ? 
_refine.diff_density_max                         ? 
_refine.diff_density_max_esd                     ? 
_refine.diff_density_min                         ? 
_refine.diff_density_min_esd                     ? 
_refine.diff_density_rms                         ? 
_refine.diff_density_rms_esd                     ? 
_refine.entry_id                                 8WNW 
_refine.pdbx_refine_id                           'ELECTRON MICROSCOPY' 
_refine.ls_abs_structure_details                 ? 
_refine.ls_abs_structure_Flack                   ? 
_refine.ls_abs_structure_Flack_esd               ? 
_refine.ls_abs_structure_Rogers                  ? 
_refine.ls_abs_structure_Rogers_esd              ? 
_refine.ls_d_res_high                            . 
_refine.ls_d_res_low                             ? 
_refine.ls_extinction_coef                       ? 
_refine.ls_extinction_coef_esd                   ? 
_refine.ls_extinction_expression                 ? 
_refine.ls_extinction_method                     ? 
_refine.ls_goodness_of_fit_all                   ? 
_refine.ls_goodness_of_fit_all_esd               ? 
_refine.ls_goodness_of_fit_obs                   ? 
_refine.ls_goodness_of_fit_obs_esd               ? 
_refine.ls_hydrogen_treatment                    ? 
_refine.ls_matrix_type                           ? 
_refine.ls_number_constraints                    ? 
_refine.ls_number_parameters                     ? 
_refine.ls_number_reflns_all                     ? 
_refine.ls_number_reflns_obs                     ? 
_refine.ls_number_reflns_R_free                  ? 
_refine.ls_number_reflns_R_work                  ? 
_refine.ls_number_restraints                     ? 
_refine.ls_percent_reflns_obs                    ? 
_refine.ls_percent_reflns_R_free                 ? 
_refine.ls_R_factor_all                          ? 
_refine.ls_R_factor_obs                          ? 
_refine.ls_R_factor_R_free                       ? 
_refine.ls_R_factor_R_free_error                 ? 
_refine.ls_R_factor_R_free_error_details         ? 
_refine.ls_R_factor_R_work                       ? 
_refine.ls_R_Fsqd_factor_obs                     ? 
_refine.ls_R_I_factor_obs                        ? 
_refine.ls_redundancy_reflns_all                 ? 
_refine.ls_redundancy_reflns_obs                 ? 
_refine.ls_restrained_S_all                      ? 
_refine.ls_restrained_S_obs                      ? 
_refine.ls_shift_over_esd_max                    ? 
_refine.ls_shift_over_esd_mean                   ? 
_refine.ls_structure_factor_coef                 ? 
_refine.ls_weighting_details                     ? 
_refine.ls_weighting_scheme                      ? 
_refine.ls_wR_factor_all                         ? 
_refine.ls_wR_factor_obs                         ? 
_refine.ls_wR_factor_R_free                      ? 
_refine.ls_wR_factor_R_work                      ? 
_refine.occupancy_max                            ? 
_refine.occupancy_min                            ? 
_refine.solvent_model_details                    ? 
_refine.solvent_model_param_bsol                 ? 
_refine.solvent_model_param_ksol                 ? 
_refine.pdbx_R_complete                          ? 
_refine.ls_R_factor_gt                           ? 
_refine.ls_goodness_of_fit_gt                    ? 
_refine.ls_goodness_of_fit_ref                   ? 
_refine.ls_shift_over_su_max                     ? 
_refine.ls_shift_over_su_max_lt                  ? 
_refine.ls_shift_over_su_mean                    ? 
_refine.ls_shift_over_su_mean_lt                 ? 
_refine.pdbx_ls_sigma_I                          ? 
_refine.pdbx_ls_sigma_F                          ? 
_refine.pdbx_ls_sigma_Fsqd                       ? 
_refine.pdbx_data_cutoff_high_absF               ? 
_refine.pdbx_data_cutoff_high_rms_absF           ? 
_refine.pdbx_data_cutoff_low_absF                ? 
_refine.pdbx_isotropic_thermal_model             ? 
_refine.pdbx_ls_cross_valid_method               NONE 
_refine.pdbx_method_to_determine_struct          ? 
_refine.pdbx_starting_model                      ? 
_refine.pdbx_stereochemistry_target_values       'GeoStd + Monomer Library + CDL v1.2' 
_refine.pdbx_R_Free_selection_details            ? 
_refine.pdbx_stereochem_target_val_spec_case     ? 
_refine.pdbx_overall_ESU_R                       ? 
_refine.pdbx_overall_ESU_R_Free                  ? 
_refine.pdbx_solvent_vdw_probe_radii             ? 
_refine.pdbx_solvent_ion_probe_radii             ? 
_refine.pdbx_solvent_shrinkage_radii             ? 
_refine.pdbx_real_space_R                        ? 
_refine.pdbx_density_correlation                 ? 
_refine.pdbx_pd_number_of_powder_patterns        ? 
_refine.pdbx_pd_number_of_points                 ? 
_refine.pdbx_pd_meas_number_of_points            ? 
_refine.pdbx_pd_proc_ls_prof_R_factor            ? 
_refine.pdbx_pd_proc_ls_prof_wR_factor           ? 
_refine.pdbx_pd_Marquardt_correlation_coeff      ? 
_refine.pdbx_pd_Fsqrd_R_factor                   ? 
_refine.pdbx_pd_ls_matrix_band_width             ? 
_refine.pdbx_overall_phase_error                 ? 
_refine.pdbx_overall_SU_R_free_Cruickshank_DPI   ? 
_refine.pdbx_overall_SU_R_free_Blow_DPI          ? 
_refine.pdbx_overall_SU_R_Blow_DPI               ? 
_refine.pdbx_TLS_residual_ADP_flag               ? 
_refine.pdbx_diffrn_id                           ? 
_refine.overall_SU_B                             ? 
_refine.overall_SU_ML                            ? 
_refine.overall_SU_R_Cruickshank_DPI             ? 
_refine.overall_SU_R_free                        ? 
_refine.overall_FOM_free_R_set                   ? 
_refine.overall_FOM_work_R_set                   ? 
_refine.pdbx_average_fsc_overall                 ? 
_refine.pdbx_average_fsc_work                    ? 
_refine.pdbx_average_fsc_free                    ? 
# 
loop_
_refine_ls_restr.pdbx_refine_id 
_refine_ls_restr.criterion 
_refine_ls_restr.dev_ideal 
_refine_ls_restr.dev_ideal_target 
_refine_ls_restr.number 
_refine_ls_restr.rejects 
_refine_ls_restr.type 
_refine_ls_restr.weight 
_refine_ls_restr.pdbx_restraint_function 
'ELECTRON MICROSCOPY' ? 0.0118  ? 1433 ? f_bond_d           ? ? 
'ELECTRON MICROSCOPY' ? 1.5965  ? 1964 ? f_angle_d          ? ? 
'ELECTRON MICROSCOPY' ? 0.1057  ? 219  ? f_chiral_restr     ? ? 
'ELECTRON MICROSCOPY' ? 0.0060  ? 249  ? f_plane_restr      ? ? 
'ELECTRON MICROSCOPY' ? 16.3388 ? 511  ? f_dihedral_angle_d ? ? 
# 
_struct.entry_id                     8WNW 
_struct.title                        'the structure of PsaQ' 
_struct.pdbx_model_details           ? 
_struct.pdbx_formula_weight          ? 
_struct.pdbx_formula_weight_method   ? 
_struct.pdbx_model_type_details      ? 
_struct.pdbx_CASP_flag               N 
# 
_struct_keywords.entry_id        8WNW 
_struct_keywords.text            'photosynthesis, chlorophyll, alloxanthin, growth phase' 
_struct_keywords.pdbx_keywords   PHOTOSYNTHESIS 
# 
loop_
_struct_asym.id 
_struct_asym.pdbx_blank_PDB_chainid_flag 
_struct_asym.pdbx_modified 
_struct_asym.entity_id 
_struct_asym.details 
A N N 1 ? 
B N N 2 ? 
C N N 3 ? 
D N N 3 ? 
E N N 4 ? 
# 
_struct_ref.id                         1 
_struct_ref.db_name                    PDB 
_struct_ref.db_code                    8WNW 
_struct_ref.pdbx_db_accession          8WNW 
_struct_ref.pdbx_db_isoform            ? 
_struct_ref.entity_id                  1 
_struct_ref.pdbx_seq_one_letter_code   ? 
_struct_ref.pdbx_align_begin           1 
# 
_struct_ref_seq.align_id                      1 
_struct_ref_seq.ref_id                        1 
_struct_ref_seq.pdbx_PDB_id_code              8WNW 
_struct_ref_seq.pdbx_strand_id                Q 
_struct_ref_seq.seq_align_beg                 1 
_struct_ref_seq.pdbx_seq_align_beg_ins_code   ? 
_struct_ref_seq.seq_align_end                 234 
_struct_ref_seq.pdbx_seq_align_end_ins_code   ? 
_struct_ref_seq.pdbx_db_accession             8WNW 
_struct_ref_seq.db_align_beg                  1 
_struct_ref_seq.pdbx_db_align_beg_ins_code    ? 
_struct_ref_seq.db_align_end                  234 
_struct_ref_seq.pdbx_db_align_end_ins_code    ? 
_struct_ref_seq.pdbx_auth_seq_align_beg       1 
_struct_ref_seq.pdbx_auth_seq_align_end       234 
# 
_pdbx_struct_assembly.id                   1 
_pdbx_struct_assembly.details              author_defined_assembly 
_pdbx_struct_assembly.method_details       ? 
_pdbx_struct_assembly.oligomeric_details   monomeric 
_pdbx_struct_assembly.oligomeric_count     1 
# 
_pdbx_struct_assembly_gen.assembly_id       1 
_pdbx_struct_assembly_gen.oper_expression   1 
_pdbx_struct_assembly_gen.asym_id_list      A,B,C,D,E 
# 
_pdbx_struct_assembly_auth_evidence.id                     1 
_pdbx_struct_assembly_auth_evidence.assembly_id            1 
_pdbx_struct_assembly_auth_evidence.experimental_support   'electron microscopy' 
_pdbx_struct_assembly_auth_evidence.details                'not applicable' 
# 
_pdbx_struct_oper_list.id                   1 
_pdbx_struct_oper_list.type                 'identity operation' 
_pdbx_struct_oper_list.name                 1_555 
_pdbx_struct_oper_list.symmetry_operation   ? 
_pdbx_struct_oper_list.matrix[1][1]         1.0000000000 
_pdbx_struct_oper_list.matrix[1][2]         0.0000000000 
_pdbx_struct_oper_list.matrix[1][3]         0.0000000000 
_pdbx_struct_oper_list.vector[1]            0.0000000000 
_pdbx_struct_oper_list.matrix[2][1]         0.0000000000 
_pdbx_struct_oper_list.matrix[2][2]         1.0000000000 
_pdbx_struct_oper_list.matrix[2][3]         0.0000000000 
_pdbx_struct_oper_list.vector[2]            0.0000000000 
_pdbx_struct_oper_list.matrix[3][1]         0.0000000000 
_pdbx_struct_oper_list.matrix[3][2]         0.0000000000 
_pdbx_struct_oper_list.matrix[3][3]         1.0000000000 
_pdbx_struct_oper_list.vector[3]            0.0000000000 
# 
loop_
_struct_conf.conf_type_id 
_struct_conf.id 
_struct_conf.pdbx_PDB_helix_id 
_struct_conf.beg_label_comp_id 
_struct_conf.beg_label_asym_id 
_struct_conf.beg_label_seq_id 
_struct_conf.pdbx_beg_PDB_ins_code 
_struct_conf.end_label_comp_id 
_struct_conf.end_label_asym_id 
_struct_conf.end_label_seq_id 
_struct_conf.pdbx_end_PDB_ins_code 
_struct_conf.beg_auth_comp_id 
_struct_conf.beg_auth_asym_id 
_struct_conf.beg_auth_seq_id 
_struct_conf.end_auth_comp_id 
_struct_conf.end_auth_asym_id 
_struct_conf.end_auth_seq_id 
_struct_conf.pdbx_PDB_helix_class 
_struct_conf.details 
_struct_conf.pdbx_PDB_helix_length 
HELX_P HELX_P1 AA1 SER A 91  ? LYS A 110 ? SER Q 91  LYS Q 110 1 ? 20 
HELX_P HELX_P2 AA2 LYS A 110 ? ALA A 124 ? LYS Q 110 ALA Q 124 1 ? 15 
HELX_P HELX_P3 AA3 ASP A 130 ? GLY A 159 ? ASP Q 130 GLY Q 159 1 ? 30 
HELX_P HELX_P4 AA4 ALA A 160 ? GLY A 164 ? ALA Q 160 GLY Q 164 5 ? 5  
HELX_P HELX_P5 AA5 LEU A 183 ? GLY A 204 ? LEU Q 183 GLY Q 204 1 ? 22 
HELX_P HELX_P6 AA6 ASP A 205 ? ASN A 228 ? ASP Q 205 ASN Q 228 1 ? 24 
# 
_struct_conf_type.id          HELX_P 
_struct_conf_type.criteria    ? 
_struct_conf_type.reference   ? 
# 
loop_
_struct_conn.id 
_struct_conn.conn_type_id 
_struct_conn.pdbx_leaving_atom_flag 
_struct_conn.pdbx_PDB_id 
_struct_conn.ptnr1_label_asym_id 
_struct_conn.ptnr1_label_comp_id 
_struct_conn.ptnr1_label_seq_id 
_struct_conn.ptnr1_label_atom_id 
_struct_conn.pdbx_ptnr1_label_alt_id 
_struct_conn.pdbx_ptnr1_PDB_ins_code 
_struct_conn.pdbx_ptnr1_standard_comp_id 
_struct_conn.ptnr1_symmetry 
_struct_conn.ptnr2_label_asym_id 
_struct_conn.ptnr2_label_comp_id 
_struct_conn.ptnr2_label_seq_id 
_struct_conn.ptnr2_label_atom_id 
_struct_conn.pdbx_ptnr2_label_alt_id 
_struct_conn.pdbx_ptnr2_PDB_ins_code 
_struct_conn.ptnr1_auth_asym_id 
_struct_conn.ptnr1_auth_comp_id 
_struct_conn.ptnr1_auth_seq_id 
_struct_conn.ptnr2_auth_asym_id 
_struct_conn.ptnr2_auth_comp_id 
_struct_conn.ptnr2_auth_seq_id 
_struct_conn.ptnr2_symmetry 
_struct_conn.pdbx_ptnr3_label_atom_id 
_struct_conn.pdbx_ptnr3_label_seq_id 
_struct_conn.pdbx_ptnr3_label_comp_id 
_struct_conn.pdbx_ptnr3_label_asym_id 
_struct_conn.pdbx_ptnr3_label_alt_id 
_struct_conn.pdbx_ptnr3_PDB_ins_code 
_struct_conn.details 
_struct_conn.pdbx_dist_value 
_struct_conn.pdbx_value_order 
_struct_conn.pdbx_role 
metalc1 metalc ? ? A ASN 234 OD1 ? ? ? 1_555 D CLA . MG ? ? Q ASN 234 Q CLA 303 1_555 ? ? ? ? ? ? ? 2.885 ? ? 
metalc2 metalc ? ? C CLA .   MG  ? ? ? 1_555 E HOH . O  ? ? Q CLA 302 Q HOH 401 1_555 ? ? ? ? ? ? ? 2.218 ? ? 
# 
_struct_conn_type.id          metalc 
_struct_conn_type.criteria    ? 
_struct_conn_type.reference   ? 
# 
loop_
_pdbx_struct_conn_angle.id 
_pdbx_struct_conn_angle.ptnr1_label_atom_id 
_pdbx_struct_conn_angle.ptnr1_label_alt_id 
_pdbx_struct_conn_angle.ptnr1_label_asym_id 
_pdbx_struct_conn_angle.ptnr1_label_comp_id 
_pdbx_struct_conn_angle.ptnr1_label_seq_id 
_pdbx_struct_conn_angle.ptnr1_auth_atom_id 
_pdbx_struct_conn_angle.ptnr1_auth_asym_id 
_pdbx_struct_conn_angle.ptnr1_auth_comp_id 
_pdbx_struct_conn_angle.ptnr1_auth_seq_id 
_pdbx_struct_conn_angle.ptnr1_PDB_ins_code 
_pdbx_struct_conn_angle.ptnr1_symmetry 
_pdbx_struct_conn_angle.ptnr2_label_atom_id 
_pdbx_struct_conn_angle.ptnr2_label_alt_id 
_pdbx_struct_conn_angle.ptnr2_label_asym_id 
_pdbx_struct_conn_angle.ptnr2_label_comp_id 
_pdbx_struct_conn_angle.ptnr2_label_seq_id 
_pdbx_struct_conn_angle.ptnr2_auth_atom_id 
_pdbx_struct_conn_angle.ptnr2_auth_asym_id 
_pdbx_struct_conn_angle.ptnr2_auth_comp_id 
_pdbx_struct_conn_angle.ptnr2_auth_seq_id 
_pdbx_struct_conn_angle.ptnr2_PDB_ins_code 
_pdbx_struct_conn_angle.ptnr2_symmetry 
_pdbx_struct_conn_angle.ptnr3_label_atom_id 
_pdbx_struct_conn_angle.ptnr3_label_alt_id 
_pdbx_struct_conn_angle.ptnr3_label_asym_id 
_pdbx_struct_conn_angle.ptnr3_label_comp_id 
_pdbx_struct_conn_angle.ptnr3_label_seq_id 
_pdbx_struct_conn_angle.ptnr3_auth_atom_id 
_pdbx_struct_conn_angle.ptnr3_auth_asym_id 
_pdbx_struct_conn_angle.ptnr3_auth_comp_id 
_pdbx_struct_conn_angle.ptnr3_auth_seq_id 
_pdbx_struct_conn_angle.ptnr3_PDB_ins_code 
_pdbx_struct_conn_angle.ptnr3_symmetry 
_pdbx_struct_conn_angle.value 
_pdbx_struct_conn_angle.value_esd 
1  OD1 ? A ASN 234 ? Q ASN 234 ? 1_555 MG ? D CLA . ? Q CLA 303 ? 1_555 NA ? D CLA . ? Q CLA 303 ? 1_555 70.7  ? 
2  OD1 ? A ASN 234 ? Q ASN 234 ? 1_555 MG ? D CLA . ? Q CLA 303 ? 1_555 NB ? D CLA . ? Q CLA 303 ? 1_555 99.3  ? 
3  NA  ? D CLA .   ? Q CLA 303 ? 1_555 MG ? D CLA . ? Q CLA 303 ? 1_555 NB ? D CLA . ? Q CLA 303 ? 1_555 89.6  ? 
4  OD1 ? A ASN 234 ? Q ASN 234 ? 1_555 MG ? D CLA . ? Q CLA 303 ? 1_555 NC ? D CLA . ? Q CLA 303 ? 1_555 124.7 ? 
5  NA  ? D CLA .   ? Q CLA 303 ? 1_555 MG ? D CLA . ? Q CLA 303 ? 1_555 NC ? D CLA . ? Q CLA 303 ? 1_555 164.2 ? 
6  NB  ? D CLA .   ? Q CLA 303 ? 1_555 MG ? D CLA . ? Q CLA 303 ? 1_555 NC ? D CLA . ? Q CLA 303 ? 1_555 90.8  ? 
7  OD1 ? A ASN 234 ? Q ASN 234 ? 1_555 MG ? D CLA . ? Q CLA 303 ? 1_555 ND ? D CLA . ? Q CLA 303 ? 1_555 97.5  ? 
8  NA  ? D CLA .   ? Q CLA 303 ? 1_555 MG ? D CLA . ? Q CLA 303 ? 1_555 ND ? D CLA . ? Q CLA 303 ? 1_555 90.3  ? 
9  NB  ? D CLA .   ? Q CLA 303 ? 1_555 MG ? D CLA . ? Q CLA 303 ? 1_555 ND ? D CLA . ? Q CLA 303 ? 1_555 162.3 ? 
10 NC  ? D CLA .   ? Q CLA 303 ? 1_555 MG ? D CLA . ? Q CLA 303 ? 1_555 ND ? D CLA . ? Q CLA 303 ? 1_555 84.5  ? 
11 O   ? E HOH .   ? Q HOH 401 ? 1_555 MG ? C CLA . ? Q CLA 302 ? 1_555 NA ? C CLA . ? Q CLA 302 ? 1_555 92.5  ? 
12 O   ? E HOH .   ? Q HOH 401 ? 1_555 MG ? C CLA . ? Q CLA 302 ? 1_555 NB ? C CLA . ? Q CLA 302 ? 1_555 99.1  ? 
13 NA  ? C CLA .   ? Q CLA 302 ? 1_555 MG ? C CLA . ? Q CLA 302 ? 1_555 NB ? C CLA . ? Q CLA 302 ? 1_555 89.4  ? 
14 O   ? E HOH .   ? Q HOH 401 ? 1_555 MG ? C CLA . ? Q CLA 302 ? 1_555 NC ? C CLA . ? Q CLA 302 ? 1_555 105.2 ? 
15 NA  ? C CLA .   ? Q CLA 302 ? 1_555 MG ? C CLA . ? Q CLA 302 ? 1_555 NC ? C CLA . ? Q CLA 302 ? 1_555 162.2 ? 
16 NB  ? C CLA .   ? Q CLA 302 ? 1_555 MG ? C CLA . ? Q CLA 302 ? 1_555 NC ? C CLA . ? Q CLA 302 ? 1_555 90.0  ? 
17 O   ? E HOH .   ? Q HOH 401 ? 1_555 MG ? C CLA . ? Q CLA 302 ? 1_555 ND ? C CLA . ? Q CLA 302 ? 1_555 99.7  ? 
18 NA  ? C CLA .   ? Q CLA 302 ? 1_555 MG ? C CLA . ? Q CLA 302 ? 1_555 ND ? C CLA . ? Q CLA 302 ? 1_555 89.7  ? 
19 NB  ? C CLA .   ? Q CLA 302 ? 1_555 MG ? C CLA . ? Q CLA 302 ? 1_555 ND ? C CLA . ? Q CLA 302 ? 1_555 161.2 ? 
20 NC  ? C CLA .   ? Q CLA 302 ? 1_555 MG ? C CLA . ? Q CLA 302 ? 1_555 ND ? C CLA . ? Q CLA 302 ? 1_555 85.2  ? 
# 
loop_
_pdbx_validate_torsion.id 
_pdbx_validate_torsion.PDB_model_num 
_pdbx_validate_torsion.auth_comp_id 
_pdbx_validate_torsion.auth_asym_id 
_pdbx_validate_torsion.auth_seq_id 
_pdbx_validate_torsion.PDB_ins_code 
_pdbx_validate_torsion.label_alt_id 
_pdbx_validate_torsion.phi 
_pdbx_validate_torsion.psi 
1 1 LYS Q 61  ? ? -100.96 -60.74 
2 1 MET Q 86  ? ? 86.26   -11.79 
3 1 SER Q 180 ? ? 84.11   1.88   
# 
_pdbx_validate_chiral.id              1 
_pdbx_validate_chiral.PDB_model_num   1 
_pdbx_validate_chiral.auth_atom_id    ND 
_pdbx_validate_chiral.label_alt_id    ? 
_pdbx_validate_chiral.auth_asym_id    Q 
_pdbx_validate_chiral.auth_comp_id    CLA 
_pdbx_validate_chiral.auth_seq_id     302 
_pdbx_validate_chiral.PDB_ins_code    ? 
_pdbx_validate_chiral.details         PLANAR 
_pdbx_validate_chiral.omega           . 
# 
_space_group_symop.id              1 
_space_group_symop.operation_xyz   x,y,z 
# 
_pdbx_entry_details.entry_id                   8WNW 
_pdbx_entry_details.nonpolymer_details         ? 
_pdbx_entry_details.sequence_details           ? 
_pdbx_entry_details.compound_details           ? 
_pdbx_entry_details.source_details             ? 
_pdbx_entry_details.has_ligand_of_interest     Y 
_pdbx_entry_details.has_protein_modification   ? 
# 
_em_3d_fitting.id                1 
_em_3d_fitting.entry_id          8WNW 
_em_3d_fitting.method            ? 
_em_3d_fitting.target_criteria   ? 
_em_3d_fitting.details           ? 
_em_3d_fitting.overall_b_value   ? 
_em_3d_fitting.ref_space         ? 
_em_3d_fitting.ref_protocol      ? 
# 
_em_3d_reconstruction.entry_id                    8WNW 
_em_3d_reconstruction.id                          1 
_em_3d_reconstruction.method                      ? 
_em_3d_reconstruction.algorithm                   ? 
_em_3d_reconstruction.citation_id                 ? 
_em_3d_reconstruction.details                     ? 
_em_3d_reconstruction.resolution                  3.5 
_em_3d_reconstruction.resolution_method           'FSC 0.143 CUT-OFF' 
_em_3d_reconstruction.magnification_calibration   ? 
_em_3d_reconstruction.nominal_pixel_size          ? 
_em_3d_reconstruction.actual_pixel_size           ? 
_em_3d_reconstruction.num_particles               38675 
_em_3d_reconstruction.euler_angles_details        ? 
_em_3d_reconstruction.num_class_averages          ? 
_em_3d_reconstruction.refinement_type             ? 
_em_3d_reconstruction.image_processing_id         1 
_em_3d_reconstruction.symmetry_type               POINT 
# 
_em_buffer.id            1 
_em_buffer.specimen_id   1 
_em_buffer.name          ? 
_em_buffer.details       ? 
_em_buffer.pH            7.5 
# 
_em_entity_assembly.id                   1 
_em_entity_assembly.parent_id            0 
_em_entity_assembly.source               NATURAL 
_em_entity_assembly.type                 COMPLEX 
_em_entity_assembly.name                 'pigment binding protein' 
_em_entity_assembly.details              ? 
_em_entity_assembly.synonym              ? 
_em_entity_assembly.oligomeric_details   ? 
_em_entity_assembly.entity_id_list       1 
# 
_em_imaging.entry_id                        8WNW 
_em_imaging.id                              1 
_em_imaging.astigmatism                     ? 
_em_imaging.electron_beam_tilt_params       ? 
_em_imaging.residual_tilt                   ? 
_em_imaging.microscope_model                'FEI TITAN KRIOS' 
_em_imaging.specimen_holder_type            ? 
_em_imaging.specimen_holder_model           ? 
_em_imaging.details                         ? 
_em_imaging.date                            ? 
_em_imaging.accelerating_voltage            300 
_em_imaging.illumination_mode               'FLOOD BEAM' 
_em_imaging.mode                            'BRIGHT FIELD' 
_em_imaging.nominal_cs                      ? 
_em_imaging.nominal_defocus_min             1200 
_em_imaging.nominal_defocus_max             2300 
_em_imaging.calibrated_defocus_min          ? 
_em_imaging.calibrated_defocus_max          ? 
_em_imaging.tilt_angle_min                  ? 
_em_imaging.tilt_angle_max                  ? 
_em_imaging.nominal_magnification           ? 
_em_imaging.calibrated_magnification        ? 
_em_imaging.electron_source                 'FIELD EMISSION GUN' 
_em_imaging.citation_id                     ? 
_em_imaging.temperature                     ? 
_em_imaging.detector_distance               ? 
_em_imaging.recording_temperature_minimum   ? 
_em_imaging.recording_temperature_maximum   ? 
_em_imaging.alignment_procedure             ? 
_em_imaging.c2_aperture_diameter            ? 
_em_imaging.specimen_id                     1 
_em_imaging.cryogen                         ? 
# 
_em_vitrification.entry_id              8WNW 
_em_vitrification.id                    1 
_em_vitrification.specimen_id           1 
_em_vitrification.cryogen_name          ETHANE 
_em_vitrification.humidity              ? 
_em_vitrification.temp                  ? 
_em_vitrification.chamber_temperature   ? 
_em_vitrification.instrument            ? 
_em_vitrification.method                ? 
_em_vitrification.time_resolved_state   ? 
_em_vitrification.citation_id           ? 
_em_vitrification.details               ? 
# 
_em_experiment.entry_id                8WNW 
_em_experiment.id                      1 
_em_experiment.reconstruction_method   'SINGLE PARTICLE' 
_em_experiment.aggregation_state       PARTICLE 
_em_experiment.entity_assembly_id      1 
# 
loop_
_pdbx_unobs_or_zero_occ_residues.id 
_pdbx_unobs_or_zero_occ_residues.PDB_model_num 
_pdbx_unobs_or_zero_occ_residues.polymer_flag 
_pdbx_unobs_or_zero_occ_residues.occupancy_flag 
_pdbx_unobs_or_zero_occ_residues.auth_asym_id 
_pdbx_unobs_or_zero_occ_residues.auth_comp_id 
_pdbx_unobs_or_zero_occ_residues.auth_seq_id 
_pdbx_unobs_or_zero_occ_residues.PDB_ins_code 
_pdbx_unobs_or_zero_occ_residues.label_asym_id 
_pdbx_unobs_or_zero_occ_residues.label_comp_id 
_pdbx_unobs_or_zero_occ_residues.label_seq_id 
1  1 Y 1 Q ARG 1  ? A ARG 1  
2  1 Y 1 Q THR 2  ? A THR 2  
3  1 Y 1 Q ALA 3  ? A ALA 3  
4  1 Y 1 Q ALA 4  ? A ALA 4  
5  1 Y 1 Q TYR 5  ? A TYR 5  
6  1 Y 1 Q VAL 6  ? A VAL 6  
7  1 Y 1 Q ALA 7  ? A ALA 7  
8  1 Y 1 Q LEU 8  ? A LEU 8  
9  1 Y 1 Q ALA 9  ? A ALA 9  
10 1 Y 1 Q ALA 10 ? A ALA 10 
11 1 Y 1 Q ALA 11 ? A ALA 11 
12 1 Y 1 Q SER 12 ? A SER 12 
13 1 Y 1 Q ALA 13 ? A ALA 13 
14 1 Y 1 Q GLU 14 ? A GLU 14 
15 1 Y 1 Q ALA 15 ? A ALA 15 
16 1 Y 1 Q PHE 16 ? A PHE 16 
17 1 Y 1 Q SER 17 ? A SER 17 
18 1 Y 1 Q THR 18 ? A THR 18 
19 1 Y 1 Q PRO 19 ? A PRO 19 
20 1 Y 1 Q ALA 20 ? A ALA 20 
21 1 Y 1 Q LEU 21 ? A LEU 21 
22 1 Y 1 Q SER 22 ? A SER 22 
23 1 Y 1 Q GLY 23 ? A GLY 23 
24 1 Y 1 Q LEU 24 ? A LEU 24 
25 1 Y 1 Q LYS 25 ? A LYS 25 
26 1 Y 1 Q MET 26 ? A MET 26 
27 1 Y 1 Q ALA 27 ? A ALA 27 
28 1 Y 1 Q GLU 28 ? A GLU 28 
29 1 Y 1 Q PRO 29 ? A PRO 29 
30 1 Y 1 Q ALA 30 ? A ALA 30 
31 1 Y 1 Q GLN 31 ? A GLN 31 
32 1 Y 1 Q ILE 32 ? A ILE 32 
33 1 Y 1 Q SER 33 ? A SER 33 
34 1 Y 1 Q ARG 34 ? A ARG 34 
35 1 Y 1 Q LYS 35 ? A LYS 35 
36 1 Y 1 Q ASP 36 ? A ASP 36 
37 1 Y 1 Q VAL 37 ? A VAL 37 
38 1 Y 1 Q LEU 38 ? A LEU 38 
39 1 Y 1 Q THR 39 ? A THR 39 
40 1 Y 1 Q THR 40 ? A THR 40 
41 1 Y 1 Q ALA 41 ? A ALA 41 
42 1 Y 1 Q ALA 42 ? A ALA 42 
43 1 Y 1 Q GLY 43 ? A GLY 43 
44 1 Y 1 Q ALA 44 ? A ALA 44 
45 1 Y 1 Q ALA 45 ? A ALA 45 
46 1 Y 1 Q ILE 46 ? A ILE 46 
47 1 Y 1 Q ILE 47 ? A ILE 47 
48 1 Y 1 Q ALA 48 ? A ALA 48 
49 1 Y 1 Q MET 49 ? A MET 49 
50 1 Y 1 Q PRO 50 ? A PRO 50 
51 1 Y 1 Q THR 51 ? A THR 51 
52 1 Y 1 Q LEU 52 ? A LEU 52 
53 1 Y 1 Q ALA 53 ? A ALA 53 
54 1 Y 1 Q GLY 54 ? A GLY 54 
55 1 Y 1 Q ALA 55 ? A ALA 55 
56 1 Y 1 Q GLN 67 ? A GLN 67 
57 1 Y 1 Q GLY 68 ? A GLY 68 
58 1 Y 1 Q GLY 69 ? A GLY 69 
59 1 Y 1 Q SER 70 ? A SER 70 
60 1 Y 1 Q ARG 71 ? A ARG 71 
61 1 Y 1 Q GLU 72 ? A GLU 72 
# 
loop_
_chem_comp_atom.comp_id 
_chem_comp_atom.atom_id 
_chem_comp_atom.type_symbol 
_chem_comp_atom.pdbx_aromatic_flag 
_chem_comp_atom.pdbx_stereo_config 
_chem_comp_atom.pdbx_ordinal 
ALA N    N  N N 1   
ALA CA   C  N S 2   
ALA C    C  N N 3   
ALA O    O  N N 4   
ALA CB   C  N N 5   
ALA OXT  O  N N 6   
ALA H    H  N N 7   
ALA H2   H  N N 8   
ALA HA   H  N N 9   
ALA HB1  H  N N 10  
ALA HB2  H  N N 11  
ALA HB3  H  N N 12  
ALA HXT  H  N N 13  
ARG N    N  N N 14  
ARG CA   C  N S 15  
ARG C    C  N N 16  
ARG O    O  N N 17  
ARG CB   C  N N 18  
ARG CG   C  N N 19  
ARG CD   C  N N 20  
ARG NE   N  N N 21  
ARG CZ   C  N N 22  
ARG NH1  N  N N 23  
ARG NH2  N  N N 24  
ARG OXT  O  N N 25  
ARG H    H  N N 26  
ARG H2   H  N N 27  
ARG HA   H  N N 28  
ARG HB2  H  N N 29  
ARG HB3  H  N N 30  
ARG HG2  H  N N 31  
ARG HG3  H  N N 32  
ARG HD2  H  N N 33  
ARG HD3  H  N N 34  
ARG HE   H  N N 35  
ARG HH11 H  N N 36  
ARG HH12 H  N N 37  
ARG HH21 H  N N 38  
ARG HH22 H  N N 39  
ARG HXT  H  N N 40  
ASN N    N  N N 41  
ASN CA   C  N S 42  
ASN C    C  N N 43  
ASN O    O  N N 44  
ASN CB   C  N N 45  
ASN CG   C  N N 46  
ASN OD1  O  N N 47  
ASN ND2  N  N N 48  
ASN OXT  O  N N 49  
ASN H    H  N N 50  
ASN H2   H  N N 51  
ASN HA   H  N N 52  
ASN HB2  H  N N 53  
ASN HB3  H  N N 54  
ASN HD21 H  N N 55  
ASN HD22 H  N N 56  
ASN HXT  H  N N 57  
ASP N    N  N N 58  
ASP CA   C  N S 59  
ASP C    C  N N 60  
ASP O    O  N N 61  
ASP CB   C  N N 62  
ASP CG   C  N N 63  
ASP OD1  O  N N 64  
ASP OD2  O  N N 65  
ASP OXT  O  N N 66  
ASP H    H  N N 67  
ASP H2   H  N N 68  
ASP HA   H  N N 69  
ASP HB2  H  N N 70  
ASP HB3  H  N N 71  
ASP HD2  H  N N 72  
ASP HXT  H  N N 73  
CLA MG   MG N N 74  
CLA CHA  C  N N 75  
CLA CHB  C  N N 76  
CLA CHC  C  N N 77  
CLA CHD  C  N N 78  
CLA NA   N  N N 79  
CLA C1A  C  N N 80  
CLA C2A  C  N S 81  
CLA C3A  C  N S 82  
CLA C4A  C  N N 83  
CLA CMA  C  N N 84  
CLA CAA  C  N N 85  
CLA CBA  C  N N 86  
CLA CGA  C  N N 87  
CLA O1A  O  N N 88  
CLA O2A  O  N N 89  
CLA NB   N  Y N 90  
CLA C1B  C  Y N 91  
CLA C2B  C  Y N 92  
CLA C3B  C  Y N 93  
CLA C4B  C  Y N 94  
CLA CMB  C  N N 95  
CLA CAB  C  N N 96  
CLA CBB  C  N N 97  
CLA NC   N  N N 98  
CLA C1C  C  N N 99  
CLA C2C  C  N N 100 
CLA C3C  C  N N 101 
CLA C4C  C  N N 102 
CLA CMC  C  N N 103 
CLA CAC  C  N N 104 
CLA CBC  C  N N 105 
CLA ND   N  N R 106 
CLA C1D  C  N N 107 
CLA C2D  C  N N 108 
CLA C3D  C  N N 109 
CLA C4D  C  N N 110 
CLA CMD  C  N N 111 
CLA CAD  C  N N 112 
CLA OBD  O  N N 113 
CLA CBD  C  N R 114 
CLA CGD  C  N N 115 
CLA O1D  O  N N 116 
CLA O2D  O  N N 117 
CLA CED  C  N N 118 
CLA C1   C  N N 119 
CLA C2   C  N N 120 
CLA C3   C  N N 121 
CLA C4   C  N N 122 
CLA C5   C  N N 123 
CLA C6   C  N N 124 
CLA C7   C  N N 125 
CLA C8   C  N R 126 
CLA C9   C  N N 127 
CLA C10  C  N N 128 
CLA C11  C  N N 129 
CLA C12  C  N N 130 
CLA C13  C  N R 131 
CLA C14  C  N N 132 
CLA C15  C  N N 133 
CLA C16  C  N N 134 
CLA C17  C  N N 135 
CLA C18  C  N N 136 
CLA C19  C  N N 137 
CLA C20  C  N N 138 
CLA HHB  H  N N 139 
CLA HHC  H  N N 140 
CLA HHD  H  N N 141 
CLA H2A  H  N N 142 
CLA H3A  H  N N 143 
CLA HMA1 H  N N 144 
CLA HMA2 H  N N 145 
CLA HMA3 H  N N 146 
CLA HAA1 H  N N 147 
CLA HAA2 H  N N 148 
CLA HBA1 H  N N 149 
CLA HBA2 H  N N 150 
CLA HMB1 H  N N 151 
CLA HMB2 H  N N 152 
CLA HMB3 H  N N 153 
CLA HAB  H  N N 154 
CLA HBB1 H  N N 155 
CLA HBB2 H  N N 156 
CLA HMC1 H  N N 157 
CLA HMC2 H  N N 158 
CLA HMC3 H  N N 159 
CLA HAC1 H  N N 160 
CLA HAC2 H  N N 161 
CLA HBC1 H  N N 162 
CLA HBC2 H  N N 163 
CLA HBC3 H  N N 164 
CLA HMD1 H  N N 165 
CLA HMD2 H  N N 166 
CLA HMD3 H  N N 167 
CLA HBD  H  N N 168 
CLA HED1 H  N N 169 
CLA HED2 H  N N 170 
CLA HED3 H  N N 171 
CLA H11  H  N N 172 
CLA H12  H  N N 173 
CLA H2   H  N N 174 
CLA H41  H  N N 175 
CLA H42  H  N N 176 
CLA H43  H  N N 177 
CLA H51  H  N N 178 
CLA H52  H  N N 179 
CLA H61  H  N N 180 
CLA H62  H  N N 181 
CLA H71  H  N N 182 
CLA H72  H  N N 183 
CLA H8   H  N N 184 
CLA H91  H  N N 185 
CLA H92  H  N N 186 
CLA H93  H  N N 187 
CLA H101 H  N N 188 
CLA H102 H  N N 189 
CLA H111 H  N N 190 
CLA H112 H  N N 191 
CLA H121 H  N N 192 
CLA H122 H  N N 193 
CLA H13  H  N N 194 
CLA H141 H  N N 195 
CLA H142 H  N N 196 
CLA H143 H  N N 197 
CLA H151 H  N N 198 
CLA H152 H  N N 199 
CLA H161 H  N N 200 
CLA H162 H  N N 201 
CLA H171 H  N N 202 
CLA H172 H  N N 203 
CLA H18  H  N N 204 
CLA H191 H  N N 205 
CLA H192 H  N N 206 
CLA H193 H  N N 207 
CLA H201 H  N N 208 
CLA H202 H  N N 209 
CLA H203 H  N N 210 
CYS N    N  N N 211 
CYS CA   C  N R 212 
CYS C    C  N N 213 
CYS O    O  N N 214 
CYS CB   C  N N 215 
CYS SG   S  N N 216 
CYS OXT  O  N N 217 
CYS H    H  N N 218 
CYS H2   H  N N 219 
CYS HA   H  N N 220 
CYS HB2  H  N N 221 
CYS HB3  H  N N 222 
CYS HG   H  N N 223 
CYS HXT  H  N N 224 
GLN N    N  N N 225 
GLN CA   C  N S 226 
GLN C    C  N N 227 
GLN O    O  N N 228 
GLN CB   C  N N 229 
GLN CG   C  N N 230 
GLN CD   C  N N 231 
GLN OE1  O  N N 232 
GLN NE2  N  N N 233 
GLN OXT  O  N N 234 
GLN H    H  N N 235 
GLN H2   H  N N 236 
GLN HA   H  N N 237 
GLN HB2  H  N N 238 
GLN HB3  H  N N 239 
GLN HG2  H  N N 240 
GLN HG3  H  N N 241 
GLN HE21 H  N N 242 
GLN HE22 H  N N 243 
GLN HXT  H  N N 244 
GLU N    N  N N 245 
GLU CA   C  N S 246 
GLU C    C  N N 247 
GLU O    O  N N 248 
GLU CB   C  N N 249 
GLU CG   C  N N 250 
GLU CD   C  N N 251 
GLU OE1  O  N N 252 
GLU OE2  O  N N 253 
GLU OXT  O  N N 254 
GLU H    H  N N 255 
GLU H2   H  N N 256 
GLU HA   H  N N 257 
GLU HB2  H  N N 258 
GLU HB3  H  N N 259 
GLU HG2  H  N N 260 
GLU HG3  H  N N 261 
GLU HE2  H  N N 262 
GLU HXT  H  N N 263 
GLY N    N  N N 264 
GLY CA   C  N N 265 
GLY C    C  N N 266 
GLY O    O  N N 267 
GLY OXT  O  N N 268 
GLY H    H  N N 269 
GLY H2   H  N N 270 
GLY HA2  H  N N 271 
GLY HA3  H  N N 272 
GLY HXT  H  N N 273 
HOH O    O  N N 274 
HOH H1   H  N N 275 
HOH H2   H  N N 276 
ILE N    N  N N 277 
ILE CA   C  N S 278 
ILE C    C  N N 279 
ILE O    O  N N 280 
ILE CB   C  N S 281 
ILE CG1  C  N N 282 
ILE CG2  C  N N 283 
ILE CD1  C  N N 284 
ILE OXT  O  N N 285 
ILE H    H  N N 286 
ILE H2   H  N N 287 
ILE HA   H  N N 288 
ILE HB   H  N N 289 
ILE HG12 H  N N 290 
ILE HG13 H  N N 291 
ILE HG21 H  N N 292 
ILE HG22 H  N N 293 
ILE HG23 H  N N 294 
ILE HD11 H  N N 295 
ILE HD12 H  N N 296 
ILE HD13 H  N N 297 
ILE HXT  H  N N 298 
LEU N    N  N N 299 
LEU CA   C  N S 300 
LEU C    C  N N 301 
LEU O    O  N N 302 
LEU CB   C  N N 303 
LEU CG   C  N N 304 
LEU CD1  C  N N 305 
LEU CD2  C  N N 306 
LEU OXT  O  N N 307 
LEU H    H  N N 308 
LEU H2   H  N N 309 
LEU HA   H  N N 310 
LEU HB2  H  N N 311 
LEU HB3  H  N N 312 
LEU HG   H  N N 313 
LEU HD11 H  N N 314 
LEU HD12 H  N N 315 
LEU HD13 H  N N 316 
LEU HD21 H  N N 317 
LEU HD22 H  N N 318 
LEU HD23 H  N N 319 
LEU HXT  H  N N 320 
LMG C1   C  N R 321 
LMG O1   O  N N 322 
LMG C2   C  N R 323 
LMG O2   O  N N 324 
LMG C3   C  N S 325 
LMG O3   O  N N 326 
LMG C4   C  N R 327 
LMG O4   O  N N 328 
LMG C5   C  N R 329 
LMG O5   O  N N 330 
LMG C6   C  N N 331 
LMG O6   O  N N 332 
LMG C7   C  N N 333 
LMG C8   C  N S 334 
LMG C9   C  N N 335 
LMG O7   O  N N 336 
LMG C10  C  N N 337 
LMG O9   O  N N 338 
LMG C11  C  N N 339 
LMG C12  C  N N 340 
LMG C13  C  N N 341 
LMG C14  C  N N 342 
LMG C15  C  N N 343 
LMG C16  C  N N 344 
LMG C17  C  N N 345 
LMG C18  C  N N 346 
LMG C19  C  N N 347 
LMG C20  C  N N 348 
LMG C21  C  N N 349 
LMG C22  C  N N 350 
LMG C23  C  N N 351 
LMG C24  C  N N 352 
LMG C25  C  N N 353 
LMG C26  C  N N 354 
LMG C27  C  N N 355 
LMG O8   O  N N 356 
LMG C28  C  N N 357 
LMG O10  O  N N 358 
LMG C29  C  N N 359 
LMG C30  C  N N 360 
LMG C31  C  N N 361 
LMG C32  C  N N 362 
LMG C33  C  N N 363 
LMG C34  C  N N 364 
LMG C35  C  N N 365 
LMG C36  C  N N 366 
LMG C37  C  N N 367 
LMG C38  C  N N 368 
LMG C39  C  N N 369 
LMG C40  C  N N 370 
LMG C41  C  N N 371 
LMG C42  C  N N 372 
LMG C43  C  N N 373 
LMG C44  C  N N 374 
LMG C45  C  N N 375 
LMG HC1  H  N N 376 
LMG HC2  H  N N 377 
LMG HO2  H  N N 378 
LMG HC3  H  N N 379 
LMG HO3  H  N N 380 
LMG HC4  H  N N 381 
LMG HO4  H  N N 382 
LMG HC5  H  N N 383 
LMG HO5  H  N N 384 
LMG HC61 H  N N 385 
LMG HC62 H  N N 386 
LMG HC71 H  N N 387 
LMG HC72 H  N N 388 
LMG HC8  H  N N 389 
LMG HC91 H  N N 390 
LMG HC92 H  N N 391 
LMG H111 H  N N 392 
LMG H112 H  N N 393 
LMG H121 H  N N 394 
LMG H122 H  N N 395 
LMG H131 H  N N 396 
LMG H132 H  N N 397 
LMG H141 H  N N 398 
LMG H142 H  N N 399 
LMG H151 H  N N 400 
LMG H152 H  N N 401 
LMG H161 H  N N 402 
LMG H162 H  N N 403 
LMG H171 H  N N 404 
LMG H172 H  N N 405 
LMG H181 H  N N 406 
LMG H182 H  N N 407 
LMG H191 H  N N 408 
LMG H192 H  N N 409 
LMG H201 H  N N 410 
LMG H202 H  N N 411 
LMG H211 H  N N 412 
LMG H212 H  N N 413 
LMG H221 H  N N 414 
LMG H222 H  N N 415 
LMG H231 H  N N 416 
LMG H232 H  N N 417 
LMG H241 H  N N 418 
LMG H242 H  N N 419 
LMG H251 H  N N 420 
LMG H252 H  N N 421 
LMG H261 H  N N 422 
LMG H262 H  N N 423 
LMG H271 H  N N 424 
LMG H272 H  N N 425 
LMG H273 H  N N 426 
LMG H291 H  N N 427 
LMG H292 H  N N 428 
LMG H301 H  N N 429 
LMG H302 H  N N 430 
LMG H311 H  N N 431 
LMG H312 H  N N 432 
LMG H321 H  N N 433 
LMG H322 H  N N 434 
LMG H331 H  N N 435 
LMG H332 H  N N 436 
LMG H341 H  N N 437 
LMG H342 H  N N 438 
LMG H351 H  N N 439 
LMG H352 H  N N 440 
LMG H361 H  N N 441 
LMG H362 H  N N 442 
LMG H371 H  N N 443 
LMG H372 H  N N 444 
LMG H381 H  N N 445 
LMG H382 H  N N 446 
LMG H391 H  N N 447 
LMG H392 H  N N 448 
LMG H401 H  N N 449 
LMG H402 H  N N 450 
LMG H411 H  N N 451 
LMG H412 H  N N 452 
LMG H421 H  N N 453 
LMG H422 H  N N 454 
LMG H431 H  N N 455 
LMG H432 H  N N 456 
LMG H441 H  N N 457 
LMG H442 H  N N 458 
LMG H451 H  N N 459 
LMG H452 H  N N 460 
LMG H453 H  N N 461 
LYS N    N  N N 462 
LYS CA   C  N S 463 
LYS C    C  N N 464 
LYS O    O  N N 465 
LYS CB   C  N N 466 
LYS CG   C  N N 467 
LYS CD   C  N N 468 
LYS CE   C  N N 469 
LYS NZ   N  N N 470 
LYS OXT  O  N N 471 
LYS H    H  N N 472 
LYS H2   H  N N 473 
LYS HA   H  N N 474 
LYS HB2  H  N N 475 
LYS HB3  H  N N 476 
LYS HG2  H  N N 477 
LYS HG3  H  N N 478 
LYS HD2  H  N N 479 
LYS HD3  H  N N 480 
LYS HE2  H  N N 481 
LYS HE3  H  N N 482 
LYS HZ1  H  N N 483 
LYS HZ2  H  N N 484 
LYS HZ3  H  N N 485 
LYS HXT  H  N N 486 
MET N    N  N N 487 
MET CA   C  N S 488 
MET C    C  N N 489 
MET O    O  N N 490 
MET CB   C  N N 491 
MET CG   C  N N 492 
MET SD   S  N N 493 
MET CE   C  N N 494 
MET OXT  O  N N 495 
MET H    H  N N 496 
MET H2   H  N N 497 
MET HA   H  N N 498 
MET HB2  H  N N 499 
MET HB3  H  N N 500 
MET HG2  H  N N 501 
MET HG3  H  N N 502 
MET HE1  H  N N 503 
MET HE2  H  N N 504 
MET HE3  H  N N 505 
MET HXT  H  N N 506 
PHE N    N  N N 507 
PHE CA   C  N S 508 
PHE C    C  N N 509 
PHE O    O  N N 510 
PHE CB   C  N N 511 
PHE CG   C  Y N 512 
PHE CD1  C  Y N 513 
PHE CD2  C  Y N 514 
PHE CE1  C  Y N 515 
PHE CE2  C  Y N 516 
PHE CZ   C  Y N 517 
PHE OXT  O  N N 518 
PHE H    H  N N 519 
PHE H2   H  N N 520 
PHE HA   H  N N 521 
PHE HB2  H  N N 522 
PHE HB3  H  N N 523 
PHE HD1  H  N N 524 
PHE HD2  H  N N 525 
PHE HE1  H  N N 526 
PHE HE2  H  N N 527 
PHE HZ   H  N N 528 
PHE HXT  H  N N 529 
PRO N    N  N N 530 
PRO CA   C  N S 531 
PRO C    C  N N 532 
PRO O    O  N N 533 
PRO CB   C  N N 534 
PRO CG   C  N N 535 
PRO CD   C  N N 536 
PRO OXT  O  N N 537 
PRO H    H  N N 538 
PRO HA   H  N N 539 
PRO HB2  H  N N 540 
PRO HB3  H  N N 541 
PRO HG2  H  N N 542 
PRO HG3  H  N N 543 
PRO HD2  H  N N 544 
PRO HD3  H  N N 545 
PRO HXT  H  N N 546 
SER N    N  N N 547 
SER CA   C  N S 548 
SER C    C  N N 549 
SER O    O  N N 550 
SER CB   C  N N 551 
SER OG   O  N N 552 
SER OXT  O  N N 553 
SER H    H  N N 554 
SER H2   H  N N 555 
SER HA   H  N N 556 
SER HB2  H  N N 557 
SER HB3  H  N N 558 
SER HG   H  N N 559 
SER HXT  H  N N 560 
THR N    N  N N 561 
THR CA   C  N S 562 
THR C    C  N N 563 
THR O    O  N N 564 
THR CB   C  N R 565 
THR OG1  O  N N 566 
THR CG2  C  N N 567 
THR OXT  O  N N 568 
THR H    H  N N 569 
THR H2   H  N N 570 
THR HA   H  N N 571 
THR HB   H  N N 572 
THR HG1  H  N N 573 
THR HG21 H  N N 574 
THR HG22 H  N N 575 
THR HG23 H  N N 576 
THR HXT  H  N N 577 
TYR N    N  N N 578 
TYR CA   C  N S 579 
TYR C    C  N N 580 
TYR O    O  N N 581 
TYR CB   C  N N 582 
TYR CG   C  Y N 583 
TYR CD1  C  Y N 584 
TYR CD2  C  Y N 585 
TYR CE1  C  Y N 586 
TYR CE2  C  Y N 587 
TYR CZ   C  Y N 588 
TYR OH   O  N N 589 
TYR OXT  O  N N 590 
TYR H    H  N N 591 
TYR H2   H  N N 592 
TYR HA   H  N N 593 
TYR HB2  H  N N 594 
TYR HB3  H  N N 595 
TYR HD1  H  N N 596 
TYR HD2  H  N N 597 
TYR HE1  H  N N 598 
TYR HE2  H  N N 599 
TYR HH   H  N N 600 
TYR HXT  H  N N 601 
VAL N    N  N N 602 
VAL CA   C  N S 603 
VAL C    C  N N 604 
VAL O    O  N N 605 
VAL CB   C  N N 606 
VAL CG1  C  N N 607 
VAL CG2  C  N N 608 
VAL OXT  O  N N 609 
VAL H    H  N N 610 
VAL H2   H  N N 611 
VAL HA   H  N N 612 
VAL HB   H  N N 613 
VAL HG11 H  N N 614 
VAL HG12 H  N N 615 
VAL HG13 H  N N 616 
VAL HG21 H  N N 617 
VAL HG22 H  N N 618 
VAL HG23 H  N N 619 
VAL HXT  H  N N 620 
# 
loop_
_chem_comp_bond.comp_id 
_chem_comp_bond.atom_id_1 
_chem_comp_bond.atom_id_2 
_chem_comp_bond.value_order 
_chem_comp_bond.pdbx_aromatic_flag 
_chem_comp_bond.pdbx_stereo_config 
_chem_comp_bond.pdbx_ordinal 
ALA N   CA   sing N N 1   
ALA N   H    sing N N 2   
ALA N   H2   sing N N 3   
ALA CA  C    sing N N 4   
ALA CA  CB   sing N N 5   
ALA CA  HA   sing N N 6   
ALA C   O    doub N N 7   
ALA C   OXT  sing N N 8   
ALA CB  HB1  sing N N 9   
ALA CB  HB2  sing N N 10  
ALA CB  HB3  sing N N 11  
ALA OXT HXT  sing N N 12  
ARG N   CA   sing N N 13  
ARG N   H    sing N N 14  
ARG N   H2   sing N N 15  
ARG CA  C    sing N N 16  
ARG CA  CB   sing N N 17  
ARG CA  HA   sing N N 18  
ARG C   O    doub N N 19  
ARG C   OXT  sing N N 20  
ARG CB  CG   sing N N 21  
ARG CB  HB2  sing N N 22  
ARG CB  HB3  sing N N 23  
ARG CG  CD   sing N N 24  
ARG CG  HG2  sing N N 25  
ARG CG  HG3  sing N N 26  
ARG CD  NE   sing N N 27  
ARG CD  HD2  sing N N 28  
ARG CD  HD3  sing N N 29  
ARG NE  CZ   sing N N 30  
ARG NE  HE   sing N N 31  
ARG CZ  NH1  sing N N 32  
ARG CZ  NH2  doub N N 33  
ARG NH1 HH11 sing N N 34  
ARG NH1 HH12 sing N N 35  
ARG NH2 HH21 sing N N 36  
ARG NH2 HH22 sing N N 37  
ARG OXT HXT  sing N N 38  
ASN N   CA   sing N N 39  
ASN N   H    sing N N 40  
ASN N   H2   sing N N 41  
ASN CA  C    sing N N 42  
ASN CA  CB   sing N N 43  
ASN CA  HA   sing N N 44  
ASN C   O    doub N N 45  
ASN C   OXT  sing N N 46  
ASN CB  CG   sing N N 47  
ASN CB  HB2  sing N N 48  
ASN CB  HB3  sing N N 49  
ASN CG  OD1  doub N N 50  
ASN CG  ND2  sing N N 51  
ASN ND2 HD21 sing N N 52  
ASN ND2 HD22 sing N N 53  
ASN OXT HXT  sing N N 54  
ASP N   CA   sing N N 55  
ASP N   H    sing N N 56  
ASP N   H2   sing N N 57  
ASP CA  C    sing N N 58  
ASP CA  CB   sing N N 59  
ASP CA  HA   sing N N 60  
ASP C   O    doub N N 61  
ASP C   OXT  sing N N 62  
ASP CB  CG   sing N N 63  
ASP CB  HB2  sing N N 64  
ASP CB  HB3  sing N N 65  
ASP CG  OD1  doub N N 66  
ASP CG  OD2  sing N N 67  
ASP OD2 HD2  sing N N 68  
ASP OXT HXT  sing N N 69  
CLA MG  NA   sing N N 70  
CLA MG  NB   sing N N 71  
CLA MG  NC   sing N N 72  
CLA MG  ND   sing N N 73  
CLA CHA C1A  sing N N 74  
CLA CHA C4D  doub N N 75  
CLA CHA CBD  sing N N 76  
CLA CHB C4A  doub N N 77  
CLA CHB C1B  sing N N 78  
CLA CHB HHB  sing N N 79  
CLA CHC C4B  sing N N 80  
CLA CHC C1C  doub N N 81  
CLA CHC HHC  sing N N 82  
CLA CHD C4C  sing N N 83  
CLA CHD C1D  doub N N 84  
CLA CHD HHD  sing N N 85  
CLA NA  C1A  doub N N 86  
CLA NA  C4A  sing N N 87  
CLA C1A C2A  sing N N 88  
CLA C2A C3A  sing N N 89  
CLA C2A CAA  sing N N 90  
CLA C2A H2A  sing N N 91  
CLA C3A C4A  sing N N 92  
CLA C3A CMA  sing N N 93  
CLA C3A H3A  sing N N 94  
CLA CMA HMA1 sing N N 95  
CLA CMA HMA2 sing N N 96  
CLA CMA HMA3 sing N N 97  
CLA CAA CBA  sing N N 98  
CLA CAA HAA1 sing N N 99  
CLA CAA HAA2 sing N N 100 
CLA CBA CGA  sing N N 101 
CLA CBA HBA1 sing N N 102 
CLA CBA HBA2 sing N N 103 
CLA CGA O1A  doub N N 104 
CLA CGA O2A  sing N N 105 
CLA O2A C1   sing N N 106 
CLA NB  C1B  sing Y N 107 
CLA NB  C4B  sing Y N 108 
CLA C1B C2B  doub Y N 109 
CLA C2B C3B  sing Y N 110 
CLA C2B CMB  sing N N 111 
CLA C3B C4B  doub Y N 112 
CLA C3B CAB  sing N N 113 
CLA CMB HMB1 sing N N 114 
CLA CMB HMB2 sing N N 115 
CLA CMB HMB3 sing N N 116 
CLA CAB CBB  doub N N 117 
CLA CAB HAB  sing N N 118 
CLA CBB HBB1 sing N N 119 
CLA CBB HBB2 sing N N 120 
CLA NC  C1C  sing N N 121 
CLA NC  C4C  doub N N 122 
CLA C1C C2C  sing N N 123 
CLA C2C C3C  doub N N 124 
CLA C2C CMC  sing N N 125 
CLA C3C C4C  sing N N 126 
CLA C3C CAC  sing N N 127 
CLA CMC HMC1 sing N N 128 
CLA CMC HMC2 sing N N 129 
CLA CMC HMC3 sing N N 130 
CLA CAC CBC  sing N N 131 
CLA CAC HAC1 sing N N 132 
CLA CAC HAC2 sing N N 133 
CLA CBC HBC1 sing N N 134 
CLA CBC HBC2 sing N N 135 
CLA CBC HBC3 sing N N 136 
CLA ND  C1D  sing N N 137 
CLA ND  C4D  sing N N 138 
CLA C1D C2D  sing N N 139 
CLA C2D C3D  doub N N 140 
CLA C2D CMD  sing N N 141 
CLA C3D C4D  sing N N 142 
CLA C3D CAD  sing N N 143 
CLA CMD HMD1 sing N N 144 
CLA CMD HMD2 sing N N 145 
CLA CMD HMD3 sing N N 146 
CLA CAD OBD  doub N N 147 
CLA CAD CBD  sing N N 148 
CLA CBD CGD  sing N N 149 
CLA CBD HBD  sing N N 150 
CLA CGD O1D  doub N N 151 
CLA CGD O2D  sing N N 152 
CLA O2D CED  sing N N 153 
CLA CED HED1 sing N N 154 
CLA CED HED2 sing N N 155 
CLA CED HED3 sing N N 156 
CLA C1  C2   sing N N 157 
CLA C1  H11  sing N N 158 
CLA C1  H12  sing N N 159 
CLA C2  C3   doub N E 160 
CLA C2  H2   sing N N 161 
CLA C3  C4   sing N N 162 
CLA C3  C5   sing N N 163 
CLA C4  H41  sing N N 164 
CLA C4  H42  sing N N 165 
CLA C4  H43  sing N N 166 
CLA C5  C6   sing N N 167 
CLA C5  H51  sing N N 168 
CLA C5  H52  sing N N 169 
CLA C6  C7   sing N N 170 
CLA C6  H61  sing N N 171 
CLA C6  H62  sing N N 172 
CLA C7  C8   sing N N 173 
CLA C7  H71  sing N N 174 
CLA C7  H72  sing N N 175 
CLA C8  C9   sing N N 176 
CLA C8  C10  sing N N 177 
CLA C8  H8   sing N N 178 
CLA C9  H91  sing N N 179 
CLA C9  H92  sing N N 180 
CLA C9  H93  sing N N 181 
CLA C10 C11  sing N N 182 
CLA C10 H101 sing N N 183 
CLA C10 H102 sing N N 184 
CLA C11 C12  sing N N 185 
CLA C11 H111 sing N N 186 
CLA C11 H112 sing N N 187 
CLA C12 C13  sing N N 188 
CLA C12 H121 sing N N 189 
CLA C12 H122 sing N N 190 
CLA C13 C14  sing N N 191 
CLA C13 C15  sing N N 192 
CLA C13 H13  sing N N 193 
CLA C14 H141 sing N N 194 
CLA C14 H142 sing N N 195 
CLA C14 H143 sing N N 196 
CLA C15 C16  sing N N 197 
CLA C15 H151 sing N N 198 
CLA C15 H152 sing N N 199 
CLA C16 C17  sing N N 200 
CLA C16 H161 sing N N 201 
CLA C16 H162 sing N N 202 
CLA C17 C18  sing N N 203 
CLA C17 H171 sing N N 204 
CLA C17 H172 sing N N 205 
CLA C18 C19  sing N N 206 
CLA C18 C20  sing N N 207 
CLA C18 H18  sing N N 208 
CLA C19 H191 sing N N 209 
CLA C19 H192 sing N N 210 
CLA C19 H193 sing N N 211 
CLA C20 H201 sing N N 212 
CLA C20 H202 sing N N 213 
CLA C20 H203 sing N N 214 
CYS N   CA   sing N N 215 
CYS N   H    sing N N 216 
CYS N   H2   sing N N 217 
CYS CA  C    sing N N 218 
CYS CA  CB   sing N N 219 
CYS CA  HA   sing N N 220 
CYS C   O    doub N N 221 
CYS C   OXT  sing N N 222 
CYS CB  SG   sing N N 223 
CYS CB  HB2  sing N N 224 
CYS CB  HB3  sing N N 225 
CYS SG  HG   sing N N 226 
CYS OXT HXT  sing N N 227 
GLN N   CA   sing N N 228 
GLN N   H    sing N N 229 
GLN N   H2   sing N N 230 
GLN CA  C    sing N N 231 
GLN CA  CB   sing N N 232 
GLN CA  HA   sing N N 233 
GLN C   O    doub N N 234 
GLN C   OXT  sing N N 235 
GLN CB  CG   sing N N 236 
GLN CB  HB2  sing N N 237 
GLN CB  HB3  sing N N 238 
GLN CG  CD   sing N N 239 
GLN CG  HG2  sing N N 240 
GLN CG  HG3  sing N N 241 
GLN CD  OE1  doub N N 242 
GLN CD  NE2  sing N N 243 
GLN NE2 HE21 sing N N 244 
GLN NE2 HE22 sing N N 245 
GLN OXT HXT  sing N N 246 
GLU N   CA   sing N N 247 
GLU N   H    sing N N 248 
GLU N   H2   sing N N 249 
GLU CA  C    sing N N 250 
GLU CA  CB   sing N N 251 
GLU CA  HA   sing N N 252 
GLU C   O    doub N N 253 
GLU C   OXT  sing N N 254 
GLU CB  CG   sing N N 255 
GLU CB  HB2  sing N N 256 
GLU CB  HB3  sing N N 257 
GLU CG  CD   sing N N 258 
GLU CG  HG2  sing N N 259 
GLU CG  HG3  sing N N 260 
GLU CD  OE1  doub N N 261 
GLU CD  OE2  sing N N 262 
GLU OE2 HE2  sing N N 263 
GLU OXT HXT  sing N N 264 
GLY N   CA   sing N N 265 
GLY N   H    sing N N 266 
GLY N   H2   sing N N 267 
GLY CA  C    sing N N 268 
GLY CA  HA2  sing N N 269 
GLY CA  HA3  sing N N 270 
GLY C   O    doub N N 271 
GLY C   OXT  sing N N 272 
GLY OXT HXT  sing N N 273 
HOH O   H1   sing N N 274 
HOH O   H2   sing N N 275 
ILE N   CA   sing N N 276 
ILE N   H    sing N N 277 
ILE N   H2   sing N N 278 
ILE CA  C    sing N N 279 
ILE CA  CB   sing N N 280 
ILE CA  HA   sing N N 281 
ILE C   O    doub N N 282 
ILE C   OXT  sing N N 283 
ILE CB  CG1  sing N N 284 
ILE CB  CG2  sing N N 285 
ILE CB  HB   sing N N 286 
ILE CG1 CD1  sing N N 287 
ILE CG1 HG12 sing N N 288 
ILE CG1 HG13 sing N N 289 
ILE CG2 HG21 sing N N 290 
ILE CG2 HG22 sing N N 291 
ILE CG2 HG23 sing N N 292 
ILE CD1 HD11 sing N N 293 
ILE CD1 HD12 sing N N 294 
ILE CD1 HD13 sing N N 295 
ILE OXT HXT  sing N N 296 
LEU N   CA   sing N N 297 
LEU N   H    sing N N 298 
LEU N   H2   sing N N 299 
LEU CA  C    sing N N 300 
LEU CA  CB   sing N N 301 
LEU CA  HA   sing N N 302 
LEU C   O    doub N N 303 
LEU C   OXT  sing N N 304 
LEU CB  CG   sing N N 305 
LEU CB  HB2  sing N N 306 
LEU CB  HB3  sing N N 307 
LEU CG  CD1  sing N N 308 
LEU CG  CD2  sing N N 309 
LEU CG  HG   sing N N 310 
LEU CD1 HD11 sing N N 311 
LEU CD1 HD12 sing N N 312 
LEU CD1 HD13 sing N N 313 
LEU CD2 HD21 sing N N 314 
LEU CD2 HD22 sing N N 315 
LEU CD2 HD23 sing N N 316 
LEU OXT HXT  sing N N 317 
LMG C1  O1   sing N N 318 
LMG C1  C2   sing N N 319 
LMG C1  O6   sing N N 320 
LMG C1  HC1  sing N N 321 
LMG O1  C7   sing N N 322 
LMG C2  O2   sing N N 323 
LMG C2  C3   sing N N 324 
LMG C2  HC2  sing N N 325 
LMG O2  HO2  sing N N 326 
LMG C3  O3   sing N N 327 
LMG C3  C4   sing N N 328 
LMG C3  HC3  sing N N 329 
LMG O3  HO3  sing N N 330 
LMG C4  O4   sing N N 331 
LMG C4  C5   sing N N 332 
LMG C4  HC4  sing N N 333 
LMG O4  HO4  sing N N 334 
LMG C5  C6   sing N N 335 
LMG C5  O6   sing N N 336 
LMG C5  HC5  sing N N 337 
LMG O5  C6   sing N N 338 
LMG O5  HO5  sing N N 339 
LMG C6  HC61 sing N N 340 
LMG C6  HC62 sing N N 341 
LMG C7  C8   sing N N 342 
LMG C7  HC71 sing N N 343 
LMG C7  HC72 sing N N 344 
LMG C8  C9   sing N N 345 
LMG C8  O7   sing N N 346 
LMG C8  HC8  sing N N 347 
LMG C9  O8   sing N N 348 
LMG C9  HC91 sing N N 349 
LMG C9  HC92 sing N N 350 
LMG O7  C10  sing N N 351 
LMG C10 O9   doub N N 352 
LMG C10 C11  sing N N 353 
LMG C11 C12  sing N N 354 
LMG C11 H111 sing N N 355 
LMG C11 H112 sing N N 356 
LMG C12 C13  sing N N 357 
LMG C12 H121 sing N N 358 
LMG C12 H122 sing N N 359 
LMG C13 C14  sing N N 360 
LMG C13 H131 sing N N 361 
LMG C13 H132 sing N N 362 
LMG C14 C15  sing N N 363 
LMG C14 H141 sing N N 364 
LMG C14 H142 sing N N 365 
LMG C15 C16  sing N N 366 
LMG C15 H151 sing N N 367 
LMG C15 H152 sing N N 368 
LMG C16 C17  sing N N 369 
LMG C16 H161 sing N N 370 
LMG C16 H162 sing N N 371 
LMG C17 C18  sing N N 372 
LMG C17 H171 sing N N 373 
LMG C17 H172 sing N N 374 
LMG C18 C19  sing N N 375 
LMG C18 H181 sing N N 376 
LMG C18 H182 sing N N 377 
LMG C19 C20  sing N N 378 
LMG C19 H191 sing N N 379 
LMG C19 H192 sing N N 380 
LMG C20 C21  sing N N 381 
LMG C20 H201 sing N N 382 
LMG C20 H202 sing N N 383 
LMG C21 C22  sing N N 384 
LMG C21 H211 sing N N 385 
LMG C21 H212 sing N N 386 
LMG C22 C23  sing N N 387 
LMG C22 H221 sing N N 388 
LMG C22 H222 sing N N 389 
LMG C23 C24  sing N N 390 
LMG C23 H231 sing N N 391 
LMG C23 H232 sing N N 392 
LMG C24 C25  sing N N 393 
LMG C24 H241 sing N N 394 
LMG C24 H242 sing N N 395 
LMG C25 C26  sing N N 396 
LMG C25 H251 sing N N 397 
LMG C25 H252 sing N N 398 
LMG C26 C27  sing N N 399 
LMG C26 H261 sing N N 400 
LMG C26 H262 sing N N 401 
LMG C27 H271 sing N N 402 
LMG C27 H272 sing N N 403 
LMG C27 H273 sing N N 404 
LMG O8  C28  sing N N 405 
LMG C28 O10  doub N N 406 
LMG C28 C29  sing N N 407 
LMG C29 C30  sing N N 408 
LMG C29 H291 sing N N 409 
LMG C29 H292 sing N N 410 
LMG C30 C31  sing N N 411 
LMG C30 H301 sing N N 412 
LMG C30 H302 sing N N 413 
LMG C31 C32  sing N N 414 
LMG C31 H311 sing N N 415 
LMG C31 H312 sing N N 416 
LMG C32 C33  sing N N 417 
LMG C32 H321 sing N N 418 
LMG C32 H322 sing N N 419 
LMG C33 C34  sing N N 420 
LMG C33 H331 sing N N 421 
LMG C33 H332 sing N N 422 
LMG C34 C35  sing N N 423 
LMG C34 H341 sing N N 424 
LMG C34 H342 sing N N 425 
LMG C35 C36  sing N N 426 
LMG C35 H351 sing N N 427 
LMG C35 H352 sing N N 428 
LMG C36 C37  sing N N 429 
LMG C36 H361 sing N N 430 
LMG C36 H362 sing N N 431 
LMG C37 C38  sing N N 432 
LMG C37 H371 sing N N 433 
LMG C37 H372 sing N N 434 
LMG C38 C39  sing N N 435 
LMG C38 H381 sing N N 436 
LMG C38 H382 sing N N 437 
LMG C39 C40  sing N N 438 
LMG C39 H391 sing N N 439 
LMG C39 H392 sing N N 440 
LMG C40 C41  sing N N 441 
LMG C40 H401 sing N N 442 
LMG C40 H402 sing N N 443 
LMG C41 C42  sing N N 444 
LMG C41 H411 sing N N 445 
LMG C41 H412 sing N N 446 
LMG C42 C43  sing N N 447 
LMG C42 H421 sing N N 448 
LMG C42 H422 sing N N 449 
LMG C43 C44  sing N N 450 
LMG C43 H431 sing N N 451 
LMG C43 H432 sing N N 452 
LMG C44 C45  sing N N 453 
LMG C44 H441 sing N N 454 
LMG C44 H442 sing N N 455 
LMG C45 H451 sing N N 456 
LMG C45 H452 sing N N 457 
LMG C45 H453 sing N N 458 
LYS N   CA   sing N N 459 
LYS N   H    sing N N 460 
LYS N   H2   sing N N 461 
LYS CA  C    sing N N 462 
LYS CA  CB   sing N N 463 
LYS CA  HA   sing N N 464 
LYS C   O    doub N N 465 
LYS C   OXT  sing N N 466 
LYS CB  CG   sing N N 467 
LYS CB  HB2  sing N N 468 
LYS CB  HB3  sing N N 469 
LYS CG  CD   sing N N 470 
LYS CG  HG2  sing N N 471 
LYS CG  HG3  sing N N 472 
LYS CD  CE   sing N N 473 
LYS CD  HD2  sing N N 474 
LYS CD  HD3  sing N N 475 
LYS CE  NZ   sing N N 476 
LYS CE  HE2  sing N N 477 
LYS CE  HE3  sing N N 478 
LYS NZ  HZ1  sing N N 479 
LYS NZ  HZ2  sing N N 480 
LYS NZ  HZ3  sing N N 481 
LYS OXT HXT  sing N N 482 
MET N   CA   sing N N 483 
MET N   H    sing N N 484 
MET N   H2   sing N N 485 
MET CA  C    sing N N 486 
MET CA  CB   sing N N 487 
MET CA  HA   sing N N 488 
MET C   O    doub N N 489 
MET C   OXT  sing N N 490 
MET CB  CG   sing N N 491 
MET CB  HB2  sing N N 492 
MET CB  HB3  sing N N 493 
MET CG  SD   sing N N 494 
MET CG  HG2  sing N N 495 
MET CG  HG3  sing N N 496 
MET SD  CE   sing N N 497 
MET CE  HE1  sing N N 498 
MET CE  HE2  sing N N 499 
MET CE  HE3  sing N N 500 
MET OXT HXT  sing N N 501 
PHE N   CA   sing N N 502 
PHE N   H    sing N N 503 
PHE N   H2   sing N N 504 
PHE CA  C    sing N N 505 
PHE CA  CB   sing N N 506 
PHE CA  HA   sing N N 507 
PHE C   O    doub N N 508 
PHE C   OXT  sing N N 509 
PHE CB  CG   sing N N 510 
PHE CB  HB2  sing N N 511 
PHE CB  HB3  sing N N 512 
PHE CG  CD1  doub Y N 513 
PHE CG  CD2  sing Y N 514 
PHE CD1 CE1  sing Y N 515 
PHE CD1 HD1  sing N N 516 
PHE CD2 CE2  doub Y N 517 
PHE CD2 HD2  sing N N 518 
PHE CE1 CZ   doub Y N 519 
PHE CE1 HE1  sing N N 520 
PHE CE2 CZ   sing Y N 521 
PHE CE2 HE2  sing N N 522 
PHE CZ  HZ   sing N N 523 
PHE OXT HXT  sing N N 524 
PRO N   CA   sing N N 525 
PRO N   CD   sing N N 526 
PRO N   H    sing N N 527 
PRO CA  C    sing N N 528 
PRO CA  CB   sing N N 529 
PRO CA  HA   sing N N 530 
PRO C   O    doub N N 531 
PRO C   OXT  sing N N 532 
PRO CB  CG   sing N N 533 
PRO CB  HB2  sing N N 534 
PRO CB  HB3  sing N N 535 
PRO CG  CD   sing N N 536 
PRO CG  HG2  sing N N 537 
PRO CG  HG3  sing N N 538 
PRO CD  HD2  sing N N 539 
PRO CD  HD3  sing N N 540 
PRO OXT HXT  sing N N 541 
SER N   CA   sing N N 542 
SER N   H    sing N N 543 
SER N   H2   sing N N 544 
SER CA  C    sing N N 545 
SER CA  CB   sing N N 546 
SER CA  HA   sing N N 547 
SER C   O    doub N N 548 
SER C   OXT  sing N N 549 
SER CB  OG   sing N N 550 
SER CB  HB2  sing N N 551 
SER CB  HB3  sing N N 552 
SER OG  HG   sing N N 553 
SER OXT HXT  sing N N 554 
THR N   CA   sing N N 555 
THR N   H    sing N N 556 
THR N   H2   sing N N 557 
THR CA  C    sing N N 558 
THR CA  CB   sing N N 559 
THR CA  HA   sing N N 560 
THR C   O    doub N N 561 
THR C   OXT  sing N N 562 
THR CB  OG1  sing N N 563 
THR CB  CG2  sing N N 564 
THR CB  HB   sing N N 565 
THR OG1 HG1  sing N N 566 
THR CG2 HG21 sing N N 567 
THR CG2 HG22 sing N N 568 
THR CG2 HG23 sing N N 569 
THR OXT HXT  sing N N 570 
TYR N   CA   sing N N 571 
TYR N   H    sing N N 572 
TYR N   H2   sing N N 573 
TYR CA  C    sing N N 574 
TYR CA  CB   sing N N 575 
TYR CA  HA   sing N N 576 
TYR C   O    doub N N 577 
TYR C   OXT  sing N N 578 
TYR CB  CG   sing N N 579 
TYR CB  HB2  sing N N 580 
TYR CB  HB3  sing N N 581 
TYR CG  CD1  doub Y N 582 
TYR CG  CD2  sing Y N 583 
TYR CD1 CE1  sing Y N 584 
TYR CD1 HD1  sing N N 585 
TYR CD2 CE2  doub Y N 586 
TYR CD2 HD2  sing N N 587 
TYR CE1 CZ   doub Y N 588 
TYR CE1 HE1  sing N N 589 
TYR CE2 CZ   sing Y N 590 
TYR CE2 HE2  sing N N 591 
TYR CZ  OH   sing N N 592 
TYR OH  HH   sing N N 593 
TYR OXT HXT  sing N N 594 
VAL N   CA   sing N N 595 
VAL N   H    sing N N 596 
VAL N   H2   sing N N 597 
VAL CA  C    sing N N 598 
VAL CA  CB   sing N N 599 
VAL CA  HA   sing N N 600 
VAL C   O    doub N N 601 
VAL C   OXT  sing N N 602 
VAL CB  CG1  sing N N 603 
VAL CB  CG2  sing N N 604 
VAL CB  HB   sing N N 605 
VAL CG1 HG11 sing N N 606 
VAL CG1 HG12 sing N N 607 
VAL CG1 HG13 sing N N 608 
VAL CG2 HG21 sing N N 609 
VAL CG2 HG22 sing N N 610 
VAL CG2 HG23 sing N N 611 
VAL OXT HXT  sing N N 612 
# 
_em_ctf_correction.details                  ? 
_em_ctf_correction.em_image_processing_id   1 
_em_ctf_correction.id                       1 
_em_ctf_correction.type                     'PHASE FLIPPING AND AMPLITUDE CORRECTION' 
# 
_em_entity_assembly_naturalsource.cell                 ? 
_em_entity_assembly_naturalsource.cellular_location    ? 
_em_entity_assembly_naturalsource.entity_assembly_id   1 
_em_entity_assembly_naturalsource.id                   1 
_em_entity_assembly_naturalsource.ncbi_tax_id          52970 
_em_entity_assembly_naturalsource.organism             'Rhodomonas salina' 
_em_entity_assembly_naturalsource.organelle            ? 
_em_entity_assembly_naturalsource.organ                ? 
_em_entity_assembly_naturalsource.strain               ? 
_em_entity_assembly_naturalsource.tissue               ? 
_em_entity_assembly_naturalsource.details              ? 
# 
_em_image_processing.details              ? 
_em_image_processing.id                   1 
_em_image_processing.image_recording_id   1 
# 
_em_image_recording.average_exposure_time               ? 
_em_image_recording.avg_electron_dose_per_subtomogram   ? 
_em_image_recording.avg_electron_dose_per_image         60 
_em_image_recording.details                             ? 
_em_image_recording.detector_mode                       ? 
_em_image_recording.film_or_detector_model              'GATAN K2 QUANTUM (4k x 4k)' 
_em_image_recording.id                                  1 
_em_image_recording.imaging_id                          1 
_em_image_recording.num_diffraction_images              ? 
_em_image_recording.num_grids_imaged                    ? 
_em_image_recording.num_real_images                     ? 
# 
loop_
_em_software.category 
_em_software.details 
_em_software.id 
_em_software.image_processing_id 
_em_software.fitting_id 
_em_software.imaging_id 
_em_software.name 
_em_software.version 
'PARTICLE SELECTION'            ? 1  1 ? ? ? ? 
'IMAGE ACQUISITION'             ? 2  ? ? 1 ? ? 
MASKING                         ? 3  ? ? ? ? ? 
'CTF CORRECTION'                ? 4  1 ? ? ? ? 
'LAYERLINE INDEXING'            ? 5  ? ? ? ? ? 
'DIFFRACTION INDEXING'          ? 6  ? ? ? ? ? 
'MODEL FITTING'                 ? 7  ? ? ? ? ? 
'MODEL REFINEMENT'              ? 8  ? ? ? ? ? 
OTHER                           ? 9  ? ? ? ? ? 
'INITIAL EULER ASSIGNMENT'      ? 10 1 ? ? ? ? 
'FINAL EULER ASSIGNMENT'        ? 11 1 ? ? ? ? 
CLASSIFICATION                  ? 12 1 ? ? ? ? 
RECONSTRUCTION                  ? 13 1 ? ? ? ? 
'VOLUME SELECTION'              ? 14 1 1 1 ? ? 
'SERIES ALIGNMENT'              ? 15 1 1 1 ? ? 
'MOLECULAR REPLACEMENT'         ? 16 1 1 1 ? ? 
'LATTICE DISTORTION CORRECTION' ? 17 1 1 1 ? ? 
'SYMMETRY DETERMINATION'        ? 18 1 1 1 ? ? 
'CRYSTALLOGRAPHY MERGING'       ? 19 1 1 1 ? ? 
# 
_em_specimen.concentration           ? 
_em_specimen.details                 ? 
_em_specimen.embedding_applied       NO 
_em_specimen.experiment_id           1 
_em_specimen.id                      1 
_em_specimen.shadowing_applied       NO 
_em_specimen.staining_applied        NO 
_em_specimen.vitrification_applied   YES 
# 
loop_
_pdbx_audit_support.funding_organization 
_pdbx_audit_support.country 
_pdbx_audit_support.grant_number 
_pdbx_audit_support.ordinal 
'National Basic Research Program of China (973 Program)' China ? 1 
'National Natural Science Foundation of China (NSFC)'    China ? 2 
# 
_pdbx_entity_instance_feature.ordinal        1 
_pdbx_entity_instance_feature.comp_id        CLA 
_pdbx_entity_instance_feature.asym_id        ? 
_pdbx_entity_instance_feature.seq_num        ? 
_pdbx_entity_instance_feature.auth_comp_id   CLA 
_pdbx_entity_instance_feature.auth_asym_id   ? 
_pdbx_entity_instance_feature.auth_seq_num   ? 
_pdbx_entity_instance_feature.feature_type   'SUBJECT OF INVESTIGATION' 
_pdbx_entity_instance_feature.details        ? 
# 
_space_group.crystal_system   triclinic 
_space_group.name_H-M_alt     'P 1' 
_space_group.IT_number        1 
_space_group.name_Hall        'P 1' 
_space_group.id               1 
# 
_atom_sites.entry_id                    8WNW 
_atom_sites.Cartn_transf_matrix[1][1]   ? 
_atom_sites.Cartn_transf_matrix[1][2]   ? 
_atom_sites.Cartn_transf_matrix[1][3]   ? 
_atom_sites.Cartn_transf_matrix[2][1]   ? 
_atom_sites.Cartn_transf_matrix[2][2]   ? 
_atom_sites.Cartn_transf_matrix[2][3]   ? 
_atom_sites.Cartn_transf_matrix[3][1]   ? 
_atom_sites.Cartn_transf_matrix[3][2]   ? 
_atom_sites.Cartn_transf_matrix[3][3]   ? 
_atom_sites.Cartn_transf_vector[1]      ? 
_atom_sites.Cartn_transf_vector[2]      ? 
_atom_sites.Cartn_transf_vector[3]      ? 
_atom_sites.Cartn_transform_axes        ? 
_atom_sites.fract_transf_matrix[1][1]   1.000000 
_atom_sites.fract_transf_matrix[1][2]   0.000000 
_atom_sites.fract_transf_matrix[1][3]   0.000000 
_atom_sites.fract_transf_matrix[2][1]   0.000000 
_atom_sites.fract_transf_matrix[2][2]   1.000000 
_atom_sites.fract_transf_matrix[2][3]   0.000000 
_atom_sites.fract_transf_matrix[3][1]   0.000000 
_atom_sites.fract_transf_matrix[3][2]   0.000000 
_atom_sites.fract_transf_matrix[3][3]   1.000000 
_atom_sites.fract_transf_vector[1]      0.00000 
_atom_sites.fract_transf_vector[2]      0.00000 
_atom_sites.fract_transf_vector[3]      0.00000 
_atom_sites.solution_primary            ? 
_atom_sites.solution_secondary          ? 
_atom_sites.solution_hydrogens          ? 
_atom_sites.special_details             ? 
# 
loop_
_atom_type.symbol 
C  
MG 
N  
O  
S  
# 
loop_
_atom_site.group_PDB 
_atom_site.id 
_atom_site.type_symbol 
_atom_site.label_atom_id 
_atom_site.label_alt_id 
_atom_site.label_comp_id 
_atom_site.label_asym_id 
_atom_site.label_entity_id 
_atom_site.label_seq_id 
_atom_site.pdbx_PDB_ins_code 
_atom_site.Cartn_x 
_atom_site.Cartn_y 
_atom_site.Cartn_z 
_atom_site.occupancy 
_atom_site.B_iso_or_equiv 
_atom_site.pdbx_formal_charge 
_atom_site.auth_seq_id 
_atom_site.auth_comp_id 
_atom_site.auth_asym_id 
_atom_site.auth_atom_id 
_atom_site.pdbx_PDB_model_num 
ATOM   1    N  N   . ALA A 1 56  ? -16.00139 4.20116   5.44093   1.000 81.70000  ? 56  ALA Q N   1 
ATOM   2    C  CA  . ALA A 1 56  ? -15.40775 5.52386   5.52996   1.000 81.70000  ? 56  ALA Q CA  1 
ATOM   3    C  C   . ALA A 1 56  ? -13.90828 5.38548   5.64349   1.000 81.70000  ? 56  ALA Q C   1 
ATOM   4    O  O   . ALA A 1 56  ? -13.16314 6.31476   5.34927   1.000 81.70000  ? 56  ALA Q O   1 
ATOM   5    C  CB  . ALA A 1 56  ? -15.96318 6.28877   6.70373   1.000 81.70000  ? 56  ALA Q CB  1 
ATOM   6    N  N   . SER A 1 57  ? -13.46835 4.22209   6.10201   1.000 77.06000  ? 57  SER Q N   1 
ATOM   7    C  CA  . SER A 1 57  ? -12.05398 3.91872   6.18971   1.000 77.06000  ? 57  SER Q CA  1 
ATOM   8    C  C   . SER A 1 57  ? -11.87353 2.44124   5.87993   1.000 77.06000  ? 57  SER Q C   1 
ATOM   9    O  O   . SER A 1 57  ? -12.83170 1.74044   5.55754   1.000 77.06000  ? 57  SER Q O   1 
ATOM   10   C  CB  . SER A 1 57  ? -11.49947 4.31794   7.55524   1.000 77.06000  ? 57  SER Q CB  1 
ATOM   11   O  OG  . SER A 1 57  ? -11.65452 5.71506   7.73790   1.000 77.06000  ? 57  SER Q OG  1 
ATOM   12   N  N   . LEU A 1 58  ? -10.62999 1.96848   5.89392   1.000 73.14000  ? 58  LEU Q N   1 
ATOM   13   C  CA  . LEU A 1 58  ? -10.38596 0.55353   5.51727   1.000 73.14000  ? 58  LEU Q CA  1 
ATOM   14   C  C   . LEU A 1 58  ? -9.98355  -0.21893  6.77200   1.000 73.14000  ? 58  LEU Q C   1 
ATOM   15   O  O   . LEU A 1 58  ? -9.28707  0.36462   7.62019   1.000 73.14000  ? 58  LEU Q O   1 
ATOM   16   C  CB  . LEU A 1 58  ? -9.31952  0.51619   4.42214   1.000 73.14000  ? 58  LEU Q CB  1 
ATOM   17   C  CG  . LEU A 1 58  ? -9.72888  1.19855   3.11817   1.000 73.14000  ? 58  LEU Q CG  1 
ATOM   18   C  CD1 . LEU A 1 58  ? -8.57021  1.97017   2.51036   1.000 73.14000  ? 58  LEU Q CD1 1 
ATOM   19   C  CD2 . LEU A 1 58  ? -10.29318 0.19489   2.12697   1.000 73.14000  ? 58  LEU Q CD2 1 
ATOM   20   N  N   . ASP A 1 59  ? -10.39445 -1.48133  6.88192   1.000 74.85000  ? 59  ASP Q N   1 
ATOM   21   C  CA  . ASP A 1 59  ? -10.13464 -2.24964  8.12656   1.000 74.85000  ? 59  ASP Q CA  1 
ATOM   22   C  C   . ASP A 1 59  ? -8.62956  -2.34107  8.36487   1.000 74.85000  ? 59  ASP Q C   1 
ATOM   23   O  O   . ASP A 1 59  ? -7.88160  -2.51034  7.39144   1.000 74.85000  ? 59  ASP Q O   1 
ATOM   24   C  CB  . ASP A 1 59  ? -10.74082 -3.65082  8.05130   1.000 74.85000  ? 59  ASP Q CB  1 
ATOM   25   C  CG  . ASP A 1 59  ? -12.21025 -3.71518  8.42047   1.000 74.85000  ? 59  ASP Q CG  1 
ATOM   26   O  OD1 . ASP A 1 59  ? -12.52036 -3.51431  9.60878   1.000 74.85000  ? 59  ASP Q OD1 1 
ATOM   27   O  OD2 . ASP A 1 59  ? -13.02950 -3.97543  7.51845   1.000 74.85000  ? 59  ASP Q OD2 1 
ATOM   28   N  N   . PRO A 1 60  ? -8.16120  -2.23983  9.62368   1.000 71.30000  ? 60  PRO Q N   1 
ATOM   29   C  CA  . PRO A 1 60  ? -6.73540  -2.28534  9.90775   1.000 71.30000  ? 60  PRO Q CA  1 
ATOM   30   C  C   . PRO A 1 60  ? -6.11916  -3.61877  9.47437   1.000 71.30000  ? 60  PRO Q C   1 
ATOM   31   O  O   . PRO A 1 60  ? -5.04614  -3.59583  8.91023   1.000 71.30000  ? 60  PRO Q O   1 
ATOM   32   C  CB  . PRO A 1 60  ? -6.67944  -2.19934  11.43776  1.000 71.30000  ? 60  PRO Q CB  1 
ATOM   33   C  CG  . PRO A 1 60  ? -7.96608  -1.50762  11.81904  1.000 71.30000  ? 60  PRO Q CG  1 
ATOM   34   C  CD  . PRO A 1 60  ? -8.97460  -2.03456  10.82255  1.000 71.30000  ? 60  PRO Q CD  1 
ATOM   35   N  N   . LYS A 1 61  ? -6.82076  -4.73370  9.70163   1.000 70.46000  ? 61  LYS Q N   1 
ATOM   36   C  CA  . LYS A 1 61  ? -6.24006  -6.06771  9.38372   1.000 70.46000  ? 61  LYS Q CA  1 
ATOM   37   C  C   . LYS A 1 61  ? -6.79537  -6.60079  8.05696   1.000 70.46000  ? 61  LYS Q C   1 
ATOM   38   O  O   . LYS A 1 61  ? -5.98856  -6.81160  7.13640   1.000 70.46000  ? 61  LYS Q O   1 
ATOM   39   C  CB  . LYS A 1 61  ? -6.43466  -7.03637  10.55378  1.000 70.46000  ? 61  LYS Q CB  1 
ATOM   40   C  CG  . LYS A 1 61  ? -5.57231  -6.73082  11.77115  1.000 70.46000  ? 61  LYS Q CG  1 
ATOM   41   C  CD  . LYS A 1 61  ? -4.12032  -6.49927  11.40678  1.000 70.46000  ? 61  LYS Q CD  1 
ATOM   42   C  CE  . LYS A 1 61  ? -3.27438  -6.00819  12.56158  1.000 70.46000  ? 61  LYS Q CE  1 
ATOM   43   N  NZ  . LYS A 1 61  ? -1.87619  -5.74997  12.14318  1.000 70.46000  ? 61  LYS Q NZ  1 
ATOM   44   N  N   . THR A 1 62  ? -8.11403  -6.80380  7.94868   1.000 71.50000  ? 62  THR Q N   1 
ATOM   45   C  CA  . THR A 1 62  ? -8.69337  -7.42590  6.72138   1.000 71.50000  ? 62  THR Q CA  1 
ATOM   46   C  C   . THR A 1 62  ? -8.60672  -6.46396  5.53312   1.000 71.50000  ? 62  THR Q C   1 
ATOM   47   O  O   . THR A 1 62  ? -8.47368  -6.95663  4.40018   1.000 71.50000  ? 62  THR Q O   1 
ATOM   48   C  CB  . THR A 1 62  ? -10.08610 -8.01022  6.98331   1.000 71.50000  ? 62  THR Q CB  1 
ATOM   49   O  OG1 . THR A 1 62  ? -10.34881 -8.98761  5.97460   1.000 71.50000  ? 62  THR Q OG1 1 
ATOM   50   C  CG2 . THR A 1 62  ? -11.19195 -6.97962  7.00798   1.000 71.50000  ? 62  THR Q CG2 1 
ATOM   51   N  N   . GLY A 1 63  ? -8.67992  -5.15580  5.77670   1.000 72.39000  ? 63  GLY Q N   1 
ATOM   52   C  CA  . GLY A 1 63  ? -8.50986  -4.15484  4.70168   1.000 72.39000  ? 63  GLY Q CA  1 
ATOM   53   C  C   . GLY A 1 63  ? -9.78269  -3.93402  3.90352   1.000 72.39000  ? 63  GLY Q C   1 
ATOM   54   O  O   . GLY A 1 63  ? -9.73220  -3.17808  2.91571   1.000 72.39000  ? 63  GLY Q O   1 
ATOM   55   N  N   . PHE A 1 64  ? -10.88460 -4.56775  4.31172   1.000 74.68000  ? 64  PHE Q N   1 
ATOM   56   C  CA  . PHE A 1 64  ? -12.18994 -4.41013  3.61564   1.000 74.68000  ? 64  PHE Q CA  1 
ATOM   57   C  C   . PHE A 1 64  ? -12.81885 -3.05644  3.96991   1.000 74.68000  ? 64  PHE Q C   1 
ATOM   58   O  O   . PHE A 1 64  ? -12.39948 -2.44802  4.97365   1.000 74.68000  ? 64  PHE Q O   1 
ATOM   59   C  CB  . PHE A 1 64  ? -13.10407 -5.59346  3.94388   1.000 74.68000  ? 64  PHE Q CB  1 
ATOM   60   C  CG  . PHE A 1 64  ? -12.90565 -6.79097  3.04903   1.000 74.68000  ? 64  PHE Q CG  1 
ATOM   61   C  CD1 . PHE A 1 64  ? -11.92114 -7.72656  3.32113   1.000 74.68000  ? 64  PHE Q CD1 1 
ATOM   62   C  CD2 . PHE A 1 64  ? -13.69444 -6.97415  1.92473   1.000 74.68000  ? 64  PHE Q CD2 1 
ATOM   63   C  CE1 . PHE A 1 64  ? -11.73665 -8.82424  2.49473   1.000 74.68000  ? 64  PHE Q CE1 1 
ATOM   64   C  CE2 . PHE A 1 64  ? -13.50855 -8.07203  1.09828   1.000 74.68000  ? 64  PHE Q CE2 1 
ATOM   65   C  CZ  . PHE A 1 64  ? -12.52956 -8.99422  1.38505   1.000 74.68000  ? 64  PHE Q CZ  1 
ATOM   66   N  N   . PRO A 1 65  ? -13.80686 -2.54795  3.19541   1.000 77.44000  ? 65  PRO Q N   1 
ATOM   67   C  CA  . PRO A 1 65  ? -14.50143 -1.30310  3.55250   1.000 77.44000  ? 65  PRO Q CA  1 
ATOM   68   C  C   . PRO A 1 65  ? -15.11088 -1.48277  4.94774   1.000 77.44000  ? 65  PRO Q C   1 
ATOM   69   O  O   . PRO A 1 65  ? -15.60983 -2.55949  5.22594   1.000 77.44000  ? 65  PRO Q O   1 
ATOM   70   C  CB  . PRO A 1 65  ? -15.60808 -1.21876  2.49658   1.000 77.44000  ? 65  PRO Q CB  1 
ATOM   71   C  CG  . PRO A 1 65  ? -15.02767 -1.93208  1.30113   1.000 77.44000  ? 65  PRO Q CG  1 
ATOM   72   C  CD  . PRO A 1 65  ? -14.24888 -3.08087  1.90290   1.000 77.44000  ? 65  PRO Q CD  1 
ATOM   73   N  N   . ILE A 1 66  ? -15.15953 -0.41220  5.74026   1.000 83.04000  ? 66  ILE Q N   1 
ATOM   74   C  CA  . ILE A 1 66  ? -15.62825 -0.58376  7.14567   1.000 83.04000  ? 66  ILE Q CA  1 
ATOM   75   C  C   . ILE A 1 66  ? -17.10782 -0.20652  7.32685   1.000 83.04000  ? 66  ILE Q C   1 
ATOM   76   O  O   . ILE A 1 66  ? -17.81770 -1.00892  7.96335   1.000 83.04000  ? 66  ILE Q O   1 
ATOM   77   C  CB  . ILE A 1 66  ? -14.67021 0.09249   8.15132   1.000 83.04000  ? 66  ILE Q CB  1 
ATOM   78   C  CG1 . ILE A 1 66  ? -14.73372 -0.56722  9.53181   1.000 83.04000  ? 66  ILE Q CG1 1 
ATOM   79   C  CG2 . ILE A 1 66  ? -14.88170 1.59722   8.22892   1.000 83.04000  ? 66  ILE Q CG2 1 
ATOM   80   C  CD1 . ILE A 1 66  ? -13.71482 -0.03343  10.51150  1.000 83.04000  ? 66  ILE Q CD1 1 
ATOM   81   N  N   . LYS A 1 73  ? -28.21851 5.50942   0.37849   1.000 96.39000  ? 73  LYS Q N   1 
ATOM   82   C  CA  . LYS A 1 73  ? -29.32864 6.41668   -0.01055  1.000 96.39000  ? 73  LYS Q CA  1 
ATOM   83   C  C   . LYS A 1 73  ? -30.02241 5.83542   -1.24049  1.000 96.39000  ? 73  LYS Q C   1 
ATOM   84   O  O   . LYS A 1 73  ? -29.32568 5.53666   -2.22839  1.000 96.39000  ? 73  LYS Q O   1 
ATOM   85   C  CB  . LYS A 1 73  ? -28.75978 7.80444   -0.31719  1.000 96.39000  ? 73  LYS Q CB  1 
ATOM   86   C  CG  . LYS A 1 73  ? -27.99996 8.46016   0.82781   1.000 96.39000  ? 73  LYS Q CG  1 
ATOM   87   C  CD  . LYS A 1 73  ? -27.07170 9.56393   0.37347   1.000 96.39000  ? 73  LYS Q CD  1 
ATOM   88   C  CE  . LYS A 1 73  ? -25.89511 9.04974   -0.42872  1.000 96.39000  ? 73  LYS Q CE  1 
ATOM   89   N  NZ  . LYS A 1 73  ? -25.07937 10.15464  -0.98596  1.000 96.39000  ? 73  LYS Q NZ  1 
ATOM   90   N  N   . LEU A 1 74  ? -31.34365 5.68700   -1.17964  1.000 30.00000  ? 74  LEU Q N   1 
ATOM   91   C  CA  . LEU A 1 74  ? -32.07200 5.04616   -2.29904  1.000 30.00000  ? 74  LEU Q CA  1 
ATOM   92   C  C   . LEU A 1 74  ? -32.93589 6.09469   -3.00355  1.000 30.00000  ? 74  LEU Q C   1 
ATOM   93   O  O   . LEU A 1 74  ? -33.95331 6.50957   -2.41586  1.000 30.00000  ? 74  LEU Q O   1 
ATOM   94   C  CB  . LEU A 1 74  ? -32.92060 3.91436   -1.71570  1.000 30.00000  ? 74  LEU Q CB  1 
ATOM   95   C  CG  . LEU A 1 74  ? -33.58721 2.99960   -2.73842  1.000 30.00000  ? 74  LEU Q CG  1 
ATOM   96   C  CD1 . LEU A 1 74  ? -32.54863 2.37825   -3.65943  1.000 30.00000  ? 74  LEU Q CD1 1 
ATOM   97   C  CD2 . LEU A 1 74  ? -34.39574 1.92242   -2.03551  1.000 30.00000  ? 74  LEU Q CD2 1 
ATOM   98   N  N   . CYS A 1 75  ? -32.54402 6.50071   -4.21388  1.000 101.96000 ? 75  CYS Q N   1 
ATOM   99   C  CA  . CYS A 1 75  ? -33.32492 7.50050   -4.99135  1.000 101.96000 ? 75  CYS Q CA  1 
ATOM   100  C  C   . CYS A 1 75  ? -33.78828 6.86512   -6.30632  1.000 101.96000 ? 75  CYS Q C   1 
ATOM   101  O  O   . CYS A 1 75  ? -33.10615 5.93580   -6.78253  1.000 101.96000 ? 75  CYS Q O   1 
ATOM   102  C  CB  . CYS A 1 75  ? -32.48355 8.73725   -5.28121  1.000 101.96000 ? 75  CYS Q CB  1 
ATOM   103  S  SG  . CYS A 1 75  ? -33.43564 10.11902  -5.96428  1.000 101.96000 ? 75  CYS Q SG  1 
ATOM   104  N  N   . GLY A 1 76  ? -34.90023 7.35090   -6.86747  1.000 102.76000 ? 76  GLY Q N   1 
ATOM   105  C  CA  . GLY A 1 76  ? -35.42358 6.79597   -8.12979  1.000 102.76000 ? 76  GLY Q CA  1 
ATOM   106  C  C   . GLY A 1 76  ? -35.07915 7.68364   -9.31131  1.000 102.76000 ? 76  GLY Q C   1 
ATOM   107  O  O   . GLY A 1 76  ? -35.45318 8.87169   -9.28291  1.000 102.76000 ? 76  GLY Q O   1 
ATOM   108  N  N   . GLY A 1 77  ? -34.38288 7.13096   -10.30953 1.000 105.32000 ? 77  GLY Q N   1 
ATOM   109  C  CA  . GLY A 1 77  ? -33.97794 7.90566   -11.50003 1.000 105.32000 ? 77  GLY Q CA  1 
ATOM   110  C  C   . GLY A 1 77  ? -32.67598 8.64953   -11.26370 1.000 105.32000 ? 77  GLY Q C   1 
ATOM   111  O  O   . GLY A 1 77  ? -32.17204 9.26861   -12.22176 1.000 105.32000 ? 77  GLY Q O   1 
ATOM   112  N  N   . SER A 1 78  ? -32.14437 8.59112   -10.03804 1.000 103.39000 ? 78  SER Q N   1 
ATOM   113  C  CA  . SER A 1 78  ? -30.83572 9.22665   -9.72970  1.000 103.39000 ? 78  SER Q CA  1 
ATOM   114  C  C   . SER A 1 78  ? -29.96107 8.23089   -8.96332  1.000 103.39000 ? 78  SER Q C   1 
ATOM   115  O  O   . SER A 1 78  ? -30.47790 7.60407   -8.01728  1.000 103.39000 ? 78  SER Q O   1 
ATOM   116  C  CB  . SER A 1 78  ? -31.01999 10.50369  -8.95562  1.000 103.39000 ? 78  SER Q CB  1 
ATOM   117  O  OG  . SER A 1 78  ? -29.76368 11.05745  -8.59189  1.000 103.39000 ? 78  SER Q OG  1 
ATOM   118  N  N   . ALA A 1 79  ? -28.69022 8.09318   -9.35250  1.000 100.53000 ? 79  ALA Q N   1 
ATOM   119  C  CA  . ALA A 1 79  ? -27.77003 7.20018   -8.61066  1.000 100.53000 ? 79  ALA Q CA  1 
ATOM   120  C  C   . ALA A 1 79  ? -27.59589 7.72643   -7.18386  1.000 100.53000 ? 79  ALA Q C   1 
ATOM   121  O  O   . ALA A 1 79  ? -27.60284 6.90076   -6.25069  1.000 100.53000 ? 79  ALA Q O   1 
ATOM   122  C  CB  . ALA A 1 79  ? -26.44853 7.11043   -9.33236  1.000 100.53000 ? 79  ALA Q CB  1 
ATOM   123  N  N   . SER A 1 80  ? -27.42142 9.04351   -7.02566  1.000 98.26000  ? 80  SER Q N   1 
ATOM   124  C  CA  . SER A 1 80  ? -27.30585 9.66028   -5.67493  1.000 98.26000  ? 80  SER Q CA  1 
ATOM   125  C  C   . SER A 1 80  ? -26.20405 8.96555   -4.87072  1.000 98.26000  ? 80  SER Q C   1 
ATOM   126  O  O   . SER A 1 80  ? -26.40268 8.79299   -3.65237  1.000 98.26000  ? 80  SER Q O   1 
ATOM   127  C  CB  . SER A 1 80  ? -28.62539 9.64870   -4.94552  1.000 98.26000  ? 80  SER Q CB  1 
ATOM   128  O  OG  . SER A 1 80  ? -29.58070 10.44840  -5.62471  1.000 98.26000  ? 80  SER Q OG  1 
ATOM   129  N  N   . ALA A 1 81  ? -25.11402 8.56241   -5.53658  1.000 91.11000  ? 81  ALA Q N   1 
ATOM   130  C  CA  . ALA A 1 81  ? -23.97807 7.88318   -4.86602  1.000 91.11000  ? 81  ALA Q CA  1 
ATOM   131  C  C   . ALA A 1 81  ? -24.48611 6.78068   -3.93306  1.000 91.11000  ? 81  ALA Q C   1 
ATOM   132  O  O   . ALA A 1 81  ? -23.89605 6.61071   -2.84936  1.000 91.11000  ? 81  ALA Q O   1 
ATOM   133  C  CB  . ALA A 1 81  ? -23.12818 8.89018   -4.12977  1.000 91.11000  ? 81  ALA Q CB  1 
ATOM   134  N  N   . GLY A 1 82  ? -25.53472 6.06136   -4.34301  1.000 89.04000  ? 82  GLY Q N   1 
ATOM   135  C  CA  . GLY A 1 82  ? -26.11306 5.01443   -3.47881  1.000 89.04000  ? 82  GLY Q CA  1 
ATOM   136  C  C   . GLY A 1 82  ? -25.15600 3.85481   -3.27317  1.000 89.04000  ? 82  GLY Q C   1 
ATOM   137  O  O   . GLY A 1 82  ? -24.56886 3.39484   -4.26581  1.000 89.04000  ? 82  GLY Q O   1 
ATOM   138  N  N   . CYS A 1 83  ? -24.99791 3.39950   -2.02894  1.000 86.24000  ? 83  CYS Q N   1 
ATOM   139  C  CA  . CYS A 1 83  ? -24.13864 2.22286   -1.72838  1.000 86.24000  ? 83  CYS Q CA  1 
ATOM   140  C  C   . CYS A 1 83  ? -24.75128 0.96080   -2.34413  1.000 86.24000  ? 83  CYS Q C   1 
ATOM   141  O  O   . CYS A 1 83  ? -23.97523 0.08508   -2.77456  1.000 86.24000  ? 83  CYS Q O   1 
ATOM   142  C  CB  . CYS A 1 83  ? -23.97353 2.04057   -0.22515  1.000 86.24000  ? 83  CYS Q CB  1 
ATOM   143  S  SG  . CYS A 1 83  ? -23.18747 3.45626   0.58700   1.000 86.24000  ? 83  CYS Q SG  1 
ATOM   144  N  N   . GLN A 1 84  ? -26.08311 0.86741   -2.38027  1.000 86.92000  ? 84  GLN Q N   1 
ATOM   145  C  CA  . GLN A 1 84  ? -26.76268 -0.37132  -2.84943  1.000 86.92000  ? 84  GLN Q CA  1 
ATOM   146  C  C   . GLN A 1 84  ? -26.37205 -0.69853  -4.29310  1.000 86.92000  ? 84  GLN Q C   1 
ATOM   147  O  O   . GLN A 1 84  ? -26.20992 0.24161   -5.09384  1.000 86.92000  ? 84  GLN Q O   1 
ATOM   148  C  CB  . GLN A 1 84  ? -28.27859 -0.19259  -2.76457  1.000 86.92000  ? 84  GLN Q CB  1 
ATOM   149  C  CG  . GLN A 1 84  ? -28.76269 0.36364   -1.43336  1.000 86.92000  ? 84  GLN Q CG  1 
ATOM   150  C  CD  . GLN A 1 84  ? -29.13845 1.82152   -1.52782  1.000 86.92000  ? 84  GLN Q CD  1 
ATOM   151  O  OE1 . GLN A 1 84  ? -28.98719 2.45628   -2.56865  1.000 86.92000  ? 84  GLN Q OE1 1 
ATOM   152  N  NE2 . GLN A 1 84  ? -29.63833 2.36592   -0.43046  1.000 86.92000  ? 84  GLN Q NE2 1 
ATOM   153  N  N   . PRO A 1 85  ? -26.21510 -1.99262  -4.65507  1.000 84.25000  ? 85  PRO Q N   1 
ATOM   154  C  CA  . PRO A 1 85  ? -25.91155 -2.38145  -6.03378  1.000 84.25000  ? 85  PRO Q CA  1 
ATOM   155  C  C   . PRO A 1 85  ? -27.07943 -1.98947  -6.94460  1.000 84.25000  ? 85  PRO Q C   1 
ATOM   156  O  O   . PRO A 1 85  ? -28.18877 -2.00385  -6.43475  1.000 84.25000  ? 85  PRO Q O   1 
ATOM   157  C  CB  . PRO A 1 85  ? -25.79556 -3.91221  -5.99597  1.000 84.25000  ? 85  PRO Q CB  1 
ATOM   158  C  CG  . PRO A 1 85  ? -25.62100 -4.25450  -4.53152  1.000 84.25000  ? 85  PRO Q CG  1 
ATOM   159  C  CD  . PRO A 1 85  ? -26.31171 -3.14722  -3.76226  1.000 84.25000  ? 85  PRO Q CD  1 
ATOM   160  N  N   . MET A 1 86  ? -26.80411 -1.59538  -8.19546  1.000 82.52000  ? 86  MET Q N   1 
ATOM   161  C  CA  . MET A 1 86  ? -27.83125 -1.16187  -9.19214  1.000 82.52000  ? 86  MET Q CA  1 
ATOM   162  C  C   . MET A 1 86  ? -28.10232 0.33211   -8.99236  1.000 82.52000  ? 86  MET Q C   1 
ATOM   163  O  O   . MET A 1 86  ? -28.75568 0.92943   -9.86725  1.000 82.52000  ? 86  MET Q O   1 
ATOM   164  C  CB  . MET A 1 86  ? -29.14604 -1.95372  -9.14008  1.000 82.52000  ? 86  MET Q CB  1 
ATOM   165  C  CG  . MET A 1 86  ? -28.99055 -3.44187  -9.40416  1.000 82.52000  ? 86  MET Q CG  1 
ATOM   166  S  SD  . MET A 1 86  ? -28.39922 -3.82434  -11.07072 1.000 82.52000  ? 86  MET Q SD  1 
ATOM   167  C  CE  . MET A 1 86  ? -28.39270 -5.61472  -11.01156 1.000 82.52000  ? 86  MET Q CE  1 
ATOM   168  N  N   . THR A 1 87  ? -27.61625 0.90814   -7.88763  1.000 84.03000  ? 87  THR Q N   1 
ATOM   169  C  CA  . THR A 1 87  ? -27.73608 2.37254   -7.65546  1.000 84.03000  ? 87  THR Q CA  1 
ATOM   170  C  C   . THR A 1 87  ? -26.32240 2.91173   -7.43983  1.000 84.03000  ? 87  THR Q C   1 
ATOM   171  O  O   . THR A 1 87  ? -26.18386 4.12741   -7.21005  1.000 84.03000  ? 87  THR Q O   1 
ATOM   172  C  CB  . THR A 1 87  ? -28.62487 2.68565   -6.44470  1.000 84.03000  ? 87  THR Q CB  1 
ATOM   173  O  OG1 . THR A 1 87  ? -27.85976 2.46588   -5.25872  1.000 84.03000  ? 87  THR Q OG1 1 
ATOM   174  C  CG2 . THR A 1 87  ? -29.89130 1.85853   -6.40257  1.000 84.03000  ? 87  THR Q CG2 1 
ATOM   175  N  N   . GLN A 1 88  ? -25.32092 2.02859   -7.50086  1.000 79.98000  ? 88  GLN Q N   1 
ATOM   176  C  CA  . GLN A 1 88  ? -23.91339 2.43636   -7.24586  1.000 79.98000  ? 88  GLN Q CA  1 
ATOM   177  C  C   . GLN A 1 88  ? -23.48078 3.45645   -8.30110  1.000 79.98000  ? 88  GLN Q C   1 
ATOM   178  O  O   . GLN A 1 88  ? -23.76119 3.22614   -9.49197  1.000 79.98000  ? 88  GLN Q O   1 
ATOM   179  C  CB  . GLN A 1 88  ? -22.99664 1.21254   -7.23492  1.000 79.98000  ? 88  GLN Q CB  1 
ATOM   180  C  CG  . GLN A 1 88  ? -21.56680 1.52009   -6.81420  1.000 79.98000  ? 88  GLN Q CG  1 
ATOM   181  C  CD  . GLN A 1 88  ? -21.47481 1.96590   -5.37546  1.000 79.98000  ? 88  GLN Q CD  1 
ATOM   182  O  OE1 . GLN A 1 88  ? -21.07882 3.09033   -5.07754  1.000 79.98000  ? 88  GLN Q OE1 1 
ATOM   183  N  NE2 . GLN A 1 88  ? -21.84577 1.08054   -4.46636  1.000 79.98000  ? 88  GLN Q NE2 1 
ATOM   184  N  N   . ALA A 1 89  ? -22.82824 4.54006   -7.87124  1.000 78.30000  ? 89  ALA Q N   1 
ATOM   185  C  CA  . ALA A 1 89  ? -22.36407 5.58496   -8.81011  1.000 78.30000  ? 89  ALA Q CA  1 
ATOM   186  C  C   . ALA A 1 89  ? -20.84456 5.49053   -8.96577  1.000 78.30000  ? 89  ALA Q C   1 
ATOM   187  O  O   . ALA A 1 89  ? -20.27894 6.30942   -9.71445  1.000 78.30000  ? 89  ALA Q O   1 
ATOM   188  C  CB  . ALA A 1 89  ? -22.77499 6.94595   -8.30866  1.000 78.30000  ? 89  ALA Q CB  1 
ATOM   189  N  N   . ALA A 1 90  ? -20.21448 4.52803   -8.28356  1.000 73.53000  ? 90  ALA Q N   1 
ATOM   190  C  CA  . ALA A 1 90  ? -18.73618 4.42538   -8.33323  1.000 73.53000  ? 90  ALA Q CA  1 
ATOM   191  C  C   . ALA A 1 90  ? -18.30014 3.73546   -9.62989  1.000 73.53000  ? 90  ALA Q C   1 
ATOM   192  O  O   . ALA A 1 90  ? -19.02075 2.82662   -10.08469 1.000 73.53000  ? 90  ALA Q O   1 
ATOM   193  C  CB  . ALA A 1 90  ? -18.23209 3.68133   -7.12475  1.000 73.53000  ? 90  ALA Q CB  1 
ATOM   194  N  N   . SER A 1 91  ? -17.15742 4.14773   -10.18920 1.000 72.69000  ? 91  SER Q N   1 
ATOM   195  C  CA  . SER A 1 91  ? -16.65112 3.52504   -11.43506 1.000 72.69000  ? 91  SER Q CA  1 
ATOM   196  C  C   . SER A 1 91  ? -15.91574 2.23839   -11.07315 1.000 72.69000  ? 91  SER Q C   1 
ATOM   197  O  O   . SER A 1 91  ? -15.61072 2.05854   -9.88543  1.000 72.69000  ? 91  SER Q O   1 
ATOM   198  C  CB  . SER A 1 91  ? -15.71890 4.47092   -12.12491 1.000 72.69000  ? 91  SER Q CB  1 
ATOM   199  O  OG  . SER A 1 91  ? -16.22959 5.79432   -12.08670 1.000 72.69000  ? 91  SER Q OG  1 
ATOM   200  N  N   . ILE A 1 92  ? -15.64108 1.38130   -12.05813 1.000 69.08000  ? 92  ILE Q N   1 
ATOM   201  C  CA  . ILE A 1 92  ? -14.83120 0.16155   -11.77504 1.000 69.08000  ? 92  ILE Q CA  1 
ATOM   202  C  C   . ILE A 1 92  ? -13.43081 0.63259   -11.37358 1.000 69.08000  ? 92  ILE Q C   1 
ATOM   203  O  O   . ILE A 1 92  ? -12.78589 -0.06853  -10.57909 1.000 69.08000  ? 92  ILE Q O   1 
ATOM   204  C  CB  . ILE A 1 92  ? -14.82100 -0.80006  -12.97718 1.000 69.08000  ? 92  ILE Q CB  1 
ATOM   205  C  CG1 . ILE A 1 92  ? -16.23746 -1.06615  -13.49067 1.000 69.08000  ? 92  ILE Q CG1 1 
ATOM   206  C  CG2 . ILE A 1 92  ? -14.10542 -2.09155  -12.63249 1.000 69.08000  ? 92  ILE Q CG2 1 
ATOM   207  C  CD1 . ILE A 1 92  ? -16.32378 -2.18914  -14.49611 1.000 69.08000  ? 92  ILE Q CD1 1 
ATOM   208  N  N   . LEU A 1 93  ? -12.99554 1.79694   -11.87073 1.000 69.24000  ? 93  LEU Q N   1 
ATOM   209  C  CA  . LEU A 1 93  ? -11.67324 2.35624   -11.47862 1.000 69.24000  ? 93  LEU Q CA  1 
ATOM   210  C  C   . LEU A 1 93  ? -11.68107 2.67037   -9.98052  1.000 69.24000  ? 93  LEU Q C   1 
ATOM   211  O  O   . LEU A 1 93  ? -10.69550 2.32932   -9.31050  1.000 69.24000  ? 93  LEU Q O   1 
ATOM   212  C  CB  . LEU A 1 93  ? -11.39581 3.61835   -12.29873 1.000 69.24000  ? 93  LEU Q CB  1 
ATOM   213  C  CG  . LEU A 1 93  ? -9.96818  4.15324   -12.22672 1.000 69.24000  ? 93  LEU Q CG  1 
ATOM   214  C  CD1 . LEU A 1 93  ? -8.98399  3.12270   -12.75665 1.000 69.24000  ? 93  LEU Q CD1 1 
ATOM   215  C  CD2 . LEU A 1 93  ? -9.84543  5.45379   -13.00386 1.000 69.24000  ? 93  LEU Q CD2 1 
ATOM   216  N  N   . ASP A 1 94  ? -12.75930 3.28007   -9.47629  1.000 74.06000  ? 94  ASP Q N   1 
ATOM   217  C  CA  . ASP A 1 94  ? -12.85494 3.62236   -8.03020  1.000 74.06000  ? 94  ASP Q CA  1 
ATOM   218  C  C   . ASP A 1 94  ? -12.86425 2.33475   -7.20262  1.000 74.06000  ? 94  ASP Q C   1 
ATOM   219  O  O   . ASP A 1 94  ? -12.24238 2.32617   -6.13442  1.000 74.06000  ? 94  ASP Q O   1 
ATOM   220  C  CB  . ASP A 1 94  ? -14.04365 4.53478   -7.72704  1.000 74.06000  ? 94  ASP Q CB  1 
ATOM   221  C  CG  . ASP A 1 94  ? -13.86393 5.94915   -8.25048  1.000 74.06000  ? 94  ASP Q CG  1 
ATOM   222  O  OD1 . ASP A 1 94  ? -12.99735 6.14368   -9.12314  1.000 74.06000  ? 94  ASP Q OD1 1 
ATOM   223  O  OD2 . ASP A 1 94  ? -14.58620 6.84600   -7.77227  1.000 74.06000  ? 94  ASP Q OD2 1 
ATOM   224  N  N   . LYS A 1 95  ? -13.56980 1.30486   -7.66761  1.000 71.12000  ? 95  LYS Q N   1 
ATOM   225  C  CA  . LYS A 1 95  ? -13.58714 -0.00493  -6.96876  1.000 71.12000  ? 95  LYS Q CA  1 
ATOM   226  C  C   . LYS A 1 95  ? -12.18127 -0.61513  -7.00038  1.000 71.12000  ? 95  LYS Q C   1 
ATOM   227  O  O   . LYS A 1 95  ? -11.78044 -1.20121  -5.99012  1.000 71.12000  ? 95  LYS Q O   1 
ATOM   228  C  CB  . LYS A 1 95  ? -14.66004 -0.90881  -7.57964  1.000 71.12000  ? 95  LYS Q CB  1 
ATOM   229  C  CG  . LYS A 1 95  ? -16.05135 -0.29495  -7.61985  1.000 71.12000  ? 95  LYS Q CG  1 
ATOM   230  C  CD  . LYS A 1 95  ? -17.07485 -1.13603  -8.33877  1.000 71.12000  ? 95  LYS Q CD  1 
ATOM   231  C  CE  . LYS A 1 95  ? -18.43549 -0.47230  -8.37290  1.000 71.12000  ? 95  LYS Q CE  1 
ATOM   232  N  NZ  . LYS A 1 95  ? -19.49291 -1.39598  -8.84273  1.000 71.12000  ? 95  LYS Q NZ  1 
ATOM   233  N  N   . GLN A 1 96  ? -11.46270 -0.50239  -8.11976  1.000 71.70000  ? 96  GLN Q N   1 
ATOM   234  C  CA  . GLN A 1 96  ? -10.05987 -0.99686  -8.16562  1.000 71.70000  ? 96  GLN Q CA  1 
ATOM   235  C  C   . GLN A 1 96  ? -9.21300  -0.17767  -7.18864  1.000 71.70000  ? 96  GLN Q C   1 
ATOM   236  O  O   . GLN A 1 96  ? -8.34228  -0.76664  -6.53642  1.000 71.70000  ? 96  GLN Q O   1 
ATOM   237  C  CB  . GLN A 1 96  ? -9.49310  -0.95998  -9.58493  1.000 71.70000  ? 96  GLN Q CB  1 
ATOM   238  C  CG  . GLN A 1 96  ? -9.81915  -2.19765  -10.40541 1.000 71.70000  ? 96  GLN Q CG  1 
ATOM   239  C  CD  . GLN A 1 96  ? -9.47115  -2.01910  -11.86224 1.000 71.70000  ? 96  GLN Q CD  1 
ATOM   240  O  OE1 . GLN A 1 96  ? -9.24609  -0.90877  -12.33476 1.000 71.70000  ? 96  GLN Q OE1 1 
ATOM   241  N  NE2 . GLN A 1 96  ? -9.43342  -3.12164  -12.59203 1.000 71.70000  ? 96  GLN Q NE2 1 
ATOM   242  N  N   . ARG A 1 97  ? -9.49666  1.11806   -7.05901  1.000 70.23000  ? 97  ARG Q N   1 
ATOM   243  C  CA  . ARG A 1 97  ? -8.69165  1.99625   -6.16924  1.000 70.23000  ? 97  ARG Q CA  1 
ATOM   244  C  C   . ARG A 1 97  ? -8.94091  1.64011   -4.69908  1.000 70.23000  ? 97  ARG Q C   1 
ATOM   245  O  O   . ARG A 1 97  ? -7.96616  1.64276   -3.93553  1.000 70.23000  ? 97  ARG Q O   1 
ATOM   246  C  CB  . ARG A 1 97  ? -8.94304  3.47175   -6.48587  1.000 70.23000  ? 97  ARG Q CB  1 
ATOM   247  C  CG  . ARG A 1 97  ? -8.07018  4.01831   -7.60444  1.000 70.23000  ? 97  ARG Q CG  1 
ATOM   248  C  CD  . ARG A 1 97  ? -8.01023  5.53229   -7.56459  1.000 70.23000  ? 97  ARG Q CD  1 
ATOM   249  N  NE  . ARG A 1 97  ? -9.14973  6.16382   -8.20785  1.000 70.23000  ? 97  ARG Q NE  1 
ATOM   250  C  CZ  . ARG A 1 97  ? -9.10929  6.72247   -9.40942  1.000 70.23000  ? 97  ARG Q CZ  1 
ATOM   251  N  NH1 . ARG A 1 97  ? -7.97904  6.73849   -10.09338 1.000 70.23000  ? 97  ARG Q NH1 1 
ATOM   252  N  NH2 . ARG A 1 97  ? -10.19615 7.27388   -9.91811  1.000 70.23000  ? 97  ARG Q NH2 1 
ATOM   253  N  N   . THR A 1 98  ? -10.18393 1.33500   -4.31649  1.000 69.87000  ? 98  THR Q N   1 
ATOM   254  C  CA  . THR A 1 98  ? -10.45845 0.88682   -2.92299  1.000 69.87000  ? 98  THR Q CA  1 
ATOM   255  C  C   . THR A 1 98  ? -9.75125  -0.44679  -2.63374  1.000 69.87000  ? 98  THR Q C   1 
ATOM   256  O  O   . THR A 1 98  ? -9.25715  -0.60261  -1.50922  1.000 69.87000  ? 98  THR Q O   1 
ATOM   257  C  CB  . THR A 1 98  ? -11.94308 0.97339   -2.54295  1.000 69.87000  ? 98  THR Q CB  1 
ATOM   258  O  OG1 . THR A 1 98  ? -12.06566 0.64995   -1.15832  1.000 69.87000  ? 98  THR Q OG1 1 
ATOM   259  C  CG2 . THR A 1 98  ? -12.84411 0.07451   -3.35553  1.000 69.87000  ? 98  THR Q CG2 1 
ATOM   260  N  N   . VAL A 1 99  ? -9.68578  -1.34301  -3.62572  1.000 68.40000  ? 99  VAL Q N   1 
ATOM   261  C  CA  . VAL A 1 99  ? -8.98414  -2.65194  -3.45697  1.000 68.40000  ? 99  VAL Q CA  1 
ATOM   262  C  C   . VAL A 1 99  ? -7.49952  -2.38168  -3.18967  1.000 68.40000  ? 99  VAL Q C   1 
ATOM   263  O  O   . VAL A 1 99  ? -6.97466  -2.91524  -2.19064  1.000 68.40000  ? 99  VAL Q O   1 
ATOM   264  C  CB  . VAL A 1 99  ? -9.18109  -3.56066  -4.68706  1.000 68.40000  ? 99  VAL Q CB  1 
ATOM   265  C  CG1 . VAL A 1 99  ? -8.20773  -4.73023  -4.70299  1.000 68.40000  ? 99  VAL Q CG1 1 
ATOM   266  C  CG2 . VAL A 1 99  ? -10.61340 -4.05647  -4.80491  1.000 68.40000  ? 99  VAL Q CG2 1 
ATOM   267  N  N   . LEU A 1 100 ? -6.85777  -1.57194  -4.03851  1.000 69.52000  ? 100 LEU Q N   1 
ATOM   268  C  CA  . LEU A 1 100 ? -5.40427  -1.29311  -3.88437  1.000 69.52000  ? 100 LEU Q CA  1 
ATOM   269  C  C   . LEU A 1 100 ? -5.16324  -0.59262  -2.54555  1.000 69.52000  ? 100 LEU Q C   1 
ATOM   270  O  O   . LEU A 1 100 ? -4.19025  -0.95550  -1.86245  1.000 69.52000  ? 100 LEU Q O   1 
ATOM   271  C  CB  . LEU A 1 100 ? -4.94576  -0.40197  -5.04302  1.000 69.52000  ? 100 LEU Q CB  1 
ATOM   272  C  CG  . LEU A 1 100 ? -4.98305  -1.04944  -6.42523  1.000 69.52000  ? 100 LEU Q CG  1 
ATOM   273  C  CD1 . LEU A 1 100 ? -4.76091  -0.01020  -7.51090  1.000 69.52000  ? 100 LEU Q CD1 1 
ATOM   274  C  CD2 . LEU A 1 100 ? -3.95409  -2.16225  -6.53091  1.000 69.52000  ? 100 LEU Q CD2 1 
ATOM   275  N  N   . ALA A 1 101 ? -6.02476  0.36427   -2.18849  1.000 69.31000  ? 101 ALA Q N   1 
ATOM   276  C  CA  . ALA A 1 101 ? -5.87262  1.10966   -0.91774  1.000 69.31000  ? 101 ALA Q CA  1 
ATOM   277  C  C   . ALA A 1 101 ? -6.02095  0.15607   0.27084   1.000 69.31000  ? 101 ALA Q C   1 
ATOM   278  O  O   . ALA A 1 101 ? -5.26035  0.30618   1.24224   1.000 69.31000  ? 101 ALA Q O   1 
ATOM   279  C  CB  . ALA A 1 101 ? -6.88980  2.21481   -0.85599  1.000 69.31000  ? 101 ALA Q CB  1 
ATOM   280  N  N   . GLY A 1 102 ? -6.97509  -0.77592  0.19527   1.000 67.82000  ? 102 GLY Q N   1 
ATOM   281  C  CA  . GLY A 1 102 ? -7.15860  -1.76203  1.27648   1.000 67.82000  ? 102 GLY Q CA  1 
ATOM   282  C  C   . GLY A 1 102 ? -5.92725  -2.63316  1.42143   1.000 67.82000  ? 102 GLY Q C   1 
ATOM   283  O  O   . GLY A 1 102 ? -5.52620  -2.89383  2.56823   1.000 67.82000  ? 102 GLY Q O   1 
ATOM   284  N  N   . LYS A 1 103 ? -5.31010  -3.00365  0.29243   1.000 66.54000  ? 103 LYS Q N   1 
ATOM   285  C  CA  . LYS A 1 103 ? -4.07243  -3.82848  0.30502   1.000 66.54000  ? 103 LYS Q CA  1 
ATOM   286  C  C   . LYS A 1 103 ? -2.92293  -2.98825  0.86322   1.000 66.54000  ? 103 LYS Q C   1 
ATOM   287  O  O   . LYS A 1 103 ? -2.10628  -3.54757  1.61440   1.000 66.54000  ? 103 LYS Q O   1 
ATOM   288  C  CB  . LYS A 1 103 ? -3.77328  -4.35081  -1.10214  1.000 66.54000  ? 103 LYS Q CB  1 
ATOM   289  C  CG  . LYS A 1 103 ? -3.08084  -5.70406  -1.15634  1.000 66.54000  ? 103 LYS Q CG  1 
ATOM   290  C  CD  . LYS A 1 103 ? -3.16958  -6.36308  -2.51245  1.000 66.54000  ? 103 LYS Q CD  1 
ATOM   291  C  CE  . LYS A 1 103 ? -2.69112  -5.47031  -3.63619  1.000 66.54000  ? 103 LYS Q CE  1 
ATOM   292  N  NZ  . LYS A 1 103 ? -2.53292  -6.22471  -4.90122  1.000 66.54000  ? 103 LYS Q NZ  1 
ATOM   293  N  N   . ILE A 1 104 ? -2.86865  -1.69892  0.52568   1.000 67.95000  ? 104 ILE Q N   1 
ATOM   294  C  CA  . ILE A 1 104 ? -1.84017  -0.79056  1.11322   1.000 67.95000  ? 104 ILE Q CA  1 
ATOM   295  C  C   . ILE A 1 104 ? -2.08326  -0.71940  2.62530   1.000 67.95000  ? 104 ILE Q C   1 
ATOM   296  O  O   . ILE A 1 104 ? -1.09894  -0.79545  3.38072   1.000 67.95000  ? 104 ILE Q O   1 
ATOM   297  C  CB  . ILE A 1 104 ? -1.89886  0.60110   0.45138   1.000 67.95000  ? 104 ILE Q CB  1 
ATOM   298  C  CG1 . ILE A 1 104 ? -1.36685  0.58119   -0.98246  1.000 67.95000  ? 104 ILE Q CG1 1 
ATOM   299  C  CG2 . ILE A 1 104 ? -1.19223  1.65213   1.29340   1.000 67.95000  ? 104 ILE Q CG2 1 
ATOM   300  C  CD1 . ILE A 1 104 ? -1.74167  1.80210   -1.78667  1.000 67.95000  ? 104 ILE Q CD1 1 
ATOM   301  N  N   . THR A 1 105 ? -3.34930  -0.63829  3.05094   1.000 66.29000  ? 105 THR Q N   1 
ATOM   302  C  CA  . THR A 1 105 ? -3.67111  -0.54238  4.49755   1.000 66.29000  ? 105 THR Q CA  1 
ATOM   303  C  C   . THR A 1 105 ? -3.18574  -1.79786  5.22562   1.000 66.29000  ? 105 THR Q C   1 
ATOM   304  O  O   . THR A 1 105 ? -2.53440  -1.64435  6.26965   1.000 66.29000  ? 105 THR Q O   1 
ATOM   305  C  CB  . THR A 1 105 ? -5.17067  -0.34446  4.73776   1.000 66.29000  ? 105 THR Q CB  1 
ATOM   306  O  OG1 . THR A 1 105 ? -5.58393  0.82340   4.02972   1.000 66.29000  ? 105 THR Q OG1 1 
ATOM   307  C  CG2 . THR A 1 105 ? -5.51795  -0.19942  6.20240   1.000 66.29000  ? 105 THR Q CG2 1 
ATOM   308  N  N   . VAL A 1 106 ? -3.43132  -2.98701  4.67087   1.000 66.18000  ? 106 VAL Q N   1 
ATOM   309  C  CA  . VAL A 1 106 ? -3.04842  -4.24492  5.37718   1.000 66.18000  ? 106 VAL Q CA  1 
ATOM   310  C  C   . VAL A 1 106 ? -1.52479  -4.28999  5.52899   1.000 66.18000  ? 106 VAL Q C   1 
ATOM   311  O  O   . VAL A 1 106 ? -1.05487  -4.59224  6.64286   1.000 66.18000  ? 106 VAL Q O   1 
ATOM   312  C  CB  . VAL A 1 106 ? -3.54883  -5.47998  4.60801   1.000 66.18000  ? 106 VAL Q CB  1 
ATOM   313  C  CG1 . VAL A 1 106 ? -3.14141  -6.77651  5.28838   1.000 66.18000  ? 106 VAL Q CG1 1 
ATOM   314  C  CG2 . VAL A 1 106 ? -5.04777  -5.44324  4.37341   1.000 66.18000  ? 106 VAL Q CG2 1 
ATOM   315  N  N   . ALA A 1 107 ? -0.78176  -3.97218  4.46464   1.000 65.31000  ? 107 ALA Q N   1 
ATOM   316  C  CA  . ALA A 1 107 ? 0.69735   -4.06108  4.51175   1.000 65.31000  ? 107 ALA Q CA  1 
ATOM   317  C  C   . ALA A 1 107 ? 1.28366   -3.04888  5.50636   1.000 65.31000  ? 107 ALA Q C   1 
ATOM   318  O  O   . ALA A 1 107 ? 2.20039   -3.42259  6.26157   1.000 65.31000  ? 107 ALA Q O   1 
ATOM   319  C  CB  . ALA A 1 107 ? 1.25658   -3.87109  3.13120   1.000 65.31000  ? 107 ALA Q CB  1 
ATOM   320  N  N   . ALA A 1 108 ? 0.77804   -1.81317  5.50266   1.000 68.24000  ? 108 ALA Q N   1 
ATOM   321  C  CA  . ALA A 1 108 ? 1.28245   -0.77185  6.42573   1.000 68.24000  ? 108 ALA Q CA  1 
ATOM   322  C  C   . ALA A 1 108 ? 0.96977   -1.17159  7.86693   1.000 68.24000  ? 108 ALA Q C   1 
ATOM   323  O  O   . ALA A 1 108 ? 1.80899   -0.93058  8.74023   1.000 68.24000  ? 108 ALA Q O   1 
ATOM   324  C  CB  . ALA A 1 108 ? 0.67614   0.56322   6.09280   1.000 68.24000  ? 108 ALA Q CB  1 
ATOM   325  N  N   . ASN A 1 109 ? -0.21083  -1.74539  8.10649   1.000 67.74000  ? 109 ASN Q N   1 
ATOM   326  C  CA  . ASN A 1 109 ? -0.62338  -2.08994  9.49311   1.000 67.74000  ? 109 ASN Q CA  1 
ATOM   327  C  C   . ASN A 1 109 ? 0.16167   -3.30412  9.99625   1.000 67.74000  ? 109 ASN Q C   1 
ATOM   328  O  O   . ASN A 1 109 ? 0.06564   -3.59354  11.19882  1.000 67.74000  ? 109 ASN Q O   1 
ATOM   329  C  CB  . ASN A 1 109 ? -2.14280  -2.15849  9.64206   1.000 67.74000  ? 109 ASN Q CB  1 
ATOM   330  C  CG  . ASN A 1 109 ? -2.78445  -0.79313  9.51805   1.000 67.74000  ? 109 ASN Q CG  1 
ATOM   331  O  OD1 . ASN A 1 109 ? -2.30043  0.06286   8.78183   1.000 67.74000  ? 109 ASN Q OD1 1 
ATOM   332  N  ND2 . ASN A 1 109 ? -3.86848  -0.57185  10.24024  1.000 67.74000  ? 109 ASN Q ND2 1 
ATOM   333  N  N   . LYS A 1 110 ? 0.88856   -3.98814  9.11232   1.000 65.36000  ? 110 LYS Q N   1 
ATOM   334  C  CA  . LYS A 1 110 ? 1.72999   -5.13392  9.54373   1.000 65.36000  ? 110 LYS Q CA  1 
ATOM   335  C  C   . LYS A 1 110 ? 3.13481   -4.62249  9.86688   1.000 65.36000  ? 110 LYS Q C   1 
ATOM   336  O  O   . LYS A 1 110 ? 3.94356   -5.42110  10.36405  1.000 65.36000  ? 110 LYS Q O   1 
ATOM   337  C  CB  . LYS A 1 110 ? 1.73170   -6.24418  8.49067   1.000 65.36000  ? 110 LYS Q CB  1 
ATOM   338  C  CG  . LYS A 1 110 ? 0.49744   -7.13205  8.50685   1.000 65.36000  ? 110 LYS Q CG  1 
ATOM   339  C  CD  . LYS A 1 110 ? 0.26529   -7.77875  9.85208   1.000 65.36000  ? 110 LYS Q CD  1 
ATOM   340  C  CE  . LYS A 1 110 ? -0.94087  -8.69273  9.87698   1.000 65.36000  ? 110 LYS Q CE  1 
ATOM   341  N  NZ  . LYS A 1 110 ? -1.19323  -9.22084  11.23810  1.000 65.36000  ? 110 LYS Q NZ  1 
ATOM   342  N  N   . VAL A 1 111 ? 3.41013   -3.34613  9.59411   1.000 68.43000  ? 111 VAL Q N   1 
ATOM   343  C  CA  . VAL A 1 111 ? 4.73211   -2.74851  9.96753   1.000 68.43000  ? 111 VAL Q CA  1 
ATOM   344  C  C   . VAL A 1 111 ? 4.92598   -2.75813  11.48916  1.000 68.43000  ? 111 VAL Q C   1 
ATOM   345  O  O   . VAL A 1 111 ? 6.04876   -3.08289  11.92029  1.000 68.43000  ? 111 VAL Q O   1 
ATOM   346  C  CB  . VAL A 1 111 ? 4.96107   -1.36148  9.34107   1.000 68.43000  ? 111 VAL Q CB  1 
ATOM   347  C  CG1 . VAL A 1 111 ? 6.13574   -0.63450  9.96798   1.000 68.43000  ? 111 VAL Q CG1 1 
ATOM   348  C  CG2 . VAL A 1 111 ? 5.12567   -1.45975  7.83689   1.000 68.43000  ? 111 VAL Q CG2 1 
ATOM   349  N  N   . PRO A 1 112 ? 3.91136   -2.48403  12.34018  1.000 68.95000  ? 112 PRO Q N   1 
ATOM   350  C  CA  . PRO A 1 112 ? 4.08396   -2.60916  13.78776  1.000 68.95000  ? 112 PRO Q CA  1 
ATOM   351  C  C   . PRO A 1 112 ? 4.56174   -4.01196  14.18871  1.000 68.95000  ? 112 PRO Q C   1 
ATOM   352  O  O   . PRO A 1 112 ? 5.33022   -4.10118  15.12481  1.000 68.95000  ? 112 PRO Q O   1 
ATOM   353  C  CB  . PRO A 1 112 ? 2.65253   -2.46092  14.30931  1.000 68.95000  ? 112 PRO Q CB  1 
ATOM   354  C  CG  . PRO A 1 112 ? 2.03712   -1.46919  13.36477  1.000 68.95000  ? 112 PRO Q CG  1 
ATOM   355  C  CD  . PRO A 1 112 ? 2.63678   -1.82763  12.02297  1.000 68.95000  ? 112 PRO Q CD  1 
ATOM   356  N  N   . VAL A 1 113 ? 4.08584   -5.06005  13.50878  1.000 66.68000  ? 113 VAL Q N   1 
ATOM   357  C  CA  . VAL A 1 113 ? 4.46133   -6.46023  13.87239  1.000 66.68000  ? 113 VAL Q CA  1 
ATOM   358  C  C   . VAL A 1 113 ? 5.97123   -6.66233  13.70351  1.000 66.68000  ? 113 VAL Q C   1 
ATOM   359  O  O   . VAL A 1 113 ? 6.56968   -7.30173  14.58431  1.000 66.68000  ? 113 VAL Q O   1 
ATOM   360  C  CB  . VAL A 1 113 ? 3.64876   -7.48429  13.06173  1.000 66.68000  ? 113 VAL Q CB  1 
ATOM   361  C  CG1 . VAL A 1 113 ? 4.09357   -8.91296  13.32963  1.000 66.68000  ? 113 VAL Q CG1 1 
ATOM   362  C  CG2 . VAL A 1 113 ? 2.15806   -7.32797  13.31183  1.000 66.68000  ? 113 VAL Q CG2 1 
ATOM   363  N  N   . LEU A 1 114 ? 6.57360   -6.13613  12.63298  1.000 67.22000  ? 114 LEU Q N   1 
ATOM   364  C  CA  . LEU A 1 114 ? 8.05360   -6.23926  12.50665  1.000 67.22000  ? 114 LEU Q CA  1 
ATOM   365  C  C   . LEU A 1 114 ? 8.71295   -5.46196  13.64715  1.000 67.22000  ? 114 LEU Q C   1 
ATOM   366  O  O   . LEU A 1 114 ? 9.66551   -5.99193  14.23837  1.000 67.22000  ? 114 LEU Q O   1 
ATOM   367  C  CB  . LEU A 1 114 ? 8.50388   -5.68183  11.15515  1.000 67.22000  ? 114 LEU Q CB  1 
ATOM   368  C  CG  . LEU A 1 114 ? 10.01002  -5.47757  10.98764  1.000 67.22000  ? 114 LEU Q CG  1 
ATOM   369  C  CD1 . LEU A 1 114 ? 10.72631  -6.81005  10.85492  1.000 67.22000  ? 114 LEU Q CD1 1 
ATOM   370  C  CD2 . LEU A 1 114 ? 10.30979  -4.59828  9.78633   1.000 67.22000  ? 114 LEU Q CD2 1 
ATOM   371  N  N   . THR A 1 115 ? 8.21293   -4.26557  13.95631  1.000 68.85000  ? 115 THR Q N   1 
ATOM   372  C  CA  . THR A 1 115 ? 8.85410   -3.42633  15.00067  1.000 68.85000  ? 115 THR Q CA  1 
ATOM   373  C  C   . THR A 1 115 ? 8.91414   -4.22263  16.30416  1.000 68.85000  ? 115 THR Q C   1 
ATOM   374  O  O   . THR A 1 115 ? 9.96450   -4.17641  16.96840  1.000 68.85000  ? 115 THR Q O   1 
ATOM   375  C  CB  . THR A 1 115 ? 8.13275   -2.08075  15.14168  1.000 68.85000  ? 115 THR Q CB  1 
ATOM   376  O  OG1 . THR A 1 115 ? 8.36509   -1.34332  13.94173  1.000 68.85000  ? 115 THR Q OG1 1 
ATOM   377  C  CG2 . THR A 1 115 ? 8.59909   -1.26968  16.33026  1.000 68.85000  ? 115 THR Q CG2 1 
ATOM   378  N  N   . ALA A 1 116 ? 7.84622   -4.94858  16.63530  1.000 72.02000  ? 116 ALA Q N   1 
ATOM   379  C  CA  . ALA A 1 116 ? 7.78832   -5.74307  17.88484  1.000 72.02000  ? 116 ALA Q CA  1 
ATOM   380  C  C   . ALA A 1 116 ? 8.80381   -6.88235  17.80665  1.000 72.02000  ? 116 ALA Q C   1 
ATOM   381  O  O   . ALA A 1 116 ? 9.50565   -7.11704  18.80422  1.000 72.02000  ? 116 ALA Q O   1 
ATOM   382  C  CB  . ALA A 1 116 ? 6.40060   -6.28217  18.10919  1.000 72.02000  ? 116 ALA Q CB  1 
ATOM   383  N  N   . ALA A 1 117 ? 8.89120   -7.54494  16.65175  1.000 73.22000  ? 117 ALA Q N   1 
ATOM   384  C  CA  . ALA A 1 117 ? 9.81805   -8.69077  16.53355  1.000 73.22000  ? 117 ALA Q CA  1 
ATOM   385  C  C   . ALA A 1 117 ? 11.25079  -8.20391  16.72363  1.000 73.22000  ? 117 ALA Q C   1 
ATOM   386  O  O   . ALA A 1 117 ? 12.00573  -8.88695  17.42138  1.000 73.22000  ? 117 ALA Q O   1 
ATOM   387  C  CB  . ALA A 1 117 ? 9.64857   -9.37950  15.21414  1.000 73.22000  ? 117 ALA Q CB  1 
ATOM   388  N  N   . VAL A 1 118 ? 11.60020  -7.06029  16.13544  1.000 73.80000  ? 118 VAL Q N   1 
ATOM   389  C  CA  . VAL A 1 118 ? 13.00381  -6.55913  16.22683  1.000 73.80000  ? 118 VAL Q CA  1 
ATOM   390  C  C   . VAL A 1 118 ? 13.28860  -6.15793  17.67831  1.000 73.80000  ? 118 VAL Q C   1 
ATOM   391  O  O   . VAL A 1 118 ? 14.40979  -6.39941  18.14521  1.000 73.80000  ? 118 VAL Q O   1 
ATOM   392  C  CB  . VAL A 1 118 ? 13.27902  -5.42438  15.22376  1.000 73.80000  ? 118 VAL Q CB  1 
ATOM   393  C  CG1 . VAL A 1 118 ? 14.63074  -4.76856  15.45391  1.000 73.80000  ? 118 VAL Q CG1 1 
ATOM   394  C  CG2 . VAL A 1 118 ? 13.16248  -5.91506  13.79154  1.000 73.80000  ? 118 VAL Q CG2 1 
ATOM   395  N  N   . ASP A 1 119 ? 12.30000  -5.60305  18.37978  1.000 76.56000  ? 119 ASP Q N   1 
ATOM   396  C  CA  . ASP A 1 119 ? 12.49835  -5.27018  19.81381  1.000 76.56000  ? 119 ASP Q CA  1 
ATOM   397  C  C   . ASP A 1 119 ? 12.72701  -6.54827  20.62722  1.000 76.56000  ? 119 ASP Q C   1 
ATOM   398  O  O   . ASP A 1 119 ? 13.62681  -6.54600  21.48017  1.000 76.56000  ? 119 ASP Q O   1 
ATOM   399  C  CB  . ASP A 1 119 ? 11.34122  -4.45003  20.37847  1.000 76.56000  ? 119 ASP Q CB  1 
ATOM   400  C  CG  . ASP A 1 119 ? 11.62263  -3.89731  21.76359  1.000 76.56000  ? 119 ASP Q CG  1 
ATOM   401  O  OD1 . ASP A 1 119 ? 12.80975  -3.71129  22.09083  1.000 76.56000  ? 119 ASP Q OD1 1 
ATOM   402  O  OD2 . ASP A 1 119 ? 10.65275  -3.66181  22.50879  1.000 76.56000  ? 119 ASP Q OD2 1 
ATOM   403  N  N   . LYS A 1 120 ? 11.97172  -7.61121  20.35166  1.000 76.68000  ? 120 LYS Q N   1 
ATOM   404  C  CA  . LYS A 1 120 ? 12.18395  -8.89720  21.06847  1.000 76.68000  ? 120 LYS Q CA  1 
ATOM   405  C  C   . LYS A 1 120 ? 13.59710  -9.41353  20.77747  1.000 76.68000  ? 120 LYS Q C   1 
ATOM   406  O  O   . LYS A 1 120 ? 14.25059  -9.90101  21.71573  1.000 76.68000  ? 120 LYS Q O   1 
ATOM   407  C  CB  . LYS A 1 120 ? 11.14573  -9.94536  20.66289  1.000 76.68000  ? 120 LYS Q CB  1 
ATOM   408  C  CG  . LYS A 1 120 ? 9.73971   -9.71501  21.19934  1.000 76.68000  ? 120 LYS Q CG  1 
ATOM   409  C  CD  . LYS A 1 120 ? 8.80820   -10.87436 20.92239  1.000 76.68000  ? 120 LYS Q CD  1 
ATOM   410  C  CE  . LYS A 1 120 ? 8.72382   -11.22135 19.45136  1.000 76.68000  ? 120 LYS Q CE  1 
ATOM   411  N  NZ  . LYS A 1 120 ? 7.86194   -12.40222 19.21038  1.000 76.68000  ? 120 LYS Q NZ  1 
ATOM   412  N  N   . MET A 1 121 ? 14.06428  -9.27105  19.53392  1.000 75.99000  ? 121 MET Q N   1 
ATOM   413  C  CA  . MET A 1 121 ? 15.42156  -9.75306  19.15925  1.000 75.99000  ? 121 MET Q CA  1 
ATOM   414  C  C   . MET A 1 121 ? 16.48329  -9.01766  19.98621  1.000 75.99000  ? 121 MET Q C   1 
ATOM   415  O  O   . MET A 1 121 ? 17.35450  -9.70170  20.55389  1.000 75.99000  ? 121 MET Q O   1 
ATOM   416  C  CB  . MET A 1 121 ? 15.69544  -9.53403  17.66777  1.000 75.99000  ? 121 MET Q CB  1 
ATOM   417  C  CG  . MET A 1 121 ? 14.81299  -10.36939 16.76244  1.000 75.99000  ? 121 MET Q CG  1 
ATOM   418  S  SD  . MET A 1 121 ? 14.95927  -9.89815  15.02204  1.000 75.99000  ? 121 MET Q SD  1 
ATOM   419  C  CE  . MET A 1 121 ? 13.53885  -10.74482 14.33237  1.000 75.99000  ? 121 MET Q CE  1 
ATOM   420  N  N   . LYS A 1 122 ? 16.39571  -7.68692  20.08900  1.000 77.58000  ? 122 LYS Q N   1 
ATOM   421  C  CA  . LYS A 1 122 ? 17.45726  -6.91330  20.79336  1.000 77.58000  ? 122 LYS Q CA  1 
ATOM   422  C  C   . LYS A 1 122 ? 17.39103  -7.15469  22.30816  1.000 77.58000  ? 122 LYS Q C   1 
ATOM   423  O  O   . LYS A 1 122 ? 18.46353  -7.15296  22.94248  1.000 77.58000  ? 122 LYS Q O   1 
ATOM   424  C  CB  . LYS A 1 122 ? 17.39697  -5.42689  20.42164  1.000 77.58000  ? 122 LYS Q CB  1 
ATOM   425  C  CG  . LYS A 1 122 ? 16.22142  -4.64191  20.98639  1.000 77.58000  ? 122 LYS Q CG  1 
ATOM   426  C  CD  . LYS A 1 122 ? 16.17840  -3.20390  20.51858  1.000 77.58000  ? 122 LYS Q CD  1 
ATOM   427  C  CE  . LYS A 1 122 ? 15.91590  -3.07419  19.03292  1.000 77.58000  ? 122 LYS Q CE  1 
ATOM   428  N  NZ  . LYS A 1 122 ? 16.03562  -1.67036  18.57535  1.000 77.58000  ? 122 LYS Q NZ  1 
ATOM   429  N  N   . THR A 1 123 ? 16.19040  -7.35966  22.86280  1.000 79.67000  ? 123 THR Q N   1 
ATOM   430  C  CA  . THR A 1 123 ? 16.02675  -7.55102  24.33267  1.000 79.67000  ? 123 THR Q CA  1 
ATOM   431  C  C   . THR A 1 123 ? 16.51022  -8.94071  24.76463  1.000 79.67000  ? 123 THR Q C   1 
ATOM   432  O  O   . THR A 1 123 ? 16.67661  -9.14390  25.98300  1.000 79.67000  ? 123 THR Q O   1 
ATOM   433  C  CB  . THR A 1 123 ? 14.58946  -7.27505  24.79080  1.000 79.67000  ? 123 THR Q CB  1 
ATOM   434  O  OG1 . THR A 1 123 ? 13.70660  -8.09479  24.02393  1.000 79.67000  ? 123 THR Q OG1 1 
ATOM   435  C  CG2 . THR A 1 123 ? 14.19701  -5.82008  24.65734  1.000 79.67000  ? 123 THR Q CG2 1 
ATOM   436  N  N   . ALA A 1 124 ? 16.72443  -9.85604  23.81520  1.000 82.82000  ? 124 ALA Q N   1 
ATOM   437  C  CA  . ALA A 1 124 ? 17.13231  -11.24210 24.14871  1.000 82.82000  ? 124 ALA Q CA  1 
ATOM   438  C  C   . ALA A 1 124 ? 18.53336  -11.23658 24.76756  1.000 82.82000  ? 124 ALA Q C   1 
ATOM   439  O  O   . ALA A 1 124 ? 19.29491  -10.28669 24.49444  1.000 82.82000  ? 124 ALA Q O   1 
ATOM   440  C  CB  . ALA A 1 124 ? 17.07947  -12.11006 22.91628  1.000 82.82000  ? 124 ALA Q CB  1 
ATOM   441  N  N   . LYS A 1 125 ? 18.86637  -12.26517 25.55500  1.000 84.53000  ? 125 LYS Q N   1 
ATOM   442  C  CA  . LYS A 1 125 ? 20.17447  -12.28724 26.26489  1.000 84.53000  ? 125 LYS Q CA  1 
ATOM   443  C  C   . LYS A 1 125 ? 21.29822  -12.22375 25.22845  1.000 84.53000  ? 125 LYS Q C   1 
ATOM   444  O  O   . LYS A 1 125 ? 22.27054  -11.48349 25.46810  1.000 84.53000  ? 125 LYS Q O   1 
ATOM   445  C  CB  . LYS A 1 125 ? 20.28155  -13.55145 27.12323  1.000 84.53000  ? 125 LYS Q CB  1 
ATOM   446  C  CG  . LYS A 1 125 ? 19.10924  -13.78850 28.06447  1.000 84.53000  ? 125 LYS Q CG  1 
ATOM   447  C  CD  . LYS A 1 125 ? 18.88595  -12.64981 29.03682  1.000 84.53000  ? 125 LYS Q CD  1 
ATOM   448  C  CE  . LYS A 1 125 ? 17.49029  -12.64064 29.62323  1.000 84.53000  ? 125 LYS Q CE  1 
ATOM   449  N  NZ  . LYS A 1 125 ? 16.45855  -12.47528 28.57191  1.000 84.53000  ? 125 LYS Q NZ  1 
ATOM   450  N  N   . LYS A 1 126 ? 21.20094  -13.00625 24.15255  1.000 85.31000  ? 126 LYS Q N   1 
ATOM   451  C  CA  . LYS A 1 126 ? 22.20591  -12.91008 23.05928  1.000 85.31000  ? 126 LYS Q CA  1 
ATOM   452  C  C   . LYS A 1 126 ? 21.50800  -12.27765 21.85573  1.000 85.31000  ? 126 LYS Q C   1 
ATOM   453  O  O   . LYS A 1 126 ? 20.89578  -13.02578 21.06908  1.000 85.31000  ? 126 LYS Q O   1 
ATOM   454  C  CB  . LYS A 1 126 ? 22.77894  -14.28827 22.71570  1.000 85.31000  ? 126 LYS Q CB  1 
ATOM   455  C  CG  . LYS A 1 126 ? 23.85674  -14.28896 21.63807  1.000 85.31000  ? 126 LYS Q CG  1 
ATOM   456  C  CD  . LYS A 1 126 ? 24.18345  -15.67013 21.11512  1.000 85.31000  ? 126 LYS Q CD  1 
ATOM   457  C  CE  . LYS A 1 126 ? 25.05940  -15.63687 19.88162  1.000 85.31000  ? 126 LYS Q CE  1 
ATOM   458  N  NZ  . LYS A 1 126 ? 24.41512  -14.89238 18.77360  1.000 85.31000  ? 126 LYS Q NZ  1 
ATOM   459  N  N   . PRO A 1 127 ? 21.53842  -10.93787 21.68753  1.000 82.46000  ? 127 PRO Q N   1 
ATOM   460  C  CA  . PRO A 1 127 ? 20.79399  -10.30399 20.60498  1.000 82.46000  ? 127 PRO Q CA  1 
ATOM   461  C  C   . PRO A 1 127 ? 21.35845  -10.72660 19.24473  1.000 82.46000  ? 127 PRO Q C   1 
ATOM   462  O  O   . PRO A 1 127 ? 22.56002  -10.63970 19.06166  1.000 82.46000  ? 127 PRO Q O   1 
ATOM   463  C  CB  . PRO A 1 127 ? 21.04907  -8.80407  20.81656  1.000 82.46000  ? 127 PRO Q CB  1 
ATOM   464  C  CG  . PRO A 1 127 ? 21.53101  -8.69202  22.24672  1.000 82.46000  ? 127 PRO Q CG  1 
ATOM   465  C  CD  . PRO A 1 127 ? 22.27982  -9.98090  22.50546  1.000 82.46000  ? 127 PRO Q CD  1 
ATOM   466  N  N   . LYS A 1 128 ? 20.48729  -11.16377 18.33331  1.000 79.52000  ? 128 LYS Q N   1 
ATOM   467  C  CA  . LYS A 1 128 ? 20.92960  -11.51059 16.95761  1.000 79.52000  ? 128 LYS Q CA  1 
ATOM   468  C  C   . LYS A 1 128 ? 19.82950  -11.05538 15.99650  1.000 79.52000  ? 128 LYS Q C   1 
ATOM   469  O  O   . LYS A 1 128 ? 18.64432  -11.15660 16.36825  1.000 79.52000  ? 128 LYS Q O   1 
ATOM   470  C  CB  . LYS A 1 128 ? 21.20430  -13.01369 16.84096  1.000 79.52000  ? 128 LYS Q CB  1 
ATOM   471  C  CG  . LYS A 1 128 ? 20.15272  -13.91918 17.46748  1.000 79.52000  ? 128 LYS Q CG  1 
ATOM   472  C  CD  . LYS A 1 128 ? 20.50611  -15.38812 17.38462  1.000 79.52000  ? 128 LYS Q CD  1 
ATOM   473  C  CE  . LYS A 1 128 ? 20.60749  -15.89045 15.96030  1.000 79.52000  ? 128 LYS Q CE  1 
ATOM   474  N  NZ  . LYS A 1 128 ? 19.31280  -15.78635 15.24845  1.000 79.52000  ? 128 LYS Q NZ  1 
ATOM   475  N  N   . LEU A 1 129 ? 20.20482  -10.56902 14.81361  1.000 78.56000  ? 129 LEU Q N   1 
ATOM   476  C  CA  . LEU A 1 129 ? 19.17779  -10.05530 13.87381  1.000 78.56000  ? 129 LEU Q CA  1 
ATOM   477  C  C   . LEU A 1 129 ? 18.85826  -11.17429 12.88337  1.000 78.56000  ? 129 LEU Q C   1 
ATOM   478  O  O   . LEU A 1 129 ? 19.78028  -11.61346 12.16884  1.000 78.56000  ? 129 LEU Q O   1 
ATOM   479  C  CB  . LEU A 1 129 ? 19.70509  -8.80472  13.16346  1.000 78.56000  ? 129 LEU Q CB  1 
ATOM   480  C  CG  . LEU A 1 129 ? 18.65100  -7.97364  12.43303  1.000 78.56000  ? 129 LEU Q CG  1 
ATOM   481  C  CD1 . LEU A 1 129 ? 17.43372  -7.74162  13.31417  1.000 78.56000  ? 129 LEU Q CD1 1 
ATOM   482  C  CD2 . LEU A 1 129 ? 19.23099  -6.64602  11.97945  1.000 78.56000  ? 129 LEU Q CD2 1 
ATOM   483  N  N   . ASP A 1 130 ? 17.60282  -11.62348 12.86561  1.000 72.01000  ? 130 ASP Q N   1 
ATOM   484  C  CA  . ASP A 1 130 ? 17.21038  -12.73938 11.96879  1.000 72.01000  ? 130 ASP Q CA  1 
ATOM   485  C  C   . ASP A 1 130 ? 17.10845  -12.18215 10.54926  1.000 72.01000  ? 130 ASP Q C   1 
ATOM   486  O  O   . ASP A 1 130 ? 16.01038  -11.73870 10.17490  1.000 72.01000  ? 130 ASP Q O   1 
ATOM   487  C  CB  . ASP A 1 130 ? 15.90187  -13.38626 12.42605  1.000 72.01000  ? 130 ASP Q CB  1 
ATOM   488  C  CG  . ASP A 1 130 ? 15.94598  -13.91330 13.85005  1.000 72.01000  ? 130 ASP Q CG  1 
ATOM   489  O  OD1 . ASP A 1 130 ? 17.04246  -13.90932 14.44416  1.000 72.01000  ? 130 ASP Q OD1 1 
ATOM   490  O  OD2 . ASP A 1 130 ? 14.88144  -14.32048 14.35477  1.000 72.01000  ? 130 ASP Q OD2 1 
ATOM   491  N  N   . ARG A 1 131 ? 18.22360  -12.17539 9.81461   1.000 67.90000  ? 131 ARG Q N   1 
ATOM   492  C  CA  . ARG A 1 131 ? 18.21398  -11.62327 8.44356   1.000 67.90000  ? 131 ARG Q CA  1 
ATOM   493  C  C   . ARG A 1 131 ? 17.06757  -12.31905 7.72010   1.000 67.90000  ? 131 ARG Q C   1 
ATOM   494  O  O   . ARG A 1 131 ? 16.39427  -11.66386 6.92891   1.000 67.90000  ? 131 ARG Q O   1 
ATOM   495  C  CB  . ARG A 1 131 ? 19.57404  -11.77335 7.75827   1.000 67.90000  ? 131 ARG Q CB  1 
ATOM   496  C  CG  . ARG A 1 131 ? 20.17096  -13.16981 7.82573   1.000 67.90000  ? 131 ARG Q CG  1 
ATOM   497  C  CD  . ARG A 1 131 ? 21.53174  -13.16473 7.16121   1.000 67.90000  ? 131 ARG Q CD  1 
ATOM   498  N  NE  . ARG A 1 131 ? 21.50099  -12.46777 5.88489   1.000 67.90000  ? 131 ARG Q NE  1 
ATOM   499  C  CZ  . ARG A 1 131 ? 21.24982  -13.05054 4.71948   1.000 67.90000  ? 131 ARG Q CZ  1 
ATOM   500  N  NH1 . ARG A 1 131 ? 21.00434  -14.34834 4.66606   1.000 67.90000  ? 131 ARG Q NH1 1 
ATOM   501  N  NH2 . ARG A 1 131 ? 21.24500  -12.33498 3.60971   1.000 67.90000  ? 131 ARG Q NH2 1 
ATOM   502  N  N   . ASP A 1 132 ? 16.85941  -13.59939 8.01047   1.000 64.44000  ? 132 ASP Q N   1 
ATOM   503  C  CA  . ASP A 1 132 ? 15.79196  -14.37154 7.33759   1.000 64.44000  ? 132 ASP Q CA  1 
ATOM   504  C  C   . ASP A 1 132 ? 14.40766  -13.79997 7.66501   1.000 64.44000  ? 132 ASP Q C   1 
ATOM   505  O  O   . ASP A 1 132 ? 13.64173  -13.62356 6.72232   1.000 64.44000  ? 132 ASP Q O   1 
ATOM   506  C  CB  . ASP A 1 132 ? 15.90208  -15.84476 7.71391   1.000 64.44000  ? 132 ASP Q CB  1 
ATOM   507  C  CG  . ASP A 1 132 ? 17.30809  -16.40127 7.56983   1.000 64.44000  ? 132 ASP Q CG  1 
ATOM   508  O  OD1 . ASP A 1 132 ? 18.04466  -15.91173 6.69394   1.000 64.44000  ? 132 ASP Q OD1 1 
ATOM   509  O  OD2 . ASP A 1 132 ? 17.65411  -17.32448 8.33165   1.000 64.44000  ? 132 ASP Q OD2 1 
ATOM   510  N  N   . TYR A 1 133 ? 14.10371  -13.48442 8.92758   1.000 62.91000  ? 133 TYR Q N   1 
ATOM   511  C  CA  . TYR A 1 133 ? 12.79237  -12.85761 9.24354   1.000 62.91000  ? 133 TYR Q CA  1 
ATOM   512  C  C   . TYR A 1 133 ? 12.67535  -11.47216 8.61457   1.000 62.91000  ? 133 TYR Q C   1 
ATOM   513  O  O   . TYR A 1 133 ? 11.64305  -11.18764 7.99905   1.000 62.91000  ? 133 TYR Q O   1 
ATOM   514  C  CB  . TYR A 1 133 ? 12.58689  -12.68333 10.74882  1.000 62.91000  ? 133 TYR Q CB  1 
ATOM   515  C  CG  . TYR A 1 133 ? 11.24913  -12.10310 11.13018  1.000 62.91000  ? 133 TYR Q CG  1 
ATOM   516  C  CD1 . TYR A 1 133 ? 10.13581  -12.91280 11.25883  1.000 62.91000  ? 133 TYR Q CD1 1 
ATOM   517  C  CD2 . TYR A 1 133 ? 11.09066  -10.74687 11.35865  1.000 62.91000  ? 133 TYR Q CD2 1 
ATOM   518  C  CE1 . TYR A 1 133 ? 8.89989   -12.39306 11.60347  1.000 62.91000  ? 133 TYR Q CE1 1 
ATOM   519  C  CE2 . TYR A 1 133 ? 9.86193   -10.21002 11.69786  1.000 62.91000  ? 133 TYR Q CE2 1 
ATOM   520  C  CZ  . TYR A 1 133 ? 8.76119   -11.03686 11.82522  1.000 62.91000  ? 133 TYR Q CZ  1 
ATOM   521  O  OH  . TYR A 1 133 ? 7.54574   -10.51813 12.16669  1.000 62.91000  ? 133 TYR Q OH  1 
ATOM   522  N  N   . VAL A 1 134 ? 13.70711  -10.64454 8.75271   1.000 60.98000  ? 134 VAL Q N   1 
ATOM   523  C  CA  . VAL A 1 134 ? 13.61160  -9.24697  8.24874   1.000 60.98000  ? 134 VAL Q CA  1 
ATOM   524  C  C   . VAL A 1 134 ? 13.47043  -9.28944  6.72436   1.000 60.98000  ? 134 VAL Q C   1 
ATOM   525  O  O   . VAL A 1 134 ? 12.61412  -8.56405  6.19680   1.000 60.98000  ? 134 VAL Q O   1 
ATOM   526  C  CB  . VAL A 1 134 ? 14.81864  -8.42706  8.73132   1.000 60.98000  ? 134 VAL Q CB  1 
ATOM   527  C  CG1 . VAL A 1 134 ? 14.78959  -7.00842  8.20490   1.000 60.98000  ? 134 VAL Q CG1 1 
ATOM   528  C  CG2 . VAL A 1 134 ? 14.90405  -8.41423  10.24829  1.000 60.98000  ? 134 VAL Q CG2 1 
ATOM   529  N  N   . LEU A 1 135 ? 14.22155  -10.16903 6.05279   1.000 60.22000  ? 135 LEU Q N   1 
ATOM   530  C  CA  . LEU A 1 135 ? 14.18952  -10.27862 4.56744   1.000 60.22000  ? 135 LEU Q CA  1 
ATOM   531  C  C   . LEU A 1 135 ? 12.88961  -10.94413 4.10826   1.000 60.22000  ? 135 LEU Q C   1 
ATOM   532  O  O   . LEU A 1 135 ? 12.39959  -10.55487 3.03820   1.000 60.22000  ? 135 LEU Q O   1 
ATOM   533  C  CB  . LEU A 1 135 ? 15.40686  -11.06955 4.08201   1.000 60.22000  ? 135 LEU Q CB  1 
ATOM   534  C  CG  . LEU A 1 135 ? 16.58424  -10.24594 3.56364   1.000 60.22000  ? 135 LEU Q CG  1 
ATOM   535  C  CD1 . LEU A 1 135 ? 16.93907  -9.12247  4.52243   1.000 60.22000  ? 135 LEU Q CD1 1 
ATOM   536  C  CD2 . LEU A 1 135 ? 17.79015  -11.13664 3.32266   1.000 60.22000  ? 135 LEU Q CD2 1 
ATOM   537  N  N   . ARG A 1 136 ? 12.36406  -11.90975 4.86775   1.000 59.05000  ? 136 ARG Q N   1 
ATOM   538  C  CA  . ARG A 1 136 ? 11.07288  -12.56474 4.52096   1.000 59.05000  ? 136 ARG Q CA  1 
ATOM   539  C  C   . ARG A 1 136 ? 9.89894   -11.61568 4.77181   1.000 59.05000  ? 136 ARG Q C   1 
ATOM   540  O  O   . ARG A 1 136 ? 8.97756   -11.62081 3.94799   1.000 59.05000  ? 136 ARG Q O   1 
ATOM   541  C  CB  . ARG A 1 136 ? 10.89835  -13.92581 5.19472   1.000 59.05000  ? 136 ARG Q CB  1 
ATOM   542  C  CG  . ARG A 1 136 ? 11.72150  -15.03796 4.56321   1.000 59.05000  ? 136 ARG Q CG  1 
ATOM   543  C  CD  . ARG A 1 136 ? 11.18851  -16.39358 4.97837   1.000 59.05000  ? 136 ARG Q CD  1 
ATOM   544  N  NE  . ARG A 1 136 ? 12.12322  -17.46831 4.69231   1.000 59.05000  ? 136 ARG Q NE  1 
ATOM   545  C  CZ  . ARG A 1 136 ? 12.97962  -17.96238 5.57368   1.000 59.05000  ? 136 ARG Q CZ  1 
ATOM   546  N  NH1 . ARG A 1 136 ? 13.01486  -17.47907 6.80251   1.000 59.05000  ? 136 ARG Q NH1 1 
ATOM   547  N  NH2 . ARG A 1 136 ? 13.79414  -18.94161 5.22785   1.000 59.05000  ? 136 ARG Q NH2 1 
ATOM   548  N  N   . TYR A 1 137 ? 9.91964   -10.84235 5.85964   1.000 61.26000  ? 137 TYR Q N   1 
ATOM   549  C  CA  . TYR A 1 137 ? 8.83776   -9.84720  6.06650   1.000 61.26000  ? 137 TYR Q CA  1 
ATOM   550  C  C   . TYR A 1 137 ? 8.89582   -8.81316  4.94359   1.000 61.26000  ? 137 TYR Q C   1 
ATOM   551  O  O   . TYR A 1 137 ? 7.83492   -8.42270  4.44596   1.000 61.26000  ? 137 TYR Q O   1 
ATOM   552  C  CB  . TYR A 1 137 ? 8.92237   -9.16320  7.43090   1.000 61.26000  ? 137 TYR Q CB  1 
ATOM   553  C  CG  . TYR A 1 137 ? 7.96552   -8.00973  7.56021   1.000 61.26000  ? 137 TYR Q CG  1 
ATOM   554  C  CD1 . TYR A 1 137 ? 6.65061   -8.21848  7.93586   1.000 61.26000  ? 137 TYR Q CD1 1 
ATOM   555  C  CD2 . TYR A 1 137 ? 8.35965   -6.71842  7.25386   1.000 61.26000  ? 137 TYR Q CD2 1 
ATOM   556  C  CE1 . TYR A 1 137 ? 5.75385   -7.16828  8.02453   1.000 61.26000  ? 137 TYR Q CE1 1 
ATOM   557  C  CE2 . TYR A 1 137 ? 7.47516   -5.65882  7.32888   1.000 61.26000  ? 137 TYR Q CE2 1 
ATOM   558  C  CZ  . TYR A 1 137 ? 6.17026   -5.88679  7.72040   1.000 61.26000  ? 137 TYR Q CZ  1 
ATOM   559  O  OH  . TYR A 1 137 ? 5.29804   -4.84616  7.79200   1.000 61.26000  ? 137 TYR Q OH  1 
ATOM   560  N  N   . SER A 1 138 ? 10.10250  -8.38879  4.56190   1.000 59.63000  ? 138 SER Q N   1 
ATOM   561  C  CA  . SER A 1 138 ? 10.25921  -7.40539  3.45895   1.000 59.63000  ? 138 SER Q CA  1 
ATOM   562  C  C   . SER A 1 138 ? 9.73191   -8.00547  2.15811   1.000 59.63000  ? 138 SER Q C   1 
ATOM   563  O  O   . SER A 1 138 ? 9.04780   -7.28571  1.41823   1.000 59.63000  ? 138 SER Q O   1 
ATOM   564  C  CB  . SER A 1 138 ? 11.68736  -6.98073  3.31608   1.000 59.63000  ? 138 SER Q CB  1 
ATOM   565  O  OG  . SER A 1 138 ? 11.84707  -6.11793  2.20345   1.000 59.63000  ? 138 SER Q OG  1 
ATOM   566  N  N   . ALA A 1 139 ? 10.03774  -9.27389  1.89311   1.000 59.07000  ? 139 ALA Q N   1 
ATOM   567  C  CA  . ALA A 1 139 ? 9.54507   -9.95849  0.67526   1.000 59.07000  ? 139 ALA Q CA  1 
ATOM   568  C  C   . ALA A 1 139 ? 8.02367   -10.09338 0.71735   1.000 59.07000  ? 139 ALA Q C   1 
ATOM   569  O  O   . ALA A 1 139 ? 7.40157   -10.04564 -0.34872  1.000 59.07000  ? 139 ALA Q O   1 
ATOM   570  C  CB  . ALA A 1 139 ? 10.20040  -11.30304 0.54242   1.000 59.07000  ? 139 ALA Q CB  1 
ATOM   571  N  N   . LEU A 1 140 ? 7.45360   -10.32908 1.89604   1.000 59.44000  ? 140 LEU Q N   1 
ATOM   572  C  CA  . LEU A 1 140 ? 5.99418   -10.59280 1.97527   1.000 59.44000  ? 140 LEU Q CA  1 
ATOM   573  C  C   . LEU A 1 140 ? 5.19411   -9.30032  2.09588   1.000 59.44000  ? 140 LEU Q C   1 
ATOM   574  O  O   . LEU A 1 140 ? 4.07814   -9.27281  1.55834   1.000 59.44000  ? 140 LEU Q O   1 
ATOM   575  C  CB  . LEU A 1 140 ? 5.70308   -11.50585 3.16950   1.000 59.44000  ? 140 LEU Q CB  1 
ATOM   576  C  CG  . LEU A 1 140 ? 6.00070   -12.98710 2.96324   1.000 59.44000  ? 140 LEU Q CG  1 
ATOM   577  C  CD1 . LEU A 1 140 ? 5.79365   -13.75528 4.25780   1.000 59.44000  ? 140 LEU Q CD1 1 
ATOM   578  C  CD2 . LEU A 1 140 ? 5.12858   -13.56098 1.85982   1.000 59.44000  ? 140 LEU Q CD2 1 
ATOM   579  N  N   . TYR A 1 141 ? 5.71641   -8.27774  2.77376   1.000 64.64000  ? 141 TYR Q N   1 
ATOM   580  C  CA  . TYR A 1 141 ? 4.85298   -7.08923  2.99009   1.000 64.64000  ? 141 TYR Q CA  1 
ATOM   581  C  C   . TYR A 1 141 ? 5.31936   -5.89180  2.17144   1.000 64.64000  ? 141 TYR Q C   1 
ATOM   582  O  O   . TYR A 1 141 ? 4.47822   -5.20404  1.59041   1.000 64.64000  ? 141 TYR Q O   1 
ATOM   583  C  CB  . TYR A 1 141 ? 4.54205   -6.88188  4.47273   1.000 64.64000  ? 141 TYR Q CB  1 
ATOM   584  C  CG  . TYR A 1 141 ? 3.54976   -7.87997  5.01120   1.000 64.64000  ? 141 TYR Q CG  1 
ATOM   585  C  CD1 . TYR A 1 141 ? 2.18885   -7.65561  4.90525   1.000 64.64000  ? 141 TYR Q CD1 1 
ATOM   586  C  CD2 . TYR A 1 141 ? 3.96601   -9.06364  5.59462   1.000 64.64000  ? 141 TYR Q CD2 1 
ATOM   587  C  CE1 . TYR A 1 141 ? 1.26611   -8.56992  5.38213   1.000 64.64000  ? 141 TYR Q CE1 1 
ATOM   588  C  CE2 . TYR A 1 141 ? 3.05862   -9.98841  6.08280   1.000 64.64000  ? 141 TYR Q CE2 1 
ATOM   589  C  CZ  . TYR A 1 141 ? 1.70229   -9.74084  5.97504   1.000 64.64000  ? 141 TYR Q CZ  1 
ATOM   590  O  OH  . TYR A 1 141 ? 0.79596   -10.64405 6.44838   1.000 64.64000  ? 141 TYR Q OH  1 
ATOM   591  N  N   . LEU A 1 142 ? 6.62210   -5.67467  2.10613   1.000 64.26000  ? 142 LEU Q N   1 
ATOM   592  C  CA  . LEU A 1 142 ? 7.11753   -4.44180  1.45695   1.000 64.26000  ? 142 LEU Q CA  1 
ATOM   593  C  C   . LEU A 1 142 ? 6.94045   -4.51312  -0.06074  1.000 64.26000  ? 142 LEU Q C   1 
ATOM   594  O  O   . LEU A 1 142 ? 6.58303   -3.48657  -0.67038  1.000 64.26000  ? 142 LEU Q O   1 
ATOM   595  C  CB  . LEU A 1 142 ? 8.54496   -4.16310  1.92521   1.000 64.26000  ? 142 LEU Q CB  1 
ATOM   596  C  CG  . LEU A 1 142 ? 8.68479   -3.95605  3.43357   1.000 64.26000  ? 142 LEU Q CG  1 
ATOM   597  C  CD1 . LEU A 1 142 ? 10.07868  -3.47726  3.80035   1.000 64.26000  ? 142 LEU Q CD1 1 
ATOM   598  C  CD2 . LEU A 1 142 ? 7.63389   -2.98738  3.95440   1.000 64.26000  ? 142 LEU Q CD2 1 
ATOM   599  N  N   . THR A 1 143 ? 7.14397   -5.69242  -0.63941  1.000 64.60000  ? 143 THR Q N   1 
ATOM   600  C  CA  . THR A 1 143 ? 6.93066   -5.79718  -2.09771  1.000 64.60000  ? 143 THR Q CA  1 
ATOM   601  C  C   . THR A 1 143 ? 5.44746   -5.51360  -2.32667  1.000 64.60000  ? 143 THR Q C   1 
ATOM   602  O  O   . THR A 1 143 ? 5.13734   -4.69850  -3.21407  1.000 64.60000  ? 143 THR Q O   1 
ATOM   603  C  CB  . THR A 1 143 ? 7.51004   -7.09331  -2.67920  1.000 64.60000  ? 143 THR Q CB  1 
ATOM   604  O  OG1 . THR A 1 143 ? 6.89247   -8.20654  -2.03335  1.000 64.60000  ? 143 THR Q OG1 1 
ATOM   605  C  CG2 . THR A 1 143 ? 9.01324   -7.18106  -2.53462  1.000 64.60000  ? 143 THR Q CG2 1 
ATOM   606  N  N   . THR A 1 144 ? 4.57558   -6.15334  -1.54536  1.000 68.12000  ? 144 THR Q N   1 
ATOM   607  C  CA  . THR A 1 144 ? 3.11864   -5.89799  -1.66141  1.000 68.12000  ? 144 THR Q CA  1 
ATOM   608  C  C   . THR A 1 144 ? 2.86815   -4.39165  -1.60365  1.000 68.12000  ? 144 THR Q C   1 
ATOM   609  O  O   . THR A 1 144 ? 2.32390   -3.84782  -2.58418  1.000 68.12000  ? 144 THR Q O   1 
ATOM   610  C  CB  . THR A 1 144 ? 2.34430   -6.61790  -0.55369  1.000 68.12000  ? 144 THR Q CB  1 
ATOM   611  O  OG1 . THR A 1 144 ? 2.61170   -8.01370  -0.69173  1.000 68.12000  ? 144 THR Q OG1 1 
ATOM   612  C  CG2 . THR A 1 144 ? 0.85338   -6.36848  -0.61364  1.000 68.12000  ? 144 THR Q CG2 1 
ATOM   613  N  N   . LEU A 1 145 ? 3.32793   -3.73285  -0.53860  1.000 69.76000  ? 145 LEU Q N   1 
ATOM   614  C  CA  . LEU A 1 145 ? 3.02039   -2.29376  -0.36970  1.000 69.76000  ? 145 LEU Q CA  1 
ATOM   615  C  C   . LEU A 1 145 ? 3.57812   -1.52326  -1.56568  1.000 69.76000  ? 145 LEU Q C   1 
ATOM   616  O  O   . LEU A 1 145 ? 2.79537   -0.79731  -2.18259  1.000 69.76000  ? 145 LEU Q O   1 
ATOM   617  C  CB  . LEU A 1 145 ? 3.67629   -1.82242  0.93096   1.000 69.76000  ? 145 LEU Q CB  1 
ATOM   618  C  CG  . LEU A 1 145 ? 3.41114   -0.37401  1.32807   1.000 69.76000  ? 145 LEU Q CG  1 
ATOM   619  C  CD1 . LEU A 1 145 ? 1.92120   -0.11212  1.41842   1.000 69.76000  ? 145 LEU Q CD1 1 
ATOM   620  C  CD2 . LEU A 1 145 ? 4.07544   -0.06039  2.65655   1.000 69.76000  ? 145 LEU Q CD2 1 
ATOM   621  N  N   . VAL A 1 146 ? 4.82827   -1.76214  -1.96354  1.000 70.59000  ? 146 VAL Q N   1 
ATOM   622  C  CA  . VAL A 1 146 ? 5.38194   -0.92010  -3.06274  1.000 70.59000  ? 146 VAL Q CA  1 
ATOM   623  C  C   . VAL A 1 146 ? 4.57319   -1.16562  -4.33583  1.000 70.59000  ? 146 VAL Q C   1 
ATOM   624  O  O   . VAL A 1 146 ? 4.16481   -0.17221  -4.94408  1.000 70.59000  ? 146 VAL Q O   1 
ATOM   625  C  CB  . VAL A 1 146 ? 6.89557   -1.10911  -3.28179  1.000 70.59000  ? 146 VAL Q CB  1 
ATOM   626  C  CG1 . VAL A 1 146 ? 7.28929   -0.94027  -4.74097  1.000 70.59000  ? 146 VAL Q CG1 1 
ATOM   627  C  CG2 . VAL A 1 146 ? 7.70603   -0.16645  -2.41054  1.000 70.59000  ? 146 VAL Q CG2 1 
ATOM   628  N  N   . ASP A 1 147 ? 4.27050   -2.42235  -4.67145  1.000 72.82000  ? 147 ASP Q N   1 
ATOM   629  C  CA  . ASP A 1 147 ? 3.56890   -2.66403  -5.96029  1.000 72.82000  ? 147 ASP Q CA  1 
ATOM   630  C  C   . ASP A 1 147 ? 2.18919   -2.00335  -5.91024  1.000 72.82000  ? 147 ASP Q C   1 
ATOM   631  O  O   . ASP A 1 147 ? 1.81489   -1.36901  -6.90305  1.000 72.82000  ? 147 ASP Q O   1 
ATOM   632  C  CB  . ASP A 1 147 ? 3.60347   -4.13356  -6.39530  1.000 72.82000  ? 147 ASP Q CB  1 
ATOM   633  C  CG  . ASP A 1 147 ? 2.85597   -5.11752  -5.51067  1.000 72.82000  ? 147 ASP Q CG  1 
ATOM   634  O  OD1 . ASP A 1 147 ? 1.65676   -4.89568  -5.25113  1.000 72.82000  ? 147 ASP Q OD1 1 
ATOM   635  O  OD2 . ASP A 1 147 ? 3.47442   -6.12222  -5.11189  1.000 72.82000  ? 147 ASP Q OD2 1 
ATOM   636  N  N   . ALA A 1 148 ? 1.48340   -2.11389  -4.78063  1.000 72.06000  ? 148 ALA Q N   1 
ATOM   637  C  CA  . ALA A 1 148 ? 0.12177   -1.54266  -4.67365  1.000 72.06000  ? 148 ALA Q CA  1 
ATOM   638  C  C   . ALA A 1 148 ? 0.19045   -0.01969  -4.79643  1.000 72.06000  ? 148 ALA Q C   1 
ATOM   639  O  O   . ALA A 1 148 ? -0.65119  0.55135   -5.50982  1.000 72.06000  ? 148 ALA Q O   1 
ATOM   640  C  CB  . ALA A 1 148 ? -0.52409  -1.97008  -3.38692  1.000 72.06000  ? 148 ALA Q CB  1 
ATOM   641  N  N   . MET A 1 149 ? 1.17666   0.60570   -4.15243  1.000 74.10000  ? 149 MET Q N   1 
ATOM   642  C  CA  . MET A 1 149 ? 1.31989   2.08143   -4.22078  1.000 74.10000  ? 149 MET Q CA  1 
ATOM   643  C  C   . MET A 1 149 ? 1.59613   2.46837   -5.67361  1.000 74.10000  ? 149 MET Q C   1 
ATOM   644  O  O   . MET A 1 149 ? 0.94955   3.41020   -6.16329  1.000 74.10000  ? 149 MET Q O   1 
ATOM   645  C  CB  . MET A 1 149 ? 2.46033   2.56919   -3.32594  1.000 74.10000  ? 149 MET Q CB  1 
ATOM   646  C  CG  . MET A 1 149 ? 2.15445   2.46790   -1.84698  1.000 74.10000  ? 149 MET Q CG  1 
ATOM   647  S  SD  . MET A 1 149 ? 3.58332   2.87016   -0.81398  1.000 74.10000  ? 149 MET Q SD  1 
ATOM   648  C  CE  . MET A 1 149 ? 3.41430   4.64741   -0.67808  1.000 74.10000  ? 149 MET Q CE  1 
ATOM   649  N  N   . GLU A 1 150 ? 2.45011   1.70591   -6.35979  1.000 75.15000  ? 150 GLU Q N   1 
ATOM   650  C  CA  . GLU A 1 150 ? 2.78508   2.00670   -7.77122  1.000 75.15000  ? 150 GLU Q CA  1 
ATOM   651  C  C   . GLU A 1 150 ? 1.51017   1.91236   -8.61042  1.000 75.15000  ? 150 GLU Q C   1 
ATOM   652  O  O   . GLU A 1 150 ? 1.30456   2.79311   -9.44147  1.000 75.15000  ? 150 GLU Q O   1 
ATOM   653  C  CB  . GLU A 1 150 ? 3.81729   1.01180   -8.29394  1.000 75.15000  ? 150 GLU Q CB  1 
ATOM   654  C  CG  . GLU A 1 150 ? 5.20931   1.21212   -7.72611  1.000 75.15000  ? 150 GLU Q CG  1 
ATOM   655  C  CD  . GLU A 1 150 ? 6.21624   1.81798   -8.68809  1.000 75.15000  ? 150 GLU Q CD  1 
ATOM   656  O  OE1 . GLU A 1 150 ? 5.87568   1.97855   -9.87643  1.000 75.15000  ? 150 GLU Q OE1 1 
ATOM   657  O  OE2 . GLU A 1 150 ? 7.34107   2.12563   -8.24753  1.000 75.15000  ? 150 GLU Q OE2 1 
ATOM   658  N  N   . GLN A 1 151 ? 0.68574   0.88969   -8.37981  1.000 73.59000  ? 151 GLN Q N   1 
ATOM   659  C  CA  . GLN A 1 151 ? -0.56705  0.70381   -9.16090  1.000 73.59000  ? 151 GLN Q CA  1 
ATOM   660  C  C   . GLN A 1 151 ? -1.54413  1.85331   -8.89213  1.000 73.59000  ? 151 GLN Q C   1 
ATOM   661  O  O   . GLN A 1 151 ? -2.19143  2.32397   -9.85348  1.000 73.59000  ? 151 GLN Q O   1 
ATOM   662  C  CB  . GLN A 1 151 ? -1.18982  -0.66147  -8.87190  1.000 73.59000  ? 151 GLN Q CB  1 
ATOM   663  C  CG  . GLN A 1 151 ? -0.38660  -1.82862  -9.42242  1.000 73.59000  ? 151 GLN Q CG  1 
ATOM   664  C  CD  . GLN A 1 151 ? -0.47802  -1.90882  -10.92580 1.000 73.59000  ? 151 GLN Q CD  1 
ATOM   665  O  OE1 . GLN A 1 151 ? -1.48134  -1.53221  -11.52521 1.000 73.59000  ? 151 GLN Q OE1 1 
ATOM   666  N  NE2 . GLN A 1 151 ? 0.57356   -2.41484  -11.54654 1.000 73.59000  ? 151 GLN Q NE2 1 
ATOM   667  N  N   . TYR A 1 152 ? -1.64862  2.28509   -7.63460  1.000 74.81000  ? 152 TYR Q N   1 
ATOM   668  C  CA  . TYR A 1 152 ? -2.55802  3.41104   -7.31563  1.000 74.81000  ? 152 TYR Q CA  1 
ATOM   669  C  C   . TYR A 1 152 ? -2.04682  4.64158   -8.06168  1.000 74.81000  ? 152 TYR Q C   1 
ATOM   670  O  O   . TYR A 1 152 ? -2.86104  5.35165   -8.65649  1.000 74.81000  ? 152 TYR Q O   1 
ATOM   671  C  CB  . TYR A 1 152 ? -2.67696  3.63192   -5.80711  1.000 74.81000  ? 152 TYR Q CB  1 
ATOM   672  C  CG  . TYR A 1 152 ? -3.83471  4.49530   -5.37769  1.000 74.81000  ? 152 TYR Q CG  1 
ATOM   673  C  CD1 . TYR A 1 152 ? -3.83342  5.86074   -5.60560  1.000 74.81000  ? 152 TYR Q CD1 1 
ATOM   674  C  CD2 . TYR A 1 152 ? -4.92637  3.95000   -4.72635  1.000 74.81000  ? 152 TYR Q CD2 1 
ATOM   675  C  CE1 . TYR A 1 152 ? -4.89269  6.66053   -5.21536  1.000 74.81000  ? 152 TYR Q CE1 1 
ATOM   676  C  CE2 . TYR A 1 152 ? -5.99281  4.73571   -4.32110  1.000 74.81000  ? 152 TYR Q CE2 1 
ATOM   677  C  CZ  . TYR A 1 152 ? -5.97419  6.09626   -4.56618  1.000 74.81000  ? 152 TYR Q CZ  1 
ATOM   678  O  OH  . TYR A 1 152 ? -7.01751  6.88260   -4.17715  1.000 74.81000  ? 152 TYR Q OH  1 
ATOM   679  N  N   . CYS A 1 153 ? -0.72716  4.83550   -8.07972  1.000 77.03000  ? 153 CYS Q N   1 
ATOM   680  C  CA  . CYS A 1 153 ? -0.13318  6.00251   -8.77831  1.000 77.03000  ? 153 CYS Q CA  1 
ATOM   681  C  C   . CYS A 1 153 ? -0.44832  5.91311   -10.26995 1.000 77.03000  ? 153 CYS Q C   1 
ATOM   682  O  O   . CYS A 1 153 ? -0.80383  6.94473   -10.84301 1.000 77.03000  ? 153 CYS Q O   1 
ATOM   683  C  CB  . CYS A 1 153 ? 1.37209   6.03606   -8.58139  1.000 77.03000  ? 153 CYS Q CB  1 
ATOM   684  S  SG  . CYS A 1 153 ? 1.84187   6.46784   -6.88994  1.000 77.03000  ? 153 CYS Q SG  1 
ATOM   685  N  N   . LEU A 1 154 ? -0.35662  4.71654   -10.85346 1.000 76.35000  ? 154 LEU Q N   1 
ATOM   686  C  CA  . LEU A 1 154 ? -0.61884  4.51888   -12.30076 1.000 76.35000  ? 154 LEU Q CA  1 
ATOM   687  C  C   . LEU A 1 154 ? -2.06898  4.91486   -12.56157 1.000 76.35000  ? 154 LEU Q C   1 
ATOM   688  O  O   . LEU A 1 154 ? -2.29766  5.70726   -13.48308 1.000 76.35000  ? 154 LEU Q O   1 
ATOM   689  C  CB  . LEU A 1 154 ? -0.41939  3.02932   -12.58996 1.000 76.35000  ? 154 LEU Q CB  1 
ATOM   690  C  CG  . LEU A 1 154 ? -0.33504  2.60971   -14.05437 1.000 76.35000  ? 154 LEU Q CG  1 
ATOM   691  C  CD1 . LEU A 1 154 ? 1.05218   2.88781   -14.60708 1.000 76.35000  ? 154 LEU Q CD1 1 
ATOM   692  C  CD2 . LEU A 1 154 ? -0.65412  1.13155   -14.19713 1.000 76.35000  ? 154 LEU Q CD2 1 
ATOM   693  N  N   . ARG A 1 155 ? -3.01317  4.33035   -11.82218 1.000 74.21000  ? 155 ARG Q N   1 
ATOM   694  C  CA  . ARG A 1 155 ? -4.45270  4.58879   -12.09432 1.000 74.21000  ? 155 ARG Q CA  1 
ATOM   695  C  C   . ARG A 1 155 ? -4.74174  6.08897   -11.98893 1.000 74.21000  ? 155 ARG Q C   1 
ATOM   696  O  O   . ARG A 1 155 ? -5.55250  6.58294   -12.78530 1.000 74.21000  ? 155 ARG Q O   1 
ATOM   697  C  CB  . ARG A 1 155 ? -5.33455  3.72349   -11.18972 1.000 74.21000  ? 155 ARG Q CB  1 
ATOM   698  C  CG  . ARG A 1 155 ? -5.43108  2.28129   -11.66481 1.000 74.21000  ? 155 ARG Q CG  1 
ATOM   699  C  CD  . ARG A 1 155 ? -6.12530  1.32642   -10.71571 1.000 74.21000  ? 155 ARG Q CD  1 
ATOM   700  N  NE  . ARG A 1 155 ? -6.46178  0.08284   -11.39467 1.000 74.21000  ? 155 ARG Q NE  1 
ATOM   701  C  CZ  . ARG A 1 155 ? -5.64413  -0.95454  -11.53199 1.000 74.21000  ? 155 ARG Q CZ  1 
ATOM   702  N  NH1 . ARG A 1 155 ? -4.42022  -0.90993  -11.03407 1.000 74.21000  ? 155 ARG Q NH1 1 
ATOM   703  N  NH2 . ARG A 1 155 ? -6.05397  -2.03590  -12.17003 1.000 74.21000  ? 155 ARG Q NH2 1 
ATOM   704  N  N   . ASP A 1 156 ? -4.05876  6.78091   -11.07311 1.000 80.09000  ? 156 ASP Q N   1 
ATOM   705  C  CA  . ASP A 1 156 ? -4.26043  8.24329   -10.88864 1.000 80.09000  ? 156 ASP Q CA  1 
ATOM   706  C  C   . ASP A 1 156 ? -3.68297  8.99356   -12.09465 1.000 80.09000  ? 156 ASP Q C   1 
ATOM   707  O  O   . ASP A 1 156 ? -4.32916  9.95994   -12.54544 1.000 80.09000  ? 156 ASP Q O   1 
ATOM   708  C  CB  . ASP A 1 156 ? -3.62522  8.71760   -9.57802  1.000 80.09000  ? 156 ASP Q CB  1 
ATOM   709  C  CG  . ASP A 1 156 ? -4.15503  10.05210  -9.08370  1.000 80.09000  ? 156 ASP Q CG  1 
ATOM   710  O  OD1 . ASP A 1 156 ? -5.21912  10.48002  -9.57542  1.000 80.09000  ? 156 ASP Q OD1 1 
ATOM   711  O  OD2 . ASP A 1 156 ? -3.49970  10.65209  -8.20961  1.000 80.09000  ? 156 ASP Q OD2 1 
ATOM   712  N  N   . ALA A 1 157 ? -2.52206  8.56410   -12.60165 1.000 79.89000  ? 157 ALA Q N   1 
ATOM   713  C  CA  . ALA A 1 157 ? -1.85665  9.27005   -13.72684 1.000 79.89000  ? 157 ALA Q CA  1 
ATOM   714  C  C   . ALA A 1 157 ? -2.57119  9.09309   -15.07285 1.000 79.89000  ? 157 ALA Q C   1 
ATOM   715  O  O   . ALA A 1 157 ? -2.72629  10.10762  -15.77775 1.000 79.89000  ? 157 ALA Q O   1 
ATOM   716  C  CB  . ALA A 1 157 ? -0.41313  8.83796   -13.81819 1.000 79.89000  ? 157 ALA Q CB  1 
ATOM   717  N  N   . ASN A 1 158 ? -2.98811  7.87164   -15.42511 1.000 77.30000  ? 158 ASN Q N   1 
ATOM   718  C  CA  . ASN A 1 158 ? -3.56447  7.64273   -16.78128 1.000 77.30000  ? 158 ASN Q CA  1 
ATOM   719  C  C   . ASN A 1 158 ? -5.06268  7.32547   -16.72251 1.000 77.30000  ? 158 ASN Q C   1 
ATOM   720  O  O   . ASN A 1 158 ? -5.62466  6.98998   -17.78080 1.000 77.30000  ? 158 ASN Q O   1 
ATOM   721  C  CB  . ASN A 1 158 ? -2.76618  6.59867   -17.56377 1.000 77.30000  ? 158 ASN Q CB  1 
ATOM   722  C  CG  . ASN A 1 158 ? -2.54376  5.33184   -16.77029 1.000 77.30000  ? 158 ASN Q CG  1 
ATOM   723  O  OD1 . ASN A 1 158 ? -3.41561  4.91550   -16.01524 1.000 77.30000  ? 158 ASN Q OD1 1 
ATOM   724  N  ND2 . ASN A 1 158 ? -1.38293  4.72017   -16.92749 1.000 77.30000  ? 158 ASN Q ND2 1 
ATOM   725  N  N   . GLY A 1 159 ? -5.68333  7.42680   -15.54536 1.000 75.71000  ? 159 GLY Q N   1 
ATOM   726  C  CA  . GLY A 1 159 ? -7.13851  7.20644   -15.43268 1.000 75.71000  ? 159 GLY Q CA  1 
ATOM   727  C  C   . GLY A 1 159 ? -7.57923  5.81133   -15.84354 1.000 75.71000  ? 159 GLY Q C   1 
ATOM   728  O  O   . GLY A 1 159 ? -6.99378  4.84003   -15.32969 1.000 75.71000  ? 159 GLY Q O   1 
ATOM   729  N  N   . ALA A 1 160 ? -8.56918  5.70912   -16.73691 1.000 74.28000  ? 160 ALA Q N   1 
ATOM   730  C  CA  . ALA A 1 160 ? -9.14819  4.39890   -17.12733 1.000 74.28000  ? 160 ALA Q CA  1 
ATOM   731  C  C   . ALA A 1 160 ? -8.12220  3.47578   -17.79295 1.000 74.28000  ? 160 ALA Q C   1 
ATOM   732  O  O   . ALA A 1 160 ? -8.24063  2.25745   -17.59730 1.000 74.28000  ? 160 ALA Q O   1 
ATOM   733  C  CB  . ALA A 1 160 ? -10.34383 4.61680   -18.01990 1.000 74.28000  ? 160 ALA Q CB  1 
ATOM   734  N  N   . LYS A 1 161 ? -7.21778  4.01407   -18.61322 1.000 75.40000  ? 161 LYS Q N   1 
ATOM   735  C  CA  . LYS A 1 161 ? -6.25343  3.16057   -19.36093 1.000 75.40000  ? 161 LYS Q CA  1 
ATOM   736  C  C   . LYS A 1 161 ? -5.66702  2.07548   -18.44921 1.000 75.40000  ? 161 LYS Q C   1 
ATOM   737  O  O   . LYS A 1 161 ? -5.46166  0.95211   -18.94674 1.000 75.40000  ? 161 LYS Q O   1 
ATOM   738  C  CB  . LYS A 1 161 ? -5.14685  4.02212   -19.97597 1.000 75.40000  ? 161 LYS Q CB  1 
ATOM   739  C  CG  . LYS A 1 161 ? -5.63255  5.16651   -20.85437 1.000 75.40000  ? 161 LYS Q CG  1 
ATOM   740  C  CD  . LYS A 1 161 ? -4.52269  6.09717   -21.29205 1.000 75.40000  ? 161 LYS Q CD  1 
ATOM   741  C  CE  . LYS A 1 161 ? -3.46480  5.40900   -22.12697 1.000 75.40000  ? 161 LYS Q CE  1 
ATOM   742  N  NZ  . LYS A 1 161 ? -2.36819  6.33565   -22.49458 1.000 75.40000  ? 161 LYS Q NZ  1 
ATOM   743  N  N   . ALA A 1 162 ? -5.41421  2.38523   -17.17225 1.000 74.71000  ? 162 ALA Q N   1 
ATOM   744  C  CA  . ALA A 1 162 ? -4.78690  1.41976   -16.28007 1.000 74.71000  ? 162 ALA Q CA  1 
ATOM   745  C  C   . ALA A 1 162 ? -5.76991  0.43365   -15.68394 1.000 74.71000  ? 162 ALA Q C   1 
ATOM   746  O  O   . ALA A 1 162 ? -5.33337  -0.56104  -15.10416 1.000 74.71000  ? 162 ALA Q O   1 
ATOM   747  C  CB  . ALA A 1 162 ? -4.06584  2.11487   -15.13294 1.000 74.71000  ? 162 ALA Q CB  1 
ATOM   748  N  N   . ALA A 1 163 ? -7.06533  0.67427   -15.79966 1.000 74.06000  ? 163 ALA Q N   1 
ATOM   749  C  CA  . ALA A 1 163 ? -8.07019  -0.19060  -15.20465 1.000 74.06000  ? 163 ALA Q CA  1 
ATOM   750  C  C   . ALA A 1 163 ? -8.43394  -1.33686  -16.12199 1.000 74.06000  ? 163 ALA Q C   1 
ATOM   751  O  O   . ALA A 1 163 ? -9.39288  -2.06198  -15.84645 1.000 74.06000  ? 163 ALA Q O   1 
ATOM   752  C  CB  . ALA A 1 163 ? -9.32290  0.60284   -14.84903 1.000 74.06000  ? 163 ALA Q CB  1 
ATOM   753  N  N   . GLY A 1 164 ? -7.67795  -1.48714  -17.21310 1.000 75.53000  ? 164 GLY Q N   1 
ATOM   754  C  CA  . GLY A 1 164 ? -7.96149  -2.54926  -18.19488 1.000 75.53000  ? 164 GLY Q CA  1 
ATOM   755  C  C   . GLY A 1 164 ? -8.45359  -1.96869  -19.50229 1.000 75.53000  ? 164 GLY Q C   1 
ATOM   756  O  O   . GLY A 1 164 ? -8.78673  -2.75303  -20.40229 1.000 75.53000  ? 164 GLY Q O   1 
ATOM   757  N  N   . GLY A 1 165 ? -8.50552  -0.64159  -19.60223 1.000 76.79000  ? 165 GLY Q N   1 
ATOM   758  C  CA  . GLY A 1 165 ? -8.98160  0.01105   -20.83415 1.000 76.79000  ? 165 GLY Q CA  1 
ATOM   759  C  C   . GLY A 1 165 ? -8.01096  -0.21249  -21.97468 1.000 76.79000  ? 165 GLY Q C   1 
ATOM   760  O  O   . GLY A 1 165 ? -8.43838  -0.13864  -23.13750 1.000 76.79000  ? 165 GLY Q O   1 
ATOM   761  N  N   . ALA A 1 166 ? -6.74099  -0.46004  -21.64874 1.000 77.07000  ? 166 ALA Q N   1 
ATOM   762  C  CA  . ALA A 1 166 ? -5.71844  -0.71499  -22.68595 1.000 77.07000  ? 166 ALA Q CA  1 
ATOM   763  C  C   . ALA A 1 166 ? -5.52091  -2.21921  -22.86396 1.000 77.07000  ? 166 ALA Q C   1 
ATOM   764  O  O   . ALA A 1 166 ? -4.65195  -2.59843  -23.66297 1.000 77.07000  ? 166 ALA Q O   1 
ATOM   765  C  CB  . ALA A 1 166 ? -4.42963  -0.02681  -22.33347 1.000 77.07000  ? 166 ALA Q CB  1 
ATOM   766  N  N   . GLY A 1 167 ? -6.25922  -3.04186  -22.11685 1.000 73.76000  ? 167 GLY Q N   1 
ATOM   767  C  CA  . GLY A 1 167 ? -6.19836  -4.49728  -22.35528 1.000 73.76000  ? 167 GLY Q CA  1 
ATOM   768  C  C   . GLY A 1 167 ? -5.54078  -5.29475  -21.24985 1.000 73.76000  ? 167 GLY Q C   1 
ATOM   769  O  O   . GLY A 1 167 ? -5.43538  -4.77921  -20.12946 1.000 73.76000  ? 167 GLY Q O   1 
ATOM   770  N  N   . LEU A 1 168 ? -5.11222  -6.51511  -21.56798 1.000 68.91000  ? 168 LEU Q N   1 
ATOM   771  C  CA  . LEU A 1 168 ? -4.48203  -7.40774  -20.56901 1.000 68.91000  ? 168 LEU Q CA  1 
ATOM   772  C  C   . LEU A 1 168 ? -3.19055  -6.74763  -20.10488 1.000 68.91000  ? 168 LEU Q C   1 
ATOM   773  O  O   . LEU A 1 168 ? -2.55822  -6.07815  -20.93253 1.000 68.91000  ? 168 LEU Q O   1 
ATOM   774  C  CB  . LEU A 1 168 ? -4.17496  -8.73486  -21.26450 1.000 68.91000  ? 168 LEU Q CB  1 
ATOM   775  C  CG  . LEU A 1 168 ? -5.24284  -9.81730  -21.14825 1.000 68.91000  ? 168 LEU Q CG  1 
ATOM   776  C  CD1 . LEU A 1 168 ? -4.99003  -10.92504 -22.15623 1.000 68.91000  ? 168 LEU Q CD1 1 
ATOM   777  C  CD2 . LEU A 1 168 ? -5.27003  -10.38102 -19.74016 1.000 68.91000  ? 168 LEU Q CD2 1 
ATOM   778  N  N   . PRO A 1 169 ? -2.75865  -6.90684  -18.83786 1.000 69.61000  ? 169 PRO Q N   1 
ATOM   779  C  CA  . PRO A 1 169 ? -1.49160  -6.34297  -18.42913 1.000 69.61000  ? 169 PRO Q CA  1 
ATOM   780  C  C   . PRO A 1 169 ? -0.46130  -6.95475  -19.38143 1.000 69.61000  ? 169 PRO Q C   1 
ATOM   781  O  O   . PRO A 1 169 ? -0.47662  -8.15177  -19.54839 1.000 69.61000  ? 169 PRO Q O   1 
ATOM   782  C  CB  . PRO A 1 169 ? -1.32111  -6.86659  -16.99908 1.000 69.61000  ? 169 PRO Q CB  1 
ATOM   783  C  CG  . PRO A 1 169 ? -2.32174  -7.99064  -16.85647 1.000 69.61000  ? 169 PRO Q CG  1 
ATOM   784  C  CD  . PRO A 1 169 ? -3.46251  -7.60843  -17.77052 1.000 69.61000  ? 169 PRO Q CD  1 
ATOM   785  N  N   . LYS A 1 170 ? 0.40248   -6.12994  -19.97139 1.000 71.44000  ? 170 LYS Q N   1 
ATOM   786  C  CA  . LYS A 1 170 ? 1.37662   -6.62925  -20.97582 1.000 71.44000  ? 170 LYS Q CA  1 
ATOM   787  C  C   . LYS A 1 170 ? 2.59395   -5.70967  -20.96693 1.000 71.44000  ? 170 LYS Q C   1 
ATOM   788  O  O   . LYS A 1 170 ? 2.48593   -4.62512  -20.38721 1.000 71.44000  ? 170 LYS Q O   1 
ATOM   789  C  CB  . LYS A 1 170 ? 0.74091   -6.61717  -22.36995 1.000 71.44000  ? 170 LYS Q CB  1 
ATOM   790  C  CG  . LYS A 1 170 ? 0.17103   -5.27679  -22.81129 1.000 71.44000  ? 170 LYS Q CG  1 
ATOM   791  C  CD  . LYS A 1 170 ? -0.52852  -5.33193  -24.14856 1.000 71.44000  ? 170 LYS Q CD  1 
ATOM   792  C  CE  . LYS A 1 170 ? -1.28453  -4.06042  -24.46629 1.000 71.44000  ? 170 LYS Q CE  1 
ATOM   793  N  NZ  . LYS A 1 170 ? -0.40822  -2.86646  -24.40542 1.000 71.44000  ? 170 LYS Q NZ  1 
ATOM   794  N  N   . PHE A 1 171 ? 3.71311   -6.13898  -21.54923 1.000 75.29000  ? 171 PHE Q N   1 
ATOM   795  C  CA  . PHE A 1 171 ? 4.88355   -5.23198  -21.67516 1.000 75.29000  ? 171 PHE Q CA  1 
ATOM   796  C  C   . PHE A 1 171 ? 4.55486   -4.22192  -22.77337 1.000 75.29000  ? 171 PHE Q C   1 
ATOM   797  O  O   . PHE A 1 171 ? 3.59245   -4.47502  -23.52028 1.000 75.29000  ? 171 PHE Q O   1 
ATOM   798  C  CB  . PHE A 1 171 ? 6.14249   -5.98206  -22.11004 1.000 75.29000  ? 171 PHE Q CB  1 
ATOM   799  C  CG  . PHE A 1 171 ? 6.39984   -7.30036  -21.42768 1.000 75.29000  ? 171 PHE Q CG  1 
ATOM   800  C  CD1 . PHE A 1 171 ? 7.08562   -7.35382  -20.22584 1.000 75.29000  ? 171 PHE Q CD1 1 
ATOM   801  C  CD2 . PHE A 1 171 ? 5.98789   -8.48854  -22.00679 1.000 75.29000  ? 171 PHE Q CD2 1 
ATOM   802  C  CE1 . PHE A 1 171 ? 7.33322   -8.56740  -19.60630 1.000 75.29000  ? 171 PHE Q CE1 1 
ATOM   803  C  CE2 . PHE A 1 171 ? 6.23294   -9.70066  -21.38437 1.000 75.29000  ? 171 PHE Q CE2 1 
ATOM   804  C  CZ  . PHE A 1 171 ? 6.90581   -9.73822  -20.18576 1.000 75.29000  ? 171 PHE Q CZ  1 
ATOM   805  N  N   . LYS A 1 172 ? 5.33824   -3.14511  -22.89515 1.000 78.63000  ? 172 LYS Q N   1 
ATOM   806  C  CA  . LYS A 1 172 ? 5.00935   -2.07182  -23.87508 1.000 78.63000  ? 172 LYS Q CA  1 
ATOM   807  C  C   . LYS A 1 172 ? 3.56910   -1.63325  -23.60337 1.000 78.63000  ? 172 LYS Q C   1 
ATOM   808  O  O   . LYS A 1 172 ? 2.74314   -1.70291  -24.53348 1.000 78.63000  ? 172 LYS Q O   1 
ATOM   809  C  CB  . LYS A 1 172 ? 5.21886   -2.54708  -25.31737 1.000 78.63000  ? 172 LYS Q CB  1 
ATOM   810  C  CG  . LYS A 1 172 ? 6.56555   -3.19980  -25.60059 1.000 78.63000  ? 172 LYS Q CG  1 
ATOM   811  C  CD  . LYS A 1 172 ? 7.74751   -2.31052  -25.28129 1.000 78.63000  ? 172 LYS Q CD  1 
ATOM   812  C  CE  . LYS A 1 172 ? 9.06986   -3.04424  -25.35665 1.000 78.63000  ? 172 LYS Q CE  1 
ATOM   813  N  NZ  . LYS A 1 172 ? 9.10199   -4.20427  -24.43559 1.000 78.63000  ? 172 LYS Q NZ  1 
ATOM   814  N  N   . GLU A 1 173 ? 3.28758   -1.19967  -22.37211 1.000 80.15000  ? 173 GLU Q N   1 
ATOM   815  C  CA  . GLU A 1 173 ? 1.90896   -0.81112  -21.97140 1.000 80.15000  ? 173 GLU Q CA  1 
ATOM   816  C  C   . GLU A 1 173 ? 1.43022   0.38677   -22.79827 1.000 80.15000  ? 173 GLU Q C   1 
ATOM   817  O  O   . GLU A 1 173 ? 0.21676   0.43858   -23.08051 1.000 80.15000  ? 173 GLU Q O   1 
ATOM   818  C  CB  . GLU A 1 173 ? 1.86761   -0.51760  -20.47213 1.000 80.15000  ? 173 GLU Q CB  1 
ATOM   819  C  CG  . GLU A 1 173 ? 2.60618   -1.54337  -19.63512 1.000 80.15000  ? 173 GLU Q CG  1 
ATOM   820  C  CD  . GLU A 1 173 ? 1.96140   -1.84671  -18.29453 1.000 80.15000  ? 173 GLU Q CD  1 
ATOM   821  O  OE1 . GLU A 1 173 ? 0.91886   -1.23586  -17.99060 1.000 80.15000  ? 173 GLU Q OE1 1 
ATOM   822  O  OE2 . GLU A 1 173 ? 2.50076   -2.69775  -17.56001 1.000 80.15000  ? 173 GLU Q OE2 1 
ATOM   823  N  N   . THR A 1 174 ? 2.32968   1.32066   -23.13195 1.000 84.97000  ? 174 THR Q N   1 
ATOM   824  C  CA  . THR A 1 174 ? 1.96903   2.55192   -23.89656 1.000 84.97000  ? 174 THR Q CA  1 
ATOM   825  C  C   . THR A 1 174 ? 0.93807   3.38284   -23.12509 1.000 84.97000  ? 174 THR Q C   1 
ATOM   826  O  O   . THR A 1 174 ? 0.03142   3.93817   -23.77306 1.000 84.97000  ? 174 THR Q O   1 
ATOM   827  C  CB  . THR A 1 174 ? 1.60653   2.26395   -25.36384 1.000 84.97000  ? 174 THR Q CB  1 
ATOM   828  O  OG1 . THR A 1 174 ? 0.33526   1.62012   -25.45717 1.000 84.97000  ? 174 THR Q OG1 1 
ATOM   829  C  CG2 . THR A 1 174 ? 2.65924   1.44892   -26.08382 1.000 84.97000  ? 174 THR Q CG2 1 
ATOM   830  N  N   . LEU A 1 175 ? 1.07379   3.45882   -21.79809 1.000 82.92000  ? 175 LEU Q N   1 
ATOM   831  C  CA  . LEU A 1 175 ? 0.18435   4.32498   -20.97608 1.000 82.92000  ? 175 LEU Q CA  1 
ATOM   832  C  C   . LEU A 1 175 ? 1.07624   5.17601   -20.06686 1.000 82.92000  ? 175 LEU Q C   1 
ATOM   833  O  O   . LEU A 1 175 ? 2.25733   4.81049   -19.90567 1.000 82.92000  ? 175 LEU Q O   1 
ATOM   834  C  CB  . LEU A 1 175 ? -0.82823  3.48690   -20.18645 1.000 82.92000  ? 175 LEU Q CB  1 
ATOM   835  C  CG  . LEU A 1 175 ? -0.35456  2.13317   -19.66106 1.000 82.92000  ? 175 LEU Q CG  1 
ATOM   836  C  CD1 . LEU A 1 175 ? 0.47348   2.28727   -18.39417 1.000 82.92000  ? 175 LEU Q CD1 1 
ATOM   837  C  CD2 . LEU A 1 175 ? -1.54412  1.22497   -19.39539 1.000 82.92000  ? 175 LEU Q CD2 1 
ATOM   838  N  N   . LYS A 1 176 ? 0.53671   6.26515   -19.51009 1.000 83.53000  ? 176 LYS Q N   1 
ATOM   839  C  CA  . LYS A 1 176 ? 1.34011   7.17435   -18.64755 1.000 83.53000  ? 176 LYS Q CA  1 
ATOM   840  C  C   . LYS A 1 176 ? 1.96867   6.36586   -17.50956 1.000 83.53000  ? 176 LYS Q C   1 
ATOM   841  O  O   . LYS A 1 176 ? 1.24464   5.57988   -16.87280 1.000 83.53000  ? 176 LYS Q O   1 
ATOM   842  C  CB  . LYS A 1 176 ? 0.47948   8.32276   -18.11352 1.000 83.53000  ? 176 LYS Q CB  1 
ATOM   843  C  CG  . LYS A 1 176 ? 0.00084   9.31618   -19.16262 1.000 83.53000  ? 176 LYS Q CG  1 
ATOM   844  C  CD  . LYS A 1 176 ? -0.68950  10.51702  -18.55777 1.000 83.53000  ? 176 LYS Q CD  1 
ATOM   845  C  CE  . LYS A 1 176 ? 0.16277   11.22233  -17.52444 1.000 83.53000  ? 176 LYS Q CE  1 
ATOM   846  N  NZ  . LYS A 1 176 ? -0.58564  12.30533  -16.84370 1.000 83.53000  ? 176 LYS Q NZ  1 
ATOM   847  N  N   . PRO A 1 177 ? 3.27526   6.53506   -17.21410 1.000 83.57000  ? 177 PRO Q N   1 
ATOM   848  C  CA  . PRO A 1 177 ? 3.94707   5.72638   -16.19303 1.000 83.57000  ? 177 PRO Q CA  1 
ATOM   849  C  C   . PRO A 1 177 ? 3.52313   6.05703   -14.75569 1.000 83.57000  ? 177 PRO Q C   1 
ATOM   850  O  O   . PRO A 1 177 ? 2.99948   7.13381   -14.53170 1.000 83.57000  ? 177 PRO Q O   1 
ATOM   851  C  CB  . PRO A 1 177 ? 5.43165   6.06236   -16.39690 1.000 83.57000  ? 177 PRO Q CB  1 
ATOM   852  C  CG  . PRO A 1 177 ? 5.41801   7.45682   -16.98271 1.000 83.57000  ? 177 PRO Q CG  1 
ATOM   853  C  CD  . PRO A 1 177 ? 4.17338   7.50431   -17.84479 1.000 83.57000  ? 177 PRO Q CD  1 
ATOM   854  N  N   . ALA A 1 178 ? 3.73481   5.11941   -13.82727 1.000 82.03000  ? 178 ALA Q N   1 
ATOM   855  C  CA  . ALA A 1 178 ? 3.42538   5.37150   -12.40000 1.000 82.03000  ? 178 ALA Q CA  1 
ATOM   856  C  C   . ALA A 1 178 ? 4.30191   6.53120   -11.92956 1.000 82.03000  ? 178 ALA Q C   1 
ATOM   857  O  O   . ALA A 1 178 ? 3.82682   7.33755   -11.11344 1.000 82.03000  ? 178 ALA Q O   1 
ATOM   858  C  CB  . ALA A 1 178 ? 3.68031   4.12452   -11.59188 1.000 82.03000  ? 178 ALA Q CB  1 
ATOM   859  N  N   . SER A 1 179 ? 5.54304   6.59581   -12.42176 1.000 85.45000  ? 179 SER Q N   1 
ATOM   860  C  CA  . SER A 1 179 ? 6.45062   7.72176   -12.08077 1.000 85.45000  ? 179 SER Q CA  1 
ATOM   861  C  C   . SER A 1 179 ? 5.86810   9.02382   -12.63634 1.000 85.45000  ? 179 SER Q C   1 
ATOM   862  O  O   . SER A 1 179 ? 5.14676   8.92973   -13.64849 1.000 85.45000  ? 179 SER Q O   1 
ATOM   863  C  CB  . SER A 1 179 ? 7.83644   7.47287   -12.61049 1.000 85.45000  ? 179 SER Q CB  1 
ATOM   864  O  OG  . SER A 1 179 ? 8.69482   8.56194   -12.30730 1.000 85.45000  ? 179 SER Q OG  1 
ATOM   865  N  N   . SER A 1 180 ? 6.13567   10.16209  -11.98144 1.000 85.25000  ? 180 SER Q N   1 
ATOM   866  C  CA  . SER A 1 180 ? 5.61054   11.49805  -12.39017 1.000 85.25000  ? 180 SER Q CA  1 
ATOM   867  C  C   . SER A 1 180 ? 4.20109   11.71343  -11.83009 1.000 85.25000  ? 180 SER Q C   1 
ATOM   868  O  O   . SER A 1 180 ? 3.61455   12.77675  -12.11338 1.000 85.25000  ? 180 SER Q O   1 
ATOM   869  C  CB  . SER A 1 180 ? 5.69504   11.77202  -13.87753 1.000 85.25000  ? 180 SER Q CB  1 
ATOM   870  O  OG  . SER A 1 180 ? 4.48868   11.40626  -14.53236 1.000 85.25000  ? 180 SER Q OG  1 
ATOM   871  N  N   . SER A 1 181 ? 3.67976   10.75085  -11.06354 1.000 86.13000  ? 181 SER Q N   1 
ATOM   872  C  CA  . SER A 1 181 ? 2.36913   10.95170  -10.39169 1.000 86.13000  ? 181 SER Q CA  1 
ATOM   873  C  C   . SER A 1 181 ? 2.56362   11.90564  -9.20928  1.000 86.13000  ? 181 SER Q C   1 
ATOM   874  O  O   . SER A 1 181 ? 3.69136   11.97106  -8.68277  1.000 86.13000  ? 181 SER Q O   1 
ATOM   875  C  CB  . SER A 1 181 ? 1.76758   9.65009   -9.94305  1.000 86.13000  ? 181 SER Q CB  1 
ATOM   876  O  OG  . SER A 1 181 ? 1.49168   8.81362   -11.05441 1.000 86.13000  ? 181 SER Q OG  1 
ATOM   877  N  N   . SER A 1 182 ? 1.50336   12.60660  -8.80272  1.000 89.21000  ? 182 SER Q N   1 
ATOM   878  C  CA  . SER A 1 182 ? 1.58550   13.52092  -7.63405  1.000 89.21000  ? 182 SER Q CA  1 
ATOM   879  C  C   . SER A 1 182 ? 1.91848   12.71078  -6.37781  1.000 89.21000  ? 182 SER Q C   1 
ATOM   880  O  O   . SER A 1 182 ? 2.68627   13.21806  -5.53790  1.000 89.21000  ? 182 SER Q O   1 
ATOM   881  C  CB  . SER A 1 182 ? 0.29548   14.28032  -7.46565  1.000 89.21000  ? 182 SER Q CB  1 
ATOM   882  O  OG  . SER A 1 182 ? -0.04428  14.96969  -8.65970  1.000 89.21000  ? 182 SER Q OG  1 
ATOM   883  N  N   . LEU A 1 183 ? 1.36194   11.50337  -6.25823  1.000 85.88000  ? 183 LEU Q N   1 
ATOM   884  C  CA  . LEU A 1 183 ? 1.55339   10.67045  -5.03977  1.000 85.88000  ? 183 LEU Q CA  1 
ATOM   885  C  C   . LEU A 1 183 ? 2.82169   9.81873   -5.15494  1.000 85.88000  ? 183 LEU Q C   1 
ATOM   886  O  O   . LEU A 1 183 ? 3.12243   9.09713   -4.18594  1.000 85.88000  ? 183 LEU Q O   1 
ATOM   887  C  CB  . LEU A 1 183 ? 0.32846   9.76300   -4.89678  1.000 85.88000  ? 183 LEU Q CB  1 
ATOM   888  C  CG  . LEU A 1 183 ? -0.85784  10.31886  -4.10909  1.000 85.88000  ? 183 LEU Q CG  1 
ATOM   889  C  CD1 . LEU A 1 183 ? -1.40504  11.59340  -4.73452  1.000 85.88000  ? 183 LEU Q CD1 1 
ATOM   890  C  CD2 . LEU A 1 183 ? -1.95571  9.27412   -4.02055  1.000 85.88000  ? 183 LEU Q CD2 1 
ATOM   891  N  N   . TYR A 1 184 ? 3.52699   9.87510   -6.28872  1.000 84.50000  ? 184 TYR Q N   1 
ATOM   892  C  CA  . TYR A 1 184 ? 4.69563   8.97309   -6.48628  1.000 84.50000  ? 184 TYR Q CA  1 
ATOM   893  C  C   . TYR A 1 184 ? 5.80997   9.24782   -5.46801  1.000 84.50000  ? 184 TYR Q C   1 
ATOM   894  O  O   . TYR A 1 184 ? 6.57392   8.30927   -5.17968  1.000 84.50000  ? 184 TYR Q O   1 
ATOM   895  C  CB  . TYR A 1 184 ? 5.20569   9.01861   -7.92875  1.000 84.50000  ? 184 TYR Q CB  1 
ATOM   896  C  CG  . TYR A 1 184 ? 6.12542   7.87805   -8.28455  1.000 84.50000  ? 184 TYR Q CG  1 
ATOM   897  C  CD1 . TYR A 1 184 ? 5.64375   6.58523   -8.39548  1.000 84.50000  ? 184 TYR Q CD1 1 
ATOM   898  C  CD2 . TYR A 1 184 ? 7.47851   8.08584   -8.49468  1.000 84.50000  ? 184 TYR Q CD2 1 
ATOM   899  C  CE1 . TYR A 1 184 ? 6.47898   5.52753   -8.71571  1.000 84.50000  ? 184 TYR Q CE1 1 
ATOM   900  C  CE2 . TYR A 1 184 ? 8.32744   7.03920   -8.81427  1.000 84.50000  ? 184 TYR Q CE2 1 
ATOM   901  C  CZ  . TYR A 1 184 ? 7.82628   5.75523   -8.92514  1.000 84.50000  ? 184 TYR Q CZ  1 
ATOM   902  O  OH  . TYR A 1 184 ? 8.65533   4.71906   -9.24131  1.000 84.50000  ? 184 TYR Q OH  1 
ATOM   903  N  N   . SER A 1 185 ? 5.92670   10.47582  -4.95510  1.000 86.40000  ? 185 SER Q N   1 
ATOM   904  C  CA  . SER A 1 185 ? 7.06298   10.76332  -4.04005  1.000 86.40000  ? 185 SER Q CA  1 
ATOM   905  C  C   . SER A 1 185 ? 6.98657   9.83290   -2.82505  1.000 86.40000  ? 185 SER Q C   1 
ATOM   906  O  O   . SER A 1 185 ? 8.05205   9.38989   -2.35809  1.000 86.40000  ? 185 SER Q O   1 
ATOM   907  C  CB  . SER A 1 185 ? 7.06413   12.20691  -3.62572  1.000 86.40000  ? 185 SER Q CB  1 
ATOM   908  O  OG  . SER A 1 185 ? 5.83561   12.54772  -2.99986  1.000 86.40000  ? 185 SER Q OG  1 
ATOM   909  N  N   . TYR A 1 186 ? 5.77953   9.55006   -2.33302  1.000 85.17000  ? 186 TYR Q N   1 
ATOM   910  C  CA  . TYR A 1 186 ? 5.59704   8.61404   -1.19271  1.000 85.17000  ? 186 TYR Q CA  1 
ATOM   911  C  C   . TYR A 1 186 ? 6.07613   7.20472   -1.56851  1.000 85.17000  ? 186 TYR Q C   1 
ATOM   912  O  O   . TYR A 1 186 ? 6.64302   6.53437   -0.69206  1.000 85.17000  ? 186 TYR Q O   1 
ATOM   913  C  CB  . TYR A 1 186 ? 4.14953   8.65420   -0.70552  1.000 85.17000  ? 186 TYR Q CB  1 
ATOM   914  C  CG  . TYR A 1 186 ? 3.65599   10.04773  -0.41986  1.000 85.17000  ? 186 TYR Q CG  1 
ATOM   915  C  CD1 . TYR A 1 186 ? 4.11404   10.75347  0.67742   1.000 85.17000  ? 186 TYR Q CD1 1 
ATOM   916  C  CD2 . TYR A 1 186 ? 2.74720   10.66914  -1.25798  1.000 85.17000  ? 186 TYR Q CD2 1 
ATOM   917  C  CE1 . TYR A 1 186 ? 3.67496   12.03921  0.94402   1.000 85.17000  ? 186 TYR Q CE1 1 
ATOM   918  C  CE2 . TYR A 1 186 ? 2.30119   11.95533  -1.00852  1.000 85.17000  ? 186 TYR Q CE2 1 
ATOM   919  C  CZ  . TYR A 1 186 ? 2.76201   12.64233  0.09969   1.000 85.17000  ? 186 TYR Q CZ  1 
ATOM   920  O  OH  . TYR A 1 186 ? 2.32266   13.90856  0.35304   1.000 85.17000  ? 186 TYR Q OH  1 
ATOM   921  N  N   . VAL A 1 187 ? 5.85167   6.76658   -2.81205  1.000 80.30000  ? 187 VAL Q N   1 
ATOM   922  C  CA  . VAL A 1 187 ? 6.34091   5.43020   -3.27240  1.000 80.30000  ? 187 VAL Q CA  1 
ATOM   923  C  C   . VAL A 1 187 ? 7.87017   5.40539   -3.20809  1.000 80.30000  ? 187 VAL Q C   1 
ATOM   924  O  O   . VAL A 1 187 ? 8.42019   4.35124   -2.85781  1.000 80.30000  ? 187 VAL Q O   1 
ATOM   925  C  CB  . VAL A 1 187 ? 5.82572   5.07117   -4.67545  1.000 80.30000  ? 187 VAL Q CB  1 
ATOM   926  C  CG1 . VAL A 1 187 ? 6.15697   3.63561   -5.04952  1.000 80.30000  ? 187 VAL Q CG1 1 
ATOM   927  C  CG2 . VAL A 1 187 ? 4.33453   5.31632   -4.79070  1.000 80.30000  ? 187 VAL Q CG2 1 
ATOM   928  N  N   . ASP A 1 188 ? 8.53024   6.51784   -3.53653  1.000 83.62000  ? 188 ASP Q N   1 
ATOM   929  C  CA  . ASP A 1 188 ? 10.01507  6.59936   -3.44594  1.000 83.62000  ? 188 ASP Q CA  1 
ATOM   930  C  C   . ASP A 1 188 ? 10.48482  6.42205   -1.99494  1.000 83.62000  ? 188 ASP Q C   1 
ATOM   931  O  O   . ASP A 1 188 ? 11.53633  5.79157   -1.79355  1.000 83.62000  ? 188 ASP Q O   1 
ATOM   932  C  CB  . ASP A 1 188 ? 10.55347  7.88157   -4.08200  1.000 83.62000  ? 188 ASP Q CB  1 
ATOM   933  C  CG  . ASP A 1 188 ? 10.43423  7.88654   -5.59502  1.000 83.62000  ? 188 ASP Q CG  1 
ATOM   934  O  OD1 . ASP A 1 188 ? 10.33322  6.78803   -6.17425  1.000 83.62000  ? 188 ASP Q OD1 1 
ATOM   935  O  OD2 . ASP A 1 188 ? 10.43725  8.98761   -6.17777  1.000 83.62000  ? 188 ASP Q OD2 1 
ATOM   936  N  N   . THR A 1 189 ? 9.75565   6.98184   -1.02780  1.000 80.06000  ? 189 THR Q N   1 
ATOM   937  C  CA  . THR A 1 189 ? 10.12127  6.83548   0.40592   1.000 80.06000  ? 189 THR Q CA  1 
ATOM   938  C  C   . THR A 1 189 ? 10.08212  5.35692   0.80471   1.000 80.06000  ? 189 THR Q C   1 
ATOM   939  O  O   . THR A 1 189 ? 11.01212  4.91340   1.49681   1.000 80.06000  ? 189 THR Q O   1 
ATOM   940  C  CB  . THR A 1 189 ? 9.18453   7.65172   1.30215   1.000 80.06000  ? 189 THR Q CB  1 
ATOM   941  O  OG1 . THR A 1 189 ? 8.88240   8.87580   0.63130   1.000 80.06000  ? 189 THR Q OG1 1 
ATOM   942  C  CG2 . THR A 1 189 ? 9.77474   7.94344   2.66339   1.000 80.06000  ? 189 THR Q CG2 1 
ATOM   943  N  N   . VAL A 1 190 ? 9.03994   4.63255   0.39436   1.000 76.87000  ? 190 VAL Q N   1 
ATOM   944  C  CA  . VAL A 1 190 ? 8.89403   3.18852   0.74605   1.000 76.87000  ? 190 VAL Q CA  1 
ATOM   945  C  C   . VAL A 1 190 ? 10.01140  2.37770   0.08481   1.000 76.87000  ? 190 VAL Q C   1 
ATOM   946  O  O   . VAL A 1 190 ? 10.52417  1.45854   0.73176   1.000 76.87000  ? 190 VAL Q O   1 
ATOM   947  C  CB  . VAL A 1 190 ? 7.48829   2.65519   0.42210   1.000 76.87000  ? 190 VAL Q CB  1 
ATOM   948  C  CG1 . VAL A 1 190 ? 7.34579   1.18420   0.77384   1.000 76.87000  ? 190 VAL Q CG1 1 
ATOM   949  C  CG2 . VAL A 1 190 ? 6.42825   3.46818   1.14493   1.000 76.87000  ? 190 VAL Q CG2 1 
ATOM   950  N  N   . LYS A 1 191 ? 10.38674  2.71616   -1.14858  1.000 75.76000  ? 191 LYS Q N   1 
ATOM   951  C  CA  . LYS A 1 191 ? 11.51113  2.00958   -1.81764  1.000 75.76000  ? 191 LYS Q CA  1 
ATOM   952  C  C   . LYS A 1 191 ? 12.79264  2.23211   -1.01229  1.000 75.76000  ? 191 LYS Q C   1 
ATOM   953  O  O   . LYS A 1 191 ? 13.55972  1.26502   -0.85552  1.000 75.76000  ? 191 LYS Q O   1 
ATOM   954  C  CB  . LYS A 1 191 ? 11.66643  2.48131   -3.26476  1.000 75.76000  ? 191 LYS Q CB  1 
ATOM   955  C  CG  . LYS A 1 191 ? 10.69832  1.86443   -4.26161  1.000 75.76000  ? 191 LYS Q CG  1 
ATOM   956  C  CD  . LYS A 1 191 ? 10.92084  2.36364   -5.67029  1.000 75.76000  ? 191 LYS Q CD  1 
ATOM   957  C  CE  . LYS A 1 191 ? 10.18799  1.54159   -6.70799  1.000 75.76000  ? 191 LYS Q CE  1 
ATOM   958  N  NZ  . LYS A 1 191 ? 10.41361  2.06363   -8.07485  1.000 75.76000  ? 191 LYS Q NZ  1 
ATOM   959  N  N   . SER A 1 192 ? 13.01657  3.44929   -0.51665  1.000 77.39000  ? 192 SER Q N   1 
ATOM   960  C  CA  . SER A 1 192 ? 14.19306  3.70721   0.35579   1.000 77.39000  ? 192 SER Q CA  1 
ATOM   961  C  C   . SER A 1 192 ? 14.06869  2.87448   1.63405   1.000 77.39000  ? 192 SER Q C   1 
ATOM   962  O  O   . SER A 1 192 ? 15.09363  2.34617   2.09582   1.000 77.39000  ? 192 SER Q O   1 
ATOM   963  C  CB  . SER A 1 192 ? 14.30399  5.16789   0.69206   1.000 77.39000  ? 192 SER Q CB  1 
ATOM   964  O  OG  . SER A 1 192 ? 14.93419  5.34428   1.95202   1.000 77.39000  ? 192 SER Q OG  1 
ATOM   965  N  N   . GLY A 1 193 ? 12.85584  2.77425   2.18055   1.000 75.16000  ? 193 GLY Q N   1 
ATOM   966  C  CA  . GLY A 1 193 ? 12.63101  1.99146   3.40881   1.000 75.16000  ? 193 GLY Q CA  1 
ATOM   967  C  C   . GLY A 1 193 ? 12.96220  0.52501   3.20541   1.000 75.16000  ? 193 GLY Q C   1 
ATOM   968  O  O   . GLY A 1 193 ? 13.59507  -0.04999  4.10178   1.000 75.16000  ? 193 GLY Q O   1 
ATOM   969  N  N   . ILE A 1 194 ? 12.58884  -0.05224  2.05846   1.000 73.02000  ? 194 ILE Q N   1 
ATOM   970  C  CA  . ILE A 1 194 ? 12.93398  -1.47374  1.76485   1.000 73.02000  ? 194 ILE Q CA  1 
ATOM   971  C  C   . ILE A 1 194 ? 14.45633  -1.60533  1.72111   1.000 73.02000  ? 194 ILE Q C   1 
ATOM   972  O  O   . ILE A 1 194 ? 14.97711  -2.56207  2.31377   1.000 73.02000  ? 194 ILE Q O   1 
ATOM   973  C  CB  . ILE A 1 194 ? 12.29693  -1.95463  0.44797   1.000 73.02000  ? 194 ILE Q CB  1 
ATOM   974  C  CG1 . ILE A 1 194 ? 10.78591  -1.72468  0.42271   1.000 73.02000  ? 194 ILE Q CG1 1 
ATOM   975  C  CG2 . ILE A 1 194 ? 12.64327  -3.41031  0.18249   1.000 73.02000  ? 194 ILE Q CG2 1 
ATOM   976  C  CD1 . ILE A 1 194 ? 10.11241  -2.28960  -0.80273  1.000 73.02000  ? 194 ILE Q CD1 1 
ATOM   977  N  N   . ALA A 1 195 ? 15.14230  -0.66335  1.07373   1.000 74.55000  ? 195 ALA Q N   1 
ATOM   978  C  CA  . ALA A 1 195 ? 16.61278  -0.76868  0.94979   1.000 74.55000  ? 195 ALA Q CA  1 
ATOM   979  C  C   . ALA A 1 195 ? 17.23075  -0.70286  2.34554   1.000 74.55000  ? 195 ALA Q C   1 
ATOM   980  O  O   . ALA A 1 195 ? 18.15331  -1.48167  2.61559   1.000 74.55000  ? 195 ALA Q O   1 
ATOM   981  C  CB  . ALA A 1 195 ? 17.14635  0.32998   0.07059   1.000 74.55000  ? 195 ALA Q CB  1 
ATOM   982  N  N   . ALA A 1 196 ? 16.72912  0.19309   3.19392   1.000 75.18000  ? 196 ALA Q N   1 
ATOM   983  C  CA  . ALA A 1 196 ? 17.24570  0.31953   4.57469   1.000 75.18000  ? 196 ALA Q CA  1 
ATOM   984  C  C   . ALA A 1 196 ? 16.97641  -0.95972  5.36701   1.000 75.18000  ? 196 ALA Q C   1 
ATOM   985  O  O   . ALA A 1 196 ? 17.87555  -1.38298  6.09984   1.000 75.18000  ? 196 ALA Q O   1 
ATOM   986  C  CB  . ALA A 1 196 ? 16.62492  1.51123   5.24802   1.000 75.18000  ? 196 ALA Q CB  1 
ATOM   987  N  N   . VAL A 1 197 ? 15.79100  -1.55201  5.21379   1.000 74.24000  ? 197 VAL Q N   1 
ATOM   988  C  CA  . VAL A 1 197 ? 15.42769  -2.76255  6.00745   1.000 74.24000  ? 197 VAL Q CA  1 
ATOM   989  C  C   . VAL A 1 197 ? 16.41285  -3.87161  5.64104   1.000 74.24000  ? 197 VAL Q C   1 
ATOM   990  O  O   . VAL A 1 197 ? 16.87258  -4.57533  6.54821   1.000 74.24000  ? 197 VAL Q O   1 
ATOM   991  C  CB  . VAL A 1 197 ? 13.96247  -3.17237  5.76575   1.000 74.24000  ? 197 VAL Q CB  1 
ATOM   992  C  CG1 . VAL A 1 197 ? 13.69015  -4.60249  6.18928   1.000 74.24000  ? 197 VAL Q CG1 1 
ATOM   993  C  CG2 . VAL A 1 197 ? 12.99010  -2.22852  6.45423   1.000 74.24000  ? 197 VAL Q CG2 1 
ATOM   994  N  N   . SER A 1 198 ? 16.74814  -3.98649  4.35755   1.000 74.80000  ? 198 SER Q N   1 
ATOM   995  C  CA  . SER A 1 198 ? 17.68981  -5.03627  3.89641   1.000 74.80000  ? 198 SER Q CA  1 
ATOM   996  C  C   . SER A 1 198 ? 19.11751  -4.68327  4.32167   1.000 74.80000  ? 198 SER Q C   1 
ATOM   997  O  O   . SER A 1 198 ? 19.82049  -5.59255  4.78246   1.000 74.80000  ? 198 SER Q O   1 
ATOM   998  C  CB  . SER A 1 198 ? 17.59573  -5.22274  2.41129   1.000 74.80000  ? 198 SER Q CB  1 
ATOM   999  O  OG  . SER A 1 198 ? 18.13281  -4.10347  1.72562   1.000 74.80000  ? 198 SER Q OG  1 
ATOM   1000 N  N   . ALA A 1 199 ? 19.52560  -3.42006  4.16651   1.000 73.92000  ? 199 ALA Q N   1 
ATOM   1001 C  CA  . ALA A 1 199 ? 20.89755  -2.99107  4.53145   1.000 73.92000  ? 199 ALA Q CA  1 
ATOM   1002 C  C   . ALA A 1 199 ? 21.11710  -3.18183  6.03181   1.000 73.92000  ? 199 ALA Q C   1 
ATOM   1003 O  O   . ALA A 1 199 ? 22.20078  -3.64831  6.41306   1.000 73.92000  ? 199 ALA Q O   1 
ATOM   1004 C  CB  . ALA A 1 199 ? 21.12056  -1.55466  4.14559   1.000 73.92000  ? 199 ALA Q CB  1 
ATOM   1005 N  N   . ALA A 1 200 ? 20.12053  -2.82968  6.84330   1.000 74.19000  ? 200 ALA Q N   1 
ATOM   1006 C  CA  . ALA A 1 200 ? 20.23423  -3.00180  8.30439   1.000 74.19000  ? 200 ALA Q CA  1 
ATOM   1007 C  C   . ALA A 1 200 ? 20.33470  -4.48589  8.65025   1.000 74.19000  ? 200 ALA Q C   1 
ATOM   1008 O  O   . ALA A 1 200 ? 21.14217  -4.81999  9.52113   1.000 74.19000  ? 200 ALA Q O   1 
ATOM   1009 C  CB  . ALA A 1 200 ? 19.06394  -2.35620  8.98479   1.000 74.19000  ? 200 ALA Q CB  1 
ATOM   1010 N  N   . ALA A 1 201 ? 19.54137  -5.33552  7.99469   1.000 74.49000  ? 201 ALA Q N   1 
ATOM   1011 C  CA  . ALA A 1 201 ? 19.52784  -6.78392  8.30761   1.000 74.49000  ? 201 ALA Q CA  1 
ATOM   1012 C  C   . ALA A 1 201 ? 20.88972  -7.40736  7.99422   1.000 74.49000  ? 201 ALA Q C   1 
ATOM   1013 O  O   . ALA A 1 201 ? 21.35448  -8.23926  8.79017   1.000 74.49000  ? 201 ALA Q O   1 
ATOM   1014 C  CB  . ALA A 1 201 ? 18.41752  -7.47125  7.56021   1.000 74.49000  ? 201 ALA Q CB  1 
ATOM   1015 N  N   . LYS A 1 202 ? 21.50362  -7.01936  6.87812   1.000 74.22000  ? 202 LYS Q N   1 
ATOM   1016 C  CA  . LYS A 1 202 ? 22.85986  -7.53335  6.56282   1.000 74.22000  ? 202 LYS Q CA  1 
ATOM   1017 C  C   . LYS A 1 202 ? 23.83484  -6.99200  7.60826   1.000 74.22000  ? 202 LYS Q C   1 
ATOM   1018 O  O   . LYS A 1 202 ? 24.69739  -7.76325  8.06264   1.000 74.22000  ? 202 LYS Q O   1 
ATOM   1019 C  CB  . LYS A 1 202 ? 23.31374  -7.07536  5.17407   1.000 74.22000  ? 202 LYS Q CB  1 
ATOM   1020 C  CG  . LYS A 1 202 ? 22.35325  -7.35379  4.02890   1.000 74.22000  ? 202 LYS Q CG  1 
ATOM   1021 C  CD  . LYS A 1 202 ? 21.94958  -8.80018  3.89517   1.000 74.22000  ? 202 LYS Q CD  1 
ATOM   1022 C  CE  . LYS A 1 202 ? 21.03274  -9.01746  2.71263   1.000 74.22000  ? 202 LYS Q CE  1 
ATOM   1023 N  NZ  . LYS A 1 202 ? 19.95332  -8.00349  2.67727   1.000 74.22000  ? 202 LYS Q NZ  1 
ATOM   1024 N  N   . ALA A 1 203 ? 23.69616  -5.71568  7.97047   1.000 75.08000  ? 203 ALA Q N   1 
ATOM   1025 C  CA  . ALA A 1 203 ? 24.60106  -5.07164  8.95083   1.000 75.08000  ? 203 ALA Q CA  1 
ATOM   1026 C  C   . ALA A 1 203 ? 24.44627  -5.68675  10.34351  1.000 75.08000  ? 203 ALA Q C   1 
ATOM   1027 O  O   . ALA A 1 203 ? 25.45518  -5.76287  11.06530  1.000 75.08000  ? 203 ALA Q O   1 
ATOM   1028 C  CB  . ALA A 1 203 ? 24.36145  -3.58180  8.97423   1.000 75.08000  ? 203 ALA Q CB  1 
ATOM   1029 N  N   . GLY A 1 204 ? 23.23345  -6.09666  10.71658  1.000 77.24000  ? 204 GLY Q N   1 
ATOM   1030 C  CA  . GLY A 1 204 ? 22.99901  -6.57104  12.09271  1.000 77.24000  ? 204 GLY Q CA  1 
ATOM   1031 C  C   . GLY A 1 204 ? 22.53430  -5.41661  12.95510  1.000 77.24000  ? 204 GLY Q C   1 
ATOM   1032 O  O   . GLY A 1 204 ? 22.53011  -5.57028  14.18594  1.000 77.24000  ? 204 GLY Q O   1 
ATOM   1033 N  N   . ASP A 1 205 ? 22.17178  -4.29379  12.32849  1.000 80.25000  ? 205 ASP Q N   1 
ATOM   1034 C  CA  . ASP A 1 205 ? 21.78198  -3.08057  13.09367  1.000 80.25000  ? 205 ASP Q CA  1 
ATOM   1035 C  C   . ASP A 1 205 ? 20.29884  -3.17147  13.43984  1.000 80.25000  ? 205 ASP Q C   1 
ATOM   1036 O  O   . ASP A 1 205 ? 19.47177  -3.00089  12.53012  1.000 80.25000  ? 205 ASP Q O   1 
ATOM   1037 C  CB  . ASP A 1 205 ? 22.05712  -1.81172  12.28406  1.000 80.25000  ? 205 ASP Q CB  1 
ATOM   1038 C  CG  . ASP A 1 205 ? 22.02176  -0.54042  13.11453  1.000 80.25000  ? 205 ASP Q CG  1 
ATOM   1039 O  OD1 . ASP A 1 205 ? 22.06836  -0.64940  14.35565  1.000 80.25000  ? 205 ASP Q OD1 1 
ATOM   1040 O  OD2 . ASP A 1 205 ? 21.94957  0.54818   12.51261  1.000 80.25000  ? 205 ASP Q OD2 1 
ATOM   1041 N  N   . PHE A 1 206 ? 19.98268  -3.40664  14.71362  1.000 78.54000  ? 206 PHE Q N   1 
ATOM   1042 C  CA  . PHE A 1 206 ? 18.57145  -3.55635  15.14794  1.000 78.54000  ? 206 PHE Q CA  1 
ATOM   1043 C  C   . PHE A 1 206 ? 17.87021  -2.20865  15.02369  1.000 78.54000  ? 206 PHE Q C   1 
ATOM   1044 O  O   . PHE A 1 206 ? 16.72663  -2.16626  14.53942  1.000 78.54000  ? 206 PHE Q O   1 
ATOM   1045 C  CB  . PHE A 1 206 ? 18.52385  -4.03490  16.59771  1.000 78.54000  ? 206 PHE Q CB  1 
ATOM   1046 C  CG  . PHE A 1 206 ? 19.11852  -5.39860  16.82764  1.000 78.54000  ? 206 PHE Q CG  1 
ATOM   1047 C  CD1 . PHE A 1 206 ? 20.46725  -5.54532  17.10505  1.000 78.54000  ? 206 PHE Q CD1 1 
ATOM   1048 C  CD2 . PHE A 1 206 ? 18.32774  -6.53199  16.76758  1.000 78.54000  ? 206 PHE Q CD2 1 
ATOM   1049 C  CE1 . PHE A 1 206 ? 21.01416  -6.79940  17.31117  1.000 78.54000  ? 206 PHE Q CE1 1 
ATOM   1050 C  CE2 . PHE A 1 206 ? 18.87427  -7.78503  16.97943  1.000 78.54000  ? 206 PHE Q CE2 1 
ATOM   1051 C  CZ  . PHE A 1 206 ? 20.21517  -7.91354  17.24620  1.000 78.54000  ? 206 PHE Q CZ  1 
ATOM   1052 N  N   . ASP A 1 207 ? 18.55278  -1.14035  15.43213  1.000 81.10000  ? 207 ASP Q N   1 
ATOM   1053 C  CA  . ASP A 1 207 ? 17.94316  0.21459   15.39181  1.000 81.10000  ? 207 ASP Q CA  1 
ATOM   1054 C  C   . ASP A 1 207 ? 17.62444  0.58582   13.93939  1.000 81.10000  ? 207 ASP Q C   1 
ATOM   1055 O  O   . ASP A 1 207 ? 16.58990  1.24199   13.71159  1.000 81.10000  ? 207 ASP Q O   1 
ATOM   1056 C  CB  . ASP A 1 207 ? 18.81994  1.25383   16.09359  1.000 81.10000  ? 207 ASP Q CB  1 
ATOM   1057 C  CG  . ASP A 1 207 ? 18.05926  2.50848   16.48415  1.000 81.10000  ? 207 ASP Q CG  1 
ATOM   1058 O  OD1 . ASP A 1 207 ? 16.81539  2.44996   16.52195  1.000 81.10000  ? 207 ASP Q OD1 1 
ATOM   1059 O  OD2 . ASP A 1 207 ? 18.71693  3.53486   16.74675  1.000 81.10000  ? 207 ASP Q OD2 1 
ATOM   1060 N  N   . GLY A 1 208 ? 18.48863  0.19553   12.99885  1.000 79.43000  ? 208 GLY Q N   1 
ATOM   1061 C  CA  . GLY A 1 208 ? 18.27286  0.55778   11.58724  1.000 79.43000  ? 208 GLY Q CA  1 
ATOM   1062 C  C   . GLY A 1 208 ? 16.97426  -0.01734  11.04867  1.000 79.43000  ? 208 GLY Q C   1 
ATOM   1063 O  O   . GLY A 1 208 ? 16.22945  0.74142   10.40544  1.000 79.43000  ? 208 GLY Q O   1 
ATOM   1064 N  N   . VAL A 1 209 ? 16.67952  -1.28637  11.35182  1.000 75.98000  ? 209 VAL Q N   1 
ATOM   1065 C  CA  . VAL A 1 209 ? 15.41582  -1.92424  10.87851  1.000 75.98000  ? 209 VAL Q CA  1 
ATOM   1066 C  C   . VAL A 1 209 ? 14.22531  -1.18102  11.48969  1.000 75.98000  ? 209 VAL Q C   1 
ATOM   1067 O  O   . VAL A 1 209 ? 13.26286  -0.91518  10.75312  1.000 75.98000  ? 209 VAL Q O   1 
ATOM   1068 C  CB  . VAL A 1 209 ? 15.36340  -3.42028  11.22963  1.000 75.98000  ? 209 VAL Q CB  1 
ATOM   1069 C  CG1 . VAL A 1 209 ? 14.11580  -4.08163  10.67187  1.000 75.98000  ? 209 VAL Q CG1 1 
ATOM   1070 C  CG2 . VAL A 1 209 ? 16.60138  -4.15920  10.76215  1.000 75.98000  ? 209 VAL Q CG2 1 
ATOM   1071 N  N   . ASN A 1 210 ? 14.28892  -0.83721  12.77737  1.000 77.42000  ? 210 ASN Q N   1 
ATOM   1072 C  CA  . ASN A 1 210 ? 13.13250  -0.18966  13.45868  1.000 77.42000  ? 210 ASN Q CA  1 
ATOM   1073 C  C   . ASN A 1 210 ? 12.78665  1.14322   12.78192  1.000 77.42000  ? 210 ASN Q C   1 
ATOM   1074 O  O   . ASN A 1 210 ? 11.61529  1.32506   12.40829  1.000 77.42000  ? 210 ASN Q O   1 
ATOM   1075 C  CB  . ASN A 1 210 ? 13.36244  -0.05370  14.96553  1.000 77.42000  ? 210 ASN Q CB  1 
ATOM   1076 C  CG  . ASN A 1 210 ? 12.74022  -1.18331  15.75536  1.000 77.42000  ? 210 ASN Q CG  1 
ATOM   1077 O  OD1 . ASN A 1 210 ? 11.92664  -1.93591  15.22685  1.000 77.42000  ? 210 ASN Q OD1 1 
ATOM   1078 N  ND2 . ASN A 1 210 ? 13.11077  -1.30515  17.01936  1.000 77.42000  ? 210 ASN Q ND2 1 
ATOM   1079 N  N   . LYS A 1 211 ? 13.76611  2.03812   12.63342  1.000 80.90000  ? 211 LYS Q N   1 
ATOM   1080 C  CA  . LYS A 1 211 ? 13.51189  3.36754   12.02068  1.000 80.90000  ? 211 LYS Q CA  1 
ATOM   1081 C  C   . LYS A 1 211 ? 13.06517  3.18481   10.56885  1.000 80.90000  ? 211 LYS Q C   1 
ATOM   1082 O  O   . LYS A 1 211 ? 12.16113  3.91629   10.14915  1.000 80.90000  ? 211 LYS Q O   1 
ATOM   1083 C  CB  . LYS A 1 211 ? 14.76188  4.25234   12.06095  1.000 80.90000  ? 211 LYS Q CB  1 
ATOM   1084 C  CG  . LYS A 1 211 ? 14.53786  5.67523   12.55610  1.000 80.90000  ? 211 LYS Q CG  1 
ATOM   1085 C  CD  . LYS A 1 211 ? 13.52057  6.44148   11.74068  1.000 80.90000  ? 211 LYS Q CD  1 
ATOM   1086 C  CE  . LYS A 1 211 ? 13.18158  7.79861   12.31697  1.000 80.90000  ? 211 LYS Q CE  1 
ATOM   1087 N  NZ  . LYS A 1 211 ? 12.09435  8.45484   11.55287  1.000 80.90000  ? 211 LYS Q NZ  1 
ATOM   1088 N  N   . ALA A 1 212 ? 13.68720  2.26606   9.82854   1.000 77.87000  ? 212 ALA Q N   1 
ATOM   1089 C  CA  . ALA A 1 212 ? 13.33977  2.12498   8.39724   1.000 77.87000  ? 212 ALA Q CA  1 
ATOM   1090 C  C   . ALA A 1 212 ? 11.87990  1.69294   8.25898   1.000 77.87000  ? 212 ALA Q C   1 
ATOM   1091 O  O   . ALA A 1 212 ? 11.18953  2.23439   7.38409   1.000 77.87000  ? 212 ALA Q O   1 
ATOM   1092 C  CB  . ALA A 1 212 ? 14.26387  1.13920   7.74164   1.000 77.87000  ? 212 ALA Q CB  1 
ATOM   1093 N  N   . ALA A 1 213 ? 11.42720  0.76018   9.09736   1.000 75.72000  ? 213 ALA Q N   1 
ATOM   1094 C  CA  . ALA A 1 213 ? 10.00944  0.33596   9.07717   1.000 75.72000  ? 213 ALA Q CA  1 
ATOM   1095 C  C   . ALA A 1 213 ? 9.13155   1.53252   9.44898   1.000 75.72000  ? 213 ALA Q C   1 
ATOM   1096 O  O   . ALA A 1 213 ? 8.08261   1.70613   8.81564   1.000 75.72000  ? 213 ALA Q O   1 
ATOM   1097 C  CB  . ALA A 1 213 ? 9.80593   -0.81062  10.02986  1.000 75.72000  ? 213 ALA Q CB  1 
ATOM   1098 N  N   . GLY A 1 214 ? 9.56230   2.33886   10.42311  1.000 76.42000  ? 214 GLY Q N   1 
ATOM   1099 C  CA  . GLY A 1 214 ? 8.80944   3.54803   10.80830  1.000 76.42000  ? 214 GLY Q CA  1 
ATOM   1100 C  C   . GLY A 1 214 ? 8.71697   4.52440   9.65073   1.000 76.42000  ? 214 GLY Q C   1 
ATOM   1101 O  O   . GLY A 1 214 ? 7.65215   5.14059   9.49542   1.000 76.42000  ? 214 GLY Q O   1 
ATOM   1102 N  N   . ASP A 1 215 ? 9.79224   4.67165   8.87218   1.000 77.54000  ? 215 ASP Q N   1 
ATOM   1103 C  CA  . ASP A 1 215 ? 9.78825   5.56651   7.68570   1.000 77.54000  ? 215 ASP Q CA  1 
ATOM   1104 C  C   . ASP A 1 215 ? 8.75976   5.05864   6.67499   1.000 77.54000  ? 215 ASP Q C   1 
ATOM   1105 O  O   . ASP A 1 215 ? 8.00747   5.88752   6.13870   1.000 77.54000  ? 215 ASP Q O   1 
ATOM   1106 C  CB  . ASP A 1 215 ? 11.16962  5.60340   7.03582   1.000 77.54000  ? 215 ASP Q CB  1 
ATOM   1107 C  CG  . ASP A 1 215 ? 11.23027  6.49027   5.80706   1.000 77.54000  ? 215 ASP Q CG  1 
ATOM   1108 O  OD1 . ASP A 1 215 ? 10.76184  7.64244   5.89544   1.000 77.54000  ? 215 ASP Q OD1 1 
ATOM   1109 O  OD2 . ASP A 1 215 ? 11.73402  6.01636   4.76965   1.000 77.54000  ? 215 ASP Q OD2 1 
ATOM   1110 N  N   . ILE A 1 216 ? 8.71265   3.74314   6.45215   1.000 75.08000  ? 216 ILE Q N   1 
ATOM   1111 C  CA  . ILE A 1 216 ? 7.70569   3.14975   5.52164   1.000 75.08000  ? 216 ILE Q CA  1 
ATOM   1112 C  C   . ILE A 1 216 ? 6.30716   3.41916   6.07787   1.000 75.08000  ? 216 ILE Q C   1 
ATOM   1113 O  O   . ILE A 1 216 ? 5.42531   3.79478   5.28952   1.000 75.08000  ? 216 ILE Q O   1 
ATOM   1114 C  CB  . ILE A 1 216 ? 7.96868   1.64403   5.34249   1.000 75.08000  ? 216 ILE Q CB  1 
ATOM   1115 C  CG1 . ILE A 1 216 ? 9.31342   1.39278   4.65989   1.000 75.08000  ? 216 ILE Q CG1 1 
ATOM   1116 C  CG2 . ILE A 1 216 ? 6.83121   0.97170   4.59668   1.000 75.08000  ? 216 ILE Q CG2 1 
ATOM   1117 C  CD1 . ILE A 1 216 ? 9.81429   -0.01670  4.81485   1.000 75.08000  ? 216 ILE Q CD1 1 
ATOM   1118 N  N   . LYS A 1 217 ? 6.12399   3.26383   7.38967   1.000 73.35000  ? 217 LYS Q N   1 
ATOM   1119 C  CA  . LYS A 1 217 ? 4.77976   3.43364   7.99574   1.000 73.35000  ? 217 LYS Q CA  1 
ATOM   1120 C  C   . LYS A 1 217 ? 4.30499   4.87559   7.80343   1.000 73.35000  ? 217 LYS Q C   1 
ATOM   1121 O  O   . LYS A 1 217 ? 3.14292   5.06210   7.41035   1.000 73.35000  ? 217 LYS Q O   1 
ATOM   1122 C  CB  . LYS A 1 217 ? 4.82751   3.06826   9.48039   1.000 73.35000  ? 217 LYS Q CB  1 
ATOM   1123 C  CG  . LYS A 1 217 ? 3.49900   3.12885   10.21967  1.000 73.35000  ? 217 LYS Q CG  1 
ATOM   1124 C  CD  . LYS A 1 217 ? 2.43763   2.24007   9.61380   1.000 73.35000  ? 217 LYS Q CD  1 
ATOM   1125 C  CE  . LYS A 1 217 ? 1.12101   2.29812   10.35626  1.000 73.35000  ? 217 LYS Q CE  1 
ATOM   1126 N  NZ  . LYS A 1 217 ? 0.04478   1.61007   9.60620   1.000 73.35000  ? 217 LYS Q NZ  1 
ATOM   1127 N  N   . THR A 1 218 ? 5.18640   5.85082   8.02630   1.000 78.72000  ? 218 THR Q N   1 
ATOM   1128 C  CA  . THR A 1 218 ? 4.81102   7.27365   7.83064   1.000 78.72000  ? 218 THR Q CA  1 
ATOM   1129 C  C   . THR A 1 218 ? 4.47984   7.50317   6.35615   1.000 78.72000  ? 218 THR Q C   1 
ATOM   1130 O  O   . THR A 1 218 ? 3.46616   8.16074   6.08371   1.000 78.72000  ? 218 THR Q O   1 
ATOM   1131 C  CB  . THR A 1 218 ? 5.93853   8.21609   8.26819   1.000 78.72000  ? 218 THR Q CB  1 
ATOM   1132 O  OG1 . THR A 1 218 ? 6.44704   7.76167   9.52233   1.000 78.72000  ? 218 THR Q OG1 1 
ATOM   1133 C  CG2 . THR A 1 218 ? 5.48718   9.65388   8.39158   1.000 78.72000  ? 218 THR Q CG2 1 
ATOM   1134 N  N   . ALA A 1 219 ? 5.28749   6.95476   5.44703   1.000 79.38000  ? 219 ALA Q N   1 
ATOM   1135 C  CA  . ALA A 1 219 ? 5.08008   7.19448   4.00129   1.000 79.38000  ? 219 ALA Q CA  1 
ATOM   1136 C  C   . ALA A 1 219 ? 3.74292   6.61327   3.53183   1.000 79.38000  ? 219 ALA Q C   1 
ATOM   1137 O  O   . ALA A 1 219 ? 3.04228   7.30452   2.77856   1.000 79.38000  ? 219 ALA Q O   1 
ATOM   1138 C  CB  . ALA A 1 219 ? 6.22882   6.60535   3.23182   1.000 79.38000  ? 219 ALA Q CB  1 
ATOM   1139 N  N   . ALA A 1 220 ? 3.41454   5.38880   3.94902   1.000 77.76000  ? 220 ALA Q N   1 
ATOM   1140 C  CA  . ALA A 1 220 ? 2.15672   4.74315   3.51332   1.000 77.76000  ? 220 ALA Q CA  1 
ATOM   1141 C  C   . ALA A 1 220 ? 0.96131   5.51436   4.07507   1.000 77.76000  ? 220 ALA Q C   1 
ATOM   1142 O  O   . ALA A 1 220 ? -0.01231  5.71146   3.33156   1.000 77.76000  ? 220 ALA Q O   1 
ATOM   1143 C  CB  . ALA A 1 220 ? 2.14053   3.30110   3.93548   1.000 77.76000  ? 220 ALA Q CB  1 
ATOM   1144 N  N   . ASP A 1 221 ? 1.04278   5.94179   5.33722   1.000 80.73000  ? 221 ASP Q N   1 
ATOM   1145 C  CA  . ASP A 1 221 ? -0.05198  6.73561   5.95432   1.000 80.73000  ? 221 ASP Q CA  1 
ATOM   1146 C  C   . ASP A 1 221 ? -0.18728  8.06390   5.20561   1.000 80.73000  ? 221 ASP Q C   1 
ATOM   1147 O  O   . ASP A 1 221 ? -1.32805  8.49512   4.97369   1.000 80.73000  ? 221 ASP Q O   1 
ATOM   1148 C  CB  . ASP A 1 221 ? 0.19183   6.94969   7.44563   1.000 80.73000  ? 221 ASP Q CB  1 
ATOM   1149 C  CG  . ASP A 1 221 ? 0.14299   5.66559   8.25090   1.000 80.73000  ? 221 ASP Q CG  1 
ATOM   1150 O  OD1 . ASP A 1 221 ? -0.18147  4.61745   7.65863   1.000 80.73000  ? 221 ASP Q OD1 1 
ATOM   1151 O  OD2 . ASP A 1 221 ? 0.43397   5.72471   9.46205   1.000 80.73000  ? 221 ASP Q OD2 1 
ATOM   1152 N  N   . SER A 1 222 ? 0.94084   8.67916   4.84671   1.000 83.31000  ? 222 SER Q N   1 
ATOM   1153 C  CA  . SER A 1 222 ? 0.91775   9.96106   4.10010   1.000 83.31000  ? 222 SER Q CA  1 
ATOM   1154 C  C   . SER A 1 222 ? 0.25302   9.74461   2.74101   1.000 83.31000  ? 222 SER Q C   1 
ATOM   1155 O  O   . SER A 1 222 ? -0.52449  10.62108  2.32331   1.000 83.31000  ? 222 SER Q O   1 
ATOM   1156 C  CB  . SER A 1 222 ? 2.30697   10.50155  3.93708   1.000 83.31000  ? 222 SER Q CB  1 
ATOM   1157 O  OG  . SER A 1 222 ? 2.89561   10.76915  5.20023   1.000 83.31000  ? 222 SER Q OG  1 
ATOM   1158 N  N   . PHE A 1 223 ? 0.59462   8.64172   2.06577   1.000 82.40000  ? 223 PHE Q N   1 
ATOM   1159 C  CA  . PHE A 1 223 ? 0.02696   8.33191   0.72784   1.000 82.40000  ? 223 PHE Q CA  1 
ATOM   1160 C  C   . PHE A 1 223 ? -1.49047  8.27070   0.84118   1.000 82.40000  ? 223 PHE Q C   1 
ATOM   1161 O  O   . PHE A 1 223 ? -2.17764  8.93699   0.05945   1.000 82.40000  ? 223 PHE Q O   1 
ATOM   1162 C  CB  . PHE A 1 223 ? 0.54295   6.97610   0.25010   1.000 82.40000  ? 223 PHE Q CB  1 
ATOM   1163 C  CG  . PHE A 1 223 ? 0.13165   6.55903   -1.13776  1.000 82.40000  ? 223 PHE Q CG  1 
ATOM   1164 C  CD1 . PHE A 1 223 ? -1.03953  5.85157   -1.35103  1.000 82.40000  ? 223 PHE Q CD1 1 
ATOM   1165 C  CD2 . PHE A 1 223 ? 0.93813   6.84058   -2.22657  1.000 82.40000  ? 223 PHE Q CD2 1 
ATOM   1166 C  CE1 . PHE A 1 223 ? -1.40774  5.46136   -2.62787  1.000 82.40000  ? 223 PHE Q CE1 1 
ATOM   1167 C  CE2 . PHE A 1 223 ? 0.57430   6.44009   -3.50091  1.000 82.40000  ? 223 PHE Q CE2 1 
ATOM   1168 C  CZ  . PHE A 1 223 ? -0.59924  5.75344   -3.69978  1.000 82.40000  ? 223 PHE Q CZ  1 
ATOM   1169 N  N   . LEU A 1 224 ? -1.99473  7.49492   1.79660   1.000 82.74000  ? 224 LEU Q N   1 
ATOM   1170 C  CA  . LEU A 1 224 ? -3.46286  7.31042   1.88619   1.000 82.74000  ? 224 LEU Q CA  1 
ATOM   1171 C  C   . LEU A 1 224 ? -4.13256  8.65433   2.17069   1.000 82.74000  ? 224 LEU Q C   1 
ATOM   1172 O  O   . LEU A 1 224 ? -5.21488  8.89184   1.62169   1.000 82.74000  ? 224 LEU Q O   1 
ATOM   1173 C  CB  . LEU A 1 224 ? -3.77646  6.27219   2.96610   1.000 82.74000  ? 224 LEU Q CB  1 
ATOM   1174 C  CG  . LEU A 1 224 ? -3.36710  4.83953   2.63112   1.000 82.74000  ? 224 LEU Q CG  1 
ATOM   1175 C  CD1 . LEU A 1 224 ? -3.52558  3.93160   3.84024   1.000 82.74000  ? 224 LEU Q CD1 1 
ATOM   1176 C  CD2 . LEU A 1 224 ? -4.17124  4.30966   1.45541   1.000 82.74000  ? 224 LEU Q CD2 1 
ATOM   1177 N  N   . SER A 1 225 ? -3.52918  9.48397   3.01916   1.000 86.61000  ? 225 SER Q N   1 
ATOM   1178 C  CA  . SER A 1 225 ? -4.19892  10.75306  3.39952   1.000 86.61000  ? 225 SER Q CA  1 
ATOM   1179 C  C   . SER A 1 225 ? -4.36422  11.66179  2.17969   1.000 86.61000  ? 225 SER Q C   1 
ATOM   1180 O  O   . SER A 1 225 ? -5.47699  12.17795  1.98608   1.000 86.61000  ? 225 SER Q O   1 
ATOM   1181 C  CB  . SER A 1 225 ? -3.42575  11.44376  4.47792   1.000 86.61000  ? 225 SER Q CB  1 
ATOM   1182 O  OG  . SER A 1 225 ? -3.26054  10.58890  5.59922   1.000 86.61000  ? 225 SER Q OG  1 
ATOM   1183 N  N   . THR A 1 226 ? -3.30431  11.83128  1.38350   1.000 86.51000  ? 226 THR Q N   1 
ATOM   1184 C  CA  . THR A 1 226 ? -3.38379  12.69240  0.17174   1.000 86.51000  ? 226 THR Q CA  1 
ATOM   1185 C  C   . THR A 1 226 ? -4.22361  11.98848  -0.90118  1.000 86.51000  ? 226 THR Q C   1 
ATOM   1186 O  O   . THR A 1 226 ? -4.89682  12.69711  -1.67534  1.000 86.51000  ? 226 THR Q O   1 
ATOM   1187 C  CB  . THR A 1 226 ? -1.99274  13.11305  -0.32083  1.000 86.51000  ? 226 THR Q CB  1 
ATOM   1188 O  OG1 . THR A 1 226 ? -2.16727  14.00870  -1.41943  1.000 86.51000  ? 226 THR Q OG1 1 
ATOM   1189 C  CG2 . THR A 1 226 ? -1.13423  11.94486  -0.74958  1.000 86.51000  ? 226 THR Q CG2 1 
ATOM   1190 N  N   . ALA A 1 227 ? -4.18742  10.65233  -0.93724  1.000 85.20000  ? 227 ALA Q N   1 
ATOM   1191 C  CA  . ALA A 1 227 ? -4.97638  9.88349   -1.92860  1.000 85.20000  ? 227 ALA Q CA  1 
ATOM   1192 C  C   . ALA A 1 227 ? -6.47119  10.10671  -1.69390  1.000 85.20000  ? 227 ALA Q C   1 
ATOM   1193 O  O   . ALA A 1 227 ? -7.20238  10.23856  -2.69553  1.000 85.20000  ? 227 ALA Q O   1 
ATOM   1194 C  CB  . ALA A 1 227 ? -4.63649  8.41570   -1.84085  1.000 85.20000  ? 227 ALA Q CB  1 
ATOM   1195 N  N   . ASN A 1 228 ? -6.90658  10.17420  -0.43153  1.000 84.43000  ? 228 ASN Q N   1 
ATOM   1196 C  CA  . ASN A 1 228 ? -8.36278  10.27816  -0.12875  1.000 84.43000  ? 228 ASN Q CA  1 
ATOM   1197 C  C   . ASN A 1 228 ? -9.08768  9.19119   -0.94100  1.000 84.43000  ? 228 ASN Q C   1 
ATOM   1198 O  O   . ASN A 1 228 ? -10.01018 9.56359   -1.69234  1.000 84.43000  ? 228 ASN Q O   1 
ATOM   1199 C  CB  . ASN A 1 228 ? -8.91502  11.68232  -0.38939  1.000 84.43000  ? 228 ASN Q CB  1 
ATOM   1200 C  CG  . ASN A 1 228 ? -10.19908 11.97486  0.35735   1.000 84.43000  ? 228 ASN Q CG  1 
ATOM   1201 O  OD1 . ASN A 1 228 ? -10.80124 11.07978  0.94537   1.000 84.43000  ? 228 ASN Q OD1 1 
ATOM   1202 N  ND2 . ASN A 1 228 ? -10.62731 13.22607  0.33992   1.000 84.43000  ? 228 ASN Q ND2 1 
ATOM   1203 N  N   . PRO A 1 229 ? -8.74858  7.87439   -0.83899  1.000 82.11000  ? 229 PRO Q N   1 
ATOM   1204 C  CA  . PRO A 1 229 ? -9.36400  6.85900   -1.70656  1.000 82.11000  ? 229 PRO Q CA  1 
ATOM   1205 C  C   . PRO A 1 229 ? -10.86874 6.72635   -1.45066  1.000 82.11000  ? 229 PRO Q C   1 
ATOM   1206 O  O   . PRO A 1 229 ? -11.26572 6.64934   -0.30185  1.000 82.11000  ? 229 PRO Q O   1 
ATOM   1207 C  CB  . PRO A 1 229 ? -8.65519  5.54236   -1.35339  1.000 82.11000  ? 229 PRO Q CB  1 
ATOM   1208 C  CG  . PRO A 1 229 ? -8.17308  5.74749   0.05987   1.000 82.11000  ? 229 PRO Q CG  1 
ATOM   1209 C  CD  . PRO A 1 229 ? -7.83638  7.22057   0.13032   1.000 82.11000  ? 229 PRO Q CD  1 
ATOM   1210 N  N   . PRO A 1 230 ? -11.76181 6.72616   -2.47595  1.000 78.24000  ? 230 PRO Q N   1 
ATOM   1211 C  CA  . PRO A 1 230 ? -13.18543 6.51714   -2.21194  1.000 78.24000  ? 230 PRO Q CA  1 
ATOM   1212 C  C   . PRO A 1 230 ? -13.38302 5.12993   -1.58633  1.000 78.24000  ? 230 PRO Q C   1 
ATOM   1213 O  O   . PRO A 1 230 ? -12.91842 4.16306   -2.15581  1.000 78.24000  ? 230 PRO Q O   1 
ATOM   1214 C  CB  . PRO A 1 230 ? -13.86936 6.61388   -3.58223  1.000 78.24000  ? 230 PRO Q CB  1 
ATOM   1215 C  CG  . PRO A 1 230 ? -12.75863 6.37755   -4.57939  1.000 78.24000  ? 230 PRO Q CG  1 
ATOM   1216 C  CD  . PRO A 1 230 ? -11.51953 6.94269   -3.91929  1.000 78.24000  ? 230 PRO Q CD  1 
ATOM   1217 N  N   . ILE A 1 231 ? -14.04381 5.06924   -0.42749  1.000 77.79000  ? 231 ILE Q N   1 
ATOM   1218 C  CA  . ILE A 1 231 ? -14.34322 3.74714   0.19436   1.000 77.79000  ? 231 ILE Q CA  1 
ATOM   1219 C  C   . ILE A 1 231 ? -15.68768 3.30253   -0.37587  1.000 77.79000  ? 231 ILE Q C   1 
ATOM   1220 O  O   . ILE A 1 231 ? -16.69421 3.98490   -0.10297  1.000 77.79000  ? 231 ILE Q O   1 
ATOM   1221 C  CB  . ILE A 1 231 ? -14.38089 3.86243   1.72940   1.000 77.79000  ? 231 ILE Q CB  1 
ATOM   1222 C  CG1 . ILE A 1 231 ? -13.18088 4.65090   2.26055   1.000 77.79000  ? 231 ILE Q CG1 1 
ATOM   1223 C  CG2 . ILE A 1 231 ? -14.48652 2.49000   2.37436   1.000 77.79000  ? 231 ILE Q CG2 1 
ATOM   1224 C  CD1 . ILE A 1 231 ? -11.84617 4.01233   1.96609   1.000 77.79000  ? 231 ILE Q CD1 1 
ATOM   1225 N  N   . ILE A 1 232 ? -15.70260 2.21008   -1.14192  1.000 76.36000  ? 232 ILE Q N   1 
ATOM   1226 C  CA  . ILE A 1 232 ? -16.96930 1.80560   -1.81819  1.000 76.36000  ? 232 ILE Q CA  1 
ATOM   1227 C  C   . ILE A 1 232 ? -17.47585 0.48790   -1.23715  1.000 76.36000  ? 232 ILE Q C   1 
ATOM   1228 O  O   . ILE A 1 232 ? -16.73441 -0.51279  -1.30533  1.000 76.36000  ? 232 ILE Q O   1 
ATOM   1229 C  CB  . ILE A 1 232 ? -16.75897 1.71234   -3.34293  1.000 76.36000  ? 232 ILE Q CB  1 
ATOM   1230 C  CG1 . ILE A 1 232 ? -16.48383 3.08827   -3.95190  1.000 76.36000  ? 232 ILE Q CG1 1 
ATOM   1231 C  CG2 . ILE A 1 232 ? -17.93342 1.02523   -4.02180  1.000 76.36000  ? 232 ILE Q CG2 1 
ATOM   1232 C  CD1 . ILE A 1 232 ? -15.10904 3.21877   -4.54412  1.000 76.36000  ? 232 ILE Q CD1 1 
ATOM   1233 N  N   . PHE A 1 233 ? -18.69093 0.49441   -0.68608  1.000 84.97000  ? 233 PHE Q N   1 
ATOM   1234 C  CA  . PHE A 1 233 ? -19.30223 -0.77319  -0.22103  1.000 84.97000  ? 233 PHE Q CA  1 
ATOM   1235 C  C   . PHE A 1 233 ? -20.24212 -1.18470  -1.35288  1.000 84.97000  ? 233 PHE Q C   1 
ATOM   1236 O  O   . PHE A 1 233 ? -21.32616 -0.58266  -1.46882  1.000 84.97000  ? 233 PHE Q O   1 
ATOM   1237 C  CB  . PHE A 1 233 ? -20.10098 -0.54464  1.06437   1.000 84.97000  ? 233 PHE Q CB  1 
ATOM   1238 C  CG  . PHE A 1 233 ? -19.48931 0.41415   2.05587   1.000 84.97000  ? 233 PHE Q CG  1 
ATOM   1239 C  CD1 . PHE A 1 233 ? -19.66982 1.78303   1.93121   1.000 84.97000  ? 233 PHE Q CD1 1 
ATOM   1240 C  CD2 . PHE A 1 233 ? -18.75476 -0.05247  3.13357   1.000 84.97000  ? 233 PHE Q CD2 1 
ATOM   1241 C  CE1 . PHE A 1 233 ? -19.10911 2.66053   2.84447   1.000 84.97000  ? 233 PHE Q CE1 1 
ATOM   1242 C  CE2 . PHE A 1 233 ? -18.19676 0.82558   4.04864   1.000 84.97000  ? 233 PHE Q CE2 1 
ATOM   1243 C  CZ  . PHE A 1 233 ? -18.37550 2.18136   3.90307   1.000 84.97000  ? 233 PHE Q CZ  1 
ATOM   1244 N  N   . ASN A 1 234 ? -19.84429 -2.16354  -2.16429  1.000 78.44000  ? 234 ASN Q N   1 
ATOM   1245 C  CA  . ASN A 1 234 ? -20.67345 -2.50518  -3.35019  1.000 78.44000  ? 234 ASN Q CA  1 
ATOM   1246 C  C   . ASN A 1 234 ? -21.70367 -3.56378  -2.94998  1.000 78.44000  ? 234 ASN Q C   1 
ATOM   1247 O  O   . ASN A 1 234 ? -22.48818 -3.94989  -3.83014  1.000 78.44000  ? 234 ASN Q O   1 
ATOM   1248 C  CB  . ASN A 1 234 ? -19.80160 -2.90366  -4.54342  1.000 78.44000  ? 234 ASN Q CB  1 
ATOM   1249 C  CG  . ASN A 1 234 ? -20.48793 -2.70395  -5.87685  1.000 78.44000  ? 234 ASN Q CG  1 
ATOM   1250 O  OD1 . ASN A 1 234 ? -20.06080 -3.25857  -6.88514  1.000 78.44000  ? 234 ASN Q OD1 1 
ATOM   1251 N  ND2 . ASN A 1 234 ? -21.55113 -1.91860  -5.89143  1.000 78.44000  ? 234 ASN Q ND2 1 
HETATM 1252 C  C1  . LMG B 2 .   ? -4.51899  -3.59748  -15.94648 1.000 74.87000  ? 301 LMG Q C1  1 
HETATM 1253 O  O1  . LMG B 2 .   ? -5.17404  -4.84905  -15.81357 1.000 74.87000  ? 301 LMG Q O1  1 
HETATM 1254 C  C2  . LMG B 2 .   ? -3.39799  -3.54785  -14.93054 1.000 74.87000  ? 301 LMG Q C2  1 
HETATM 1255 O  O2  . LMG B 2 .   ? -3.94189  -3.49267  -13.61500 1.000 74.87000  ? 301 LMG Q O2  1 
HETATM 1256 C  C3  . LMG B 2 .   ? -2.52286  -2.33284  -15.12355 1.000 74.87000  ? 301 LMG Q C3  1 
HETATM 1257 O  O3  . LMG B 2 .   ? -1.38587  -2.48808  -14.27946 1.000 74.87000  ? 301 LMG Q O3  1 
HETATM 1258 C  C4  . LMG B 2 .   ? -2.06675  -2.24893  -16.56541 1.000 74.87000  ? 301 LMG Q C4  1 
HETATM 1259 O  O4  . LMG B 2 .   ? -1.18443  -3.33589  -16.82933 1.000 74.87000  ? 301 LMG Q O4  1 
HETATM 1260 C  C5  . LMG B 2 .   ? -3.24521  -2.32657  -17.51686 1.000 74.87000  ? 301 LMG Q C5  1 
HETATM 1261 O  O5  . LMG B 2 .   ? -3.84006  -2.34162  -19.83160 1.000 74.87000  ? 301 LMG Q O5  1 
HETATM 1262 C  C6  . LMG B 2 .   ? -2.72519  -2.39967  -18.93991 1.000 74.87000  ? 301 LMG Q C6  1 
HETATM 1263 O  O6  . LMG B 2 .   ? -3.98865  -3.51272  -17.26355 1.000 74.87000  ? 301 LMG Q O6  1 
HETATM 1264 C  C7  . LMG B 2 .   ? -6.51451  -4.80884  -15.35104 1.000 74.87000  ? 301 LMG Q C7  1 
HETATM 1265 C  C8  . LMG B 2 .   ? -7.47870  -5.40860  -16.36593 1.000 74.87000  ? 301 LMG Q C8  1 
HETATM 1266 C  C9  . LMG B 2 .   ? -7.00194  -6.74561  -16.89879 1.000 74.87000  ? 301 LMG Q C9  1 
HETATM 1267 O  O7  . LMG B 2 .   ? -8.78247  -5.52201  -15.79253 1.000 74.87000  ? 301 LMG Q O7  1 
HETATM 1268 C  C10 . LMG B 2 .   ? -8.95103  -6.43117  -14.66700 1.000 74.87000  ? 301 LMG Q C10 1 
HETATM 1269 O  O9  . LMG B 2 .   ? -8.55467  -6.12844  -13.55563 1.000 74.87000  ? 301 LMG Q O9  1 
HETATM 1270 C  C11 . LMG B 2 .   ? -9.63309  -7.75791  -14.88626 1.000 74.87000  ? 301 LMG Q C11 1 
HETATM 1271 C  C12 . LMG B 2 .   ? -9.77682  -8.45958  -13.55328 1.000 74.87000  ? 301 LMG Q C12 1 
HETATM 1272 C  C13 . LMG B 2 .   ? -10.45443 -9.81217  -13.70239 1.000 74.87000  ? 301 LMG Q C13 1 
HETATM 1273 C  C14 . LMG B 2 .   ? -11.90773 -9.63683  -14.08682 1.000 74.87000  ? 301 LMG Q C14 1 
HETATM 1274 C  C15 . LMG B 2 .   ? -12.68379 -10.92464 -13.85494 1.000 74.87000  ? 301 LMG Q C15 1 
HETATM 1275 C  C16 . LMG B 2 .   ? -12.15782 -12.06753 -14.70557 1.000 74.87000  ? 301 LMG Q C16 1 
HETATM 1276 C  C17 . LMG B 2 .   ? -12.37421 -11.80666 -16.18772 1.000 74.87000  ? 301 LMG Q C17 1 
HETATM 1277 C  C18 . LMG B 2 .   ? -11.78648 -12.96110 -16.97972 1.000 74.87000  ? 301 LMG Q C18 1 
HETATM 1278 C  C19 . LMG B 2 .   ? -12.39344 -14.28224 -16.52667 1.000 74.87000  ? 301 LMG Q C19 1 
HETATM 1279 C  C20 . LMG B 2 .   ? -11.82746 -15.45477 -17.31772 1.000 74.87000  ? 301 LMG Q C20 1 
HETATM 1280 O  O8  . LMG B 2 .   ? -7.27662  -6.76730  -18.29243 1.000 74.87000  ? 301 LMG Q O8  1 
HETATM 1281 C  C28 . LMG B 2 .   ? -8.53550  -7.27575  -18.79383 1.000 74.87000  ? 301 LMG Q C28 1 
HETATM 1282 O  O10 . LMG B 2 .   ? -9.46464  -6.52091  -18.98992 1.000 74.87000  ? 301 LMG Q O10 1 
HETATM 1283 C  C29 . LMG B 2 .   ? -8.64821  -8.75043  -19.08226 1.000 74.87000  ? 301 LMG Q C29 1 
HETATM 1284 C  C30 . LMG B 2 .   ? -9.99878  -9.01991  -19.70585 1.000 74.87000  ? 301 LMG Q C30 1 
HETATM 1285 C  C31 . LMG B 2 .   ? -10.04149 -10.37146 -20.40152 1.000 74.87000  ? 301 LMG Q C31 1 
HETATM 1286 C  C32 . LMG B 2 .   ? -9.73909  -11.53620 -19.47330 1.000 74.87000  ? 301 LMG Q C32 1 
HETATM 1287 C  C33 . LMG B 2 .   ? -10.06025 -12.85834 -20.15950 1.000 74.87000  ? 301 LMG Q C33 1 
HETATM 1288 C  C34 . LMG B 2 .   ? -9.09218  -13.13243 -21.29573 1.000 74.87000  ? 301 LMG Q C34 1 
HETATM 1289 C  C35 . LMG B 2 .   ? -7.73008  -13.52614 -20.74722 1.000 74.87000  ? 301 LMG Q C35 1 
HETATM 1290 MG MG  . CLA C 3 .   ? -8.21134  -10.40528 -10.79264 1.000 77.05000  ? 302 CLA Q MG  1 
HETATM 1291 C  CHA . CLA C 3 .   ? -7.67922  -7.01624  -10.16624 1.000 77.05000  ? 302 CLA Q CHA 1 
HETATM 1292 C  CHB . CLA C 3 .   ? -10.78409 -10.33444 -8.51849  1.000 77.05000  ? 302 CLA Q CHB 1 
HETATM 1293 C  CHC . CLA C 3 .   ? -9.47767  -13.32754 -12.11944 1.000 77.05000  ? 302 CLA Q CHC 1 
HETATM 1294 C  CHD . CLA C 3 .   ? -6.12996  -10.10029 -13.64557 1.000 77.05000  ? 302 CLA Q CHD 1 
HETATM 1295 N  NA  . CLA C 3 .   ? -9.00803  -8.95149  -9.51416  1.000 77.05000  ? 302 CLA Q NA  1 
HETATM 1296 C  C1A . CLA C 3 .   ? -8.66144  -7.59534  -9.41168  1.000 77.05000  ? 302 CLA Q C1A 1 
HETATM 1297 C  C2A . CLA C 3 .   ? -9.48668  -6.90076  -8.32801  1.000 77.05000  ? 302 CLA Q C2A 1 
HETATM 1298 C  C3A . CLA C 3 .   ? -10.12936 -8.09039  -7.58209  1.000 77.05000  ? 302 CLA Q C3A 1 
HETATM 1299 C  C4A . CLA C 3 .   ? -9.98568  -9.22075  -8.59916  1.000 77.05000  ? 302 CLA Q C4A 1 
HETATM 1300 C  CMA . CLA C 3 .   ? -9.41557  -8.38148  -6.28892  1.000 77.05000  ? 302 CLA Q CMA 1 
HETATM 1301 C  CAA . CLA C 3 .   ? -10.52879 -5.94975  -8.89497  1.000 77.05000  ? 302 CLA Q CAA 1 
HETATM 1302 C  CBA . CLA C 3 .   ? -11.55034 -6.61497  -9.79366  1.000 77.05000  ? 302 CLA Q CBA 1 
HETATM 1303 C  CGA . CLA C 3 .   ? -11.41076 -6.00666  -11.14262 1.000 77.05000  ? 302 CLA Q CGA 1 
HETATM 1304 O  O1A . CLA C 3 .   ? -10.42931 -5.43869  -11.59249 1.000 77.05000  ? 302 CLA Q O1A 1 
HETATM 1305 O  O2A . CLA C 3 .   ? -12.49567 -6.12275  -11.95543 1.000 77.05000  ? 302 CLA Q O2A 1 
HETATM 1306 N  NB  . CLA C 3 .   ? -9.78127  -11.60049 -10.37563 1.000 77.05000  ? 302 CLA Q NB  1 
HETATM 1307 C  C1B . CLA C 3 .   ? -10.71896 -11.40537 -9.41622  1.000 77.05000  ? 302 CLA Q C1B 1 
HETATM 1308 C  C2B . CLA C 3 .   ? -11.71553 -12.50837 -9.43367  1.000 77.05000  ? 302 CLA Q C2B 1 
HETATM 1309 C  C3B . CLA C 3 .   ? -11.34726 -13.35822 -10.44744 1.000 77.05000  ? 302 CLA Q C3B 1 
HETATM 1310 C  C4B . CLA C 3 .   ? -10.11302 -12.79570 -11.04892 1.000 77.05000  ? 302 CLA Q C4B 1 
HETATM 1311 C  CMB . CLA C 3 .   ? -12.84525 -12.55153 -8.51207  1.000 77.05000  ? 302 CLA Q CMB 1 
HETATM 1312 C  CAB . CLA C 3 .   ? -11.94670 -14.56727 -10.95037 1.000 77.05000  ? 302 CLA Q CAB 1 
HETATM 1313 C  CBB . CLA C 3 .   ? -13.24374 -14.75354 -11.20925 1.000 77.05000  ? 302 CLA Q CBB 1 
HETATM 1314 N  NC  . CLA C 3 .   ? -7.79333  -11.54768 -12.49286 1.000 77.05000  ? 302 CLA Q NC  1 
HETATM 1315 C  C1C . CLA C 3 .   ? -8.37583  -12.74508 -12.79100 1.000 77.05000  ? 302 CLA Q C1C 1 
HETATM 1316 C  C2C . CLA C 3 .   ? -7.80016  -13.31586 -13.99153 1.000 77.05000  ? 302 CLA Q C2C 1 
HETATM 1317 C  C3C . CLA C 3 .   ? -6.93365  -12.35297 -14.49303 1.000 77.05000  ? 302 CLA Q C3C 1 
HETATM 1318 C  C4C . CLA C 3 .   ? -6.91871  -11.25395 -13.53778 1.000 77.05000  ? 302 CLA Q C4C 1 
HETATM 1319 C  CMC . CLA C 3 .   ? -8.18569  -14.60207 -14.57134 1.000 77.05000  ? 302 CLA Q CMC 1 
HETATM 1320 C  CAC . CLA C 3 .   ? -6.11133  -12.46029 -15.70211 1.000 77.05000  ? 302 CLA Q CAC 1 
HETATM 1321 C  CBC . CLA C 3 .   ? -6.83154  -11.88361 -16.89301 1.000 77.05000  ? 302 CLA Q CBC 1 
HETATM 1322 N  ND  . CLA C 3 .   ? -7.06287  -8.99264  -11.66817 1.000 77.05000  ? 302 CLA Q ND  1 
HETATM 1323 C  C1D . CLA C 3 .   ? -6.19092  -9.03246  -12.78141 1.000 77.05000  ? 302 CLA Q C1D 1 
HETATM 1324 C  C2D . CLA C 3 .   ? -5.43264  -7.77086  -12.83642 1.000 77.05000  ? 302 CLA Q C2D 1 
HETATM 1325 C  C3D . CLA C 3 .   ? -5.95987  -6.95690  -11.85782 1.000 77.05000  ? 302 CLA Q C3D 1 
HETATM 1326 C  C4D . CLA C 3 .   ? -7.00267  -7.75273  -11.18688 1.000 77.05000  ? 302 CLA Q C4D 1 
HETATM 1327 C  CMD . CLA C 3 .   ? -4.37308  -7.49857  -13.79263 1.000 77.05000  ? 302 CLA Q CMD 1 
HETATM 1328 C  CAD . CLA C 3 .   ? -5.89585  -5.67040  -11.19590 1.000 77.05000  ? 302 CLA Q CAD 1 
HETATM 1329 O  OBD . CLA C 3 .   ? -5.11463  -4.74342  -11.36152 1.000 77.05000  ? 302 CLA Q OBD 1 
HETATM 1330 C  CBD . CLA C 3 .   ? -7.05922  -5.63239  -10.16255 1.000 77.05000  ? 302 CLA Q CBD 1 
HETATM 1331 C  CGD . CLA C 3 .   ? -6.56251  -5.19827  -8.81158  1.000 77.05000  ? 302 CLA Q CGD 1 
HETATM 1332 O  O1D . CLA C 3 .   ? -6.78133  -4.12897  -8.23577  1.000 77.05000  ? 302 CLA Q O1D 1 
HETATM 1333 O  O2D . CLA C 3 .   ? -5.77938  -6.12029  -8.18434  1.000 77.05000  ? 302 CLA Q O2D 1 
HETATM 1334 C  CED . CLA C 3 .   ? -4.43169  -5.76003  -7.87684  1.000 77.05000  ? 302 CLA Q CED 1 
HETATM 1335 C  C1  . CLA C 3 .   ? -12.32784 -5.45427  -13.21964 1.000 77.05000  ? 302 CLA Q C1  1 
HETATM 1336 C  C2  . CLA C 3 .   ? -13.20374 -6.13156  -14.19936 1.000 77.05000  ? 302 CLA Q C2  1 
HETATM 1337 C  C3  . CLA C 3 .   ? -13.19083 -5.82025  -15.50176 1.000 77.05000  ? 302 CLA Q C3  1 
HETATM 1338 C  C4  . CLA C 3 .   ? -12.29217 -4.77931  -16.04866 1.000 77.05000  ? 302 CLA Q C4  1 
HETATM 1339 C  C5  . CLA C 3 .   ? -14.08562 -6.51937  -16.46463 1.000 77.05000  ? 302 CLA Q C5  1 
HETATM 1340 C  C6  . CLA C 3 .   ? -14.52006 -7.88067  -15.96117 1.000 77.05000  ? 302 CLA Q C6  1 
HETATM 1341 C  C7  . CLA C 3 .   ? -15.99453 -8.12134  -16.19631 1.000 77.05000  ? 302 CLA Q C7  1 
HETATM 1342 C  C8  . CLA C 3 .   ? -16.83132 -7.60060  -15.03710 1.000 77.05000  ? 302 CLA Q C8  1 
HETATM 1343 C  C9  . CLA C 3 .   ? -16.25117 -8.05413  -13.71494 1.000 77.05000  ? 302 CLA Q C9  1 
HETATM 1344 C  C10 . CLA C 3 .   ? -18.25738 -8.10649  -15.13978 1.000 77.05000  ? 302 CLA Q C10 1 
HETATM 1345 C  C11 . CLA C 3 .   ? -19.23978 -7.00071  -15.43322 1.000 77.05000  ? 302 CLA Q C11 1 
HETATM 1346 C  C12 . CLA C 3 .   ? -20.62462 -7.58970  -15.56190 1.000 77.05000  ? 302 CLA Q C12 1 
HETATM 1347 C  C13 . CLA C 3 .   ? -21.63372 -6.57872  -16.07275 1.000 77.05000  ? 302 CLA Q C13 1 
HETATM 1348 C  C14 . CLA C 3 .   ? -22.44002 -6.00969  -14.92762 1.000 77.05000  ? 302 CLA Q C14 1 
HETATM 1349 C  C15 . CLA C 3 .   ? -22.55480 -7.23177  -17.09448 1.000 77.05000  ? 302 CLA Q C15 1 
HETATM 1350 C  C16 . CLA C 3 .   ? -22.24817 -6.76522  -18.50106 1.000 77.05000  ? 302 CLA Q C16 1 
HETATM 1351 C  C17 . CLA C 3 .   ? -22.55719 -5.29715  -18.69300 1.000 77.05000  ? 302 CLA Q C17 1 
HETATM 1352 C  C18 . CLA C 3 .   ? -22.46981 -4.90926  -20.15929 1.000 77.05000  ? 302 CLA Q C18 1 
HETATM 1353 C  C19 . CLA C 3 .   ? -21.27422 -5.57047  -20.80861 1.000 77.05000  ? 302 CLA Q C19 1 
HETATM 1354 C  C20 . CLA C 3 .   ? -22.38499 -3.40716  -20.31161 1.000 77.05000  ? 302 CLA Q C20 1 
HETATM 1355 MG MG  . CLA D 3 .   ? -18.63272 -5.50512  -5.77217  1.000 74.79000  ? 303 CLA Q MG  1 
HETATM 1356 C  CHA . CLA D 3 .   ? -18.19235 -5.80237  -9.18890  1.000 74.79000  ? 303 CLA Q CHA 1 
HETATM 1357 C  CHB . CLA D 3 .   ? -21.80222 -6.78882  -6.12308  1.000 74.79000  ? 303 CLA Q CHB 1 
HETATM 1358 C  CHC . CLA D 3 .   ? -18.78194 -6.04517  -2.38289  1.000 74.79000  ? 303 CLA Q CHC 1 
HETATM 1359 C  CHD . CLA D 3 .   ? -15.18330 -4.77763  -5.45143  1.000 74.79000  ? 303 CLA Q CHD 1 
HETATM 1360 N  NA  . CLA D 3 .   ? -19.79013 -6.15471  -7.39057  1.000 74.79000  ? 303 CLA Q NA  1 
HETATM 1361 C  C1A . CLA D 3 .   ? -19.42407 -6.18606  -8.74080  1.000 74.79000  ? 303 CLA Q C1A 1 
HETATM 1362 C  C2A . CLA D 3 .   ? -20.57693 -6.69523  -9.59764  1.000 74.79000  ? 303 CLA Q C2A 1 
HETATM 1363 C  C3A . CLA D 3 .   ? -21.77743 -6.62545  -8.63175  1.000 74.79000  ? 303 CLA Q C3A 1 
HETATM 1364 C  C4A . CLA D 3 .   ? -21.09166 -6.54600  -7.27292  1.000 74.79000  ? 303 CLA Q C4A 1 
HETATM 1365 C  CMA . CLA D 3 .   ? -22.63187 -5.41131  -8.87801  1.000 74.79000  ? 303 CLA Q CMA 1 
HETATM 1366 C  CAA . CLA D 3 .   ? -20.32644 -8.11893  -10.04458 1.000 74.79000  ? 303 CLA Q CAA 1 
HETATM 1367 C  CBA . CLA D 3 .   ? -20.73178 -8.30869  -11.49011 1.000 74.79000  ? 303 CLA Q CBA 1 
HETATM 1368 C  CGA . CLA D 3 .   ? -20.65332 -9.75934  -11.84300 1.000 74.79000  ? 303 CLA Q CGA 1 
HETATM 1369 O  O1A . CLA D 3 .   ? -21.35785 -10.68439 -11.43959 1.000 74.79000  ? 303 CLA Q O1A 1 
HETATM 1370 O  O2A . CLA D 3 .   ? -19.65534 -10.04157 -12.73138 1.000 74.79000  ? 303 CLA Q O2A 1 
HETATM 1371 N  NB  . CLA D 3 .   ? -20.04340 -6.19061  -4.50489  1.000 74.79000  ? 303 CLA Q NB  1 
HETATM 1372 C  C1B . CLA D 3 .   ? -21.24565 -6.72629  -4.84263  1.000 74.79000  ? 303 CLA Q C1B 1 
HETATM 1373 C  C2B . CLA D 3 .   ? -21.93629 -7.25652  -3.63820  1.000 74.79000  ? 303 CLA Q C2B 1 
HETATM 1374 C  C3B . CLA D 3 .   ? -21.09552 -7.04963  -2.57482  1.000 74.79000  ? 303 CLA Q C3B 1 
HETATM 1375 C  C4B . CLA D 3 .   ? -19.87972 -6.37254  -3.11135  1.000 74.79000  ? 303 CLA Q C4B 1 
HETATM 1376 C  CMB . CLA D 3 .   ? -23.24559 -7.89662  -3.68775  1.000 74.79000  ? 303 CLA Q CMB 1 
HETATM 1377 C  CAB . CLA D 3 .   ? -21.26331 -7.42030  -1.19353  1.000 74.79000  ? 303 CLA Q CAB 1 
HETATM 1378 C  CBB . CLA D 3 .   ? -21.21419 -6.59162  -0.14706  1.000 74.79000  ? 303 CLA Q CBB 1 
HETATM 1379 N  NC  . CLA D 3 .   ? -17.24908 -5.38062  -4.20995  1.000 74.79000  ? 303 CLA Q NC  1 
HETATM 1380 C  C1C . CLA D 3 .   ? -17.54429 -5.57786  -2.89312  1.000 74.79000  ? 303 CLA Q C1C 1 
HETATM 1381 C  C2C . CLA D 3 .   ? -16.37893 -5.31840  -2.06152  1.000 74.79000  ? 303 CLA Q C2C 1 
HETATM 1382 C  C3C . CLA D 3 .   ? -15.33165 -5.04523  -2.93887  1.000 74.79000  ? 303 CLA Q C3C 1 
HETATM 1383 C  C4C . CLA D 3 .   ? -15.89610 -5.05732  -4.28003  1.000 74.79000  ? 303 CLA Q C4C 1 
HETATM 1384 C  CMC . CLA D 3 .   ? -16.35107 -5.43407  -0.60295  1.000 74.79000  ? 303 CLA Q CMC 1 
HETATM 1385 C  CAC . CLA D 3 .   ? -13.94127 -4.72122  -2.59277  1.000 74.79000  ? 303 CLA Q CAC 1 
HETATM 1386 C  CBC . CLA D 3 .   ? -13.72046 -3.25153  -2.34078  1.000 74.79000  ? 303 CLA Q CBC 1 
HETATM 1387 N  ND  . CLA D 3 .   ? -17.00459 -5.39823  -6.96421  1.000 74.79000  ? 303 CLA Q ND  1 
HETATM 1388 C  C1D . CLA D 3 .   ? -15.68981 -4.93052  -6.71930  1.000 74.79000  ? 303 CLA Q C1D 1 
HETATM 1389 C  C2D . CLA D 3 .   ? -15.00553 -4.70097  -8.00368  1.000 74.79000  ? 303 CLA Q C2D 1 
HETATM 1390 C  C3D . CLA D 3 .   ? -15.90656 -5.05306  -8.98617  1.000 74.79000  ? 303 CLA Q C3D 1 
HETATM 1391 C  C4D . CLA D 3 .   ? -17.13733 -5.45886  -8.28699  1.000 74.79000  ? 303 CLA Q C4D 1 
HETATM 1392 C  CMD . CLA D 3 .   ? -13.63369 -4.23007  -8.12045  1.000 74.79000  ? 303 CLA Q CMD 1 
HETATM 1393 C  CAD . CLA D 3 .   ? -16.15118 -5.18635  -10.40783 1.000 74.79000  ? 303 CLA Q CAD 1 
HETATM 1394 O  OBD . CLA D 3 .   ? -15.39150 -5.02977  -11.35269 1.000 74.79000  ? 303 CLA Q OBD 1 
HETATM 1395 C  CBD . CLA D 3 .   ? -17.63704 -5.60239  -10.57833 1.000 74.79000  ? 303 CLA Q CBD 1 
HETATM 1396 C  CGD . CLA D 3 .   ? -18.36170 -4.50859  -11.30048 1.000 74.79000  ? 303 CLA Q CGD 1 
HETATM 1397 O  O1D . CLA D 3 .   ? -18.28533 -3.29858  -11.09112 1.000 74.79000  ? 303 CLA Q O1D 1 
HETATM 1398 O  O2D . CLA D 3 .   ? -19.18822 -4.92417  -12.29145 1.000 74.79000  ? 303 CLA Q O2D 1 
HETATM 1399 C  CED . CLA D 3 .   ? -20.25645 -4.04223  -12.62489 1.000 74.79000  ? 303 CLA Q CED 1 
HETATM 1400 O  O   . HOH E 4 .   ? -6.79679  -11.12838 -9.24432  1.000 68.29000  ? 401 HOH Q O   1 
# 
